data_5WBN
# 
_entry.id   5WBN 
# 
_audit_conform.dict_name       mmcif_pdbx.dic 
_audit_conform.dict_version    5.387 
_audit_conform.dict_location   http://mmcif.pdb.org/dictionaries/ascii/mmcif_pdbx.dic 
# 
loop_
_database_2.database_id 
_database_2.database_code 
_database_2.pdbx_database_accession 
_database_2.pdbx_DOI 
PDB   5WBN         pdb_00005wbn 10.2210/pdb5wbn/pdb 
WWPDB D_1000228744 ?            ?                   
# 
loop_
_pdbx_audit_revision_history.ordinal 
_pdbx_audit_revision_history.data_content_type 
_pdbx_audit_revision_history.major_revision 
_pdbx_audit_revision_history.minor_revision 
_pdbx_audit_revision_history.revision_date 
1 'Structure model' 1 0 2017-08-02 
2 'Structure model' 1 1 2024-03-13 
# 
_pdbx_audit_revision_details.ordinal             1 
_pdbx_audit_revision_details.revision_ordinal    1 
_pdbx_audit_revision_details.data_content_type   'Structure model' 
_pdbx_audit_revision_details.provider            repository 
_pdbx_audit_revision_details.type                'Initial release' 
_pdbx_audit_revision_details.description         ? 
_pdbx_audit_revision_details.details             ? 
# 
loop_
_pdbx_audit_revision_group.ordinal 
_pdbx_audit_revision_group.revision_ordinal 
_pdbx_audit_revision_group.data_content_type 
_pdbx_audit_revision_group.group 
1 2 'Structure model' 'Data collection'     
2 2 'Structure model' 'Database references' 
# 
loop_
_pdbx_audit_revision_category.ordinal 
_pdbx_audit_revision_category.revision_ordinal 
_pdbx_audit_revision_category.data_content_type 
_pdbx_audit_revision_category.category 
1 2 'Structure model' chem_comp_atom 
2 2 'Structure model' chem_comp_bond 
3 2 'Structure model' database_2     
# 
loop_
_pdbx_audit_revision_item.ordinal 
_pdbx_audit_revision_item.revision_ordinal 
_pdbx_audit_revision_item.data_content_type 
_pdbx_audit_revision_item.item 
1 2 'Structure model' '_database_2.pdbx_DOI'                
2 2 'Structure model' '_database_2.pdbx_database_accession' 
# 
_pdbx_database_status.status_code                     REL 
_pdbx_database_status.status_code_sf                  REL 
_pdbx_database_status.status_code_mr                  ? 
_pdbx_database_status.entry_id                        5WBN 
_pdbx_database_status.recvd_initial_deposition_date   2017-06-29 
_pdbx_database_status.SG_entry                        N 
_pdbx_database_status.deposit_site                    RCSB 
_pdbx_database_status.process_site                    RCSB 
_pdbx_database_status.status_code_cs                  ? 
_pdbx_database_status.methods_development_category    ? 
_pdbx_database_status.pdb_format_compatible           Y 
_pdbx_database_status.status_code_nmr_data            ? 
# 
loop_
_audit_author.name 
_audit_author.pdbx_ordinal 
_audit_author.identifier_ORCID 
'Harding, R.J.'           1 ? 
'Walker, J.R.'            2 ? 
'Ferreira de Freitas, R.' 3 ? 
'Ravichandran, M.'        4 ? 
'Santhakumar, V.'         5 ? 
'Schapira, M.'            6 ? 
'Bountra, C.'             7 ? 
'Edwards, A.M.'           8 ? 
'Arrowsmith, C.H.'        9 ? 
# 
_citation.abstract                  ? 
_citation.abstract_id_CAS           ? 
_citation.book_id_ISBN              ? 
_citation.book_publisher            ? 
_citation.book_publisher_city       ? 
_citation.book_title                ? 
_citation.coordinate_linkage        ? 
_citation.country                   ? 
_citation.database_id_Medline       ? 
_citation.details                   ? 
_citation.id                        primary 
_citation.journal_abbrev            'To be published' 
_citation.journal_id_ASTM           ? 
_citation.journal_id_CSD            0353 
_citation.journal_id_ISSN           ? 
_citation.journal_full              ? 
_citation.journal_issue             ? 
_citation.journal_volume            ? 
_citation.language                  ? 
_citation.page_first                ? 
_citation.page_last                 ? 
_citation.title                     
;Crystal structure of fragment 3-(3-Benzyl-2-oxo-2H-[1,2,4]triazino[2,3-c]quinazolin-6-yl)propanoic acid bound in the ubiquitin binding pocket of the HDAC6 zinc-finger domain
;
_citation.year                      ? 
_citation.database_id_CSD           ? 
_citation.pdbx_database_id_DOI      ? 
_citation.pdbx_database_id_PubMed   ? 
_citation.unpublished_flag          ? 
# 
loop_
_citation_author.citation_id 
_citation_author.name 
_citation_author.ordinal 
_citation_author.identifier_ORCID 
primary 'Harding, R.J.'           1 ? 
primary 'Walker, J.R.'            2 ? 
primary 'Ferreira de Freitas, R.' 3 ? 
primary 'Ravichandran, M.'        4 ? 
primary 'Santhakumar, V.'         5 ? 
primary 'Schapira, M.'            6 ? 
primary 'Bountra, C.'             7 ? 
primary 'Edwards, A.M.'           8 ? 
primary 'Arrowsmith, C.H.'        9 ? 
# 
loop_
_entity.id 
_entity.type 
_entity.src_method 
_entity.pdbx_description 
_entity.formula_weight 
_entity.pdbx_number_of_molecules 
_entity.pdbx_ec 
_entity.pdbx_mutation 
_entity.pdbx_fragment 
_entity.details 
1 polymer     man 'Histone deacetylase 6'                                                     11932.607 1   3.5.1.98 ? ? ? 
2 non-polymer syn 'ZINC ION'                                                                  65.409    3   ?        ? ? ? 
3 non-polymer syn '3-(3-benzyl-2-oxo-2H-[1,2,4]triazino[2,3-c]quinazolin-6-yl)propanoic acid' 360.366   1   ?        ? ? ? 
4 non-polymer syn 'UNKNOWN ATOM OR ION'                                                       435.516   8   ?        ? ? ? 
5 non-polymer syn 'FORMIC ACID'                                                               46.025    3   ?        ? ? ? 
6 non-polymer syn 'CHLORIDE ION'                                                              35.453    1   ?        ? ? ? 
7 non-polymer syn 'ACETATE ION'                                                               59.044    2   ?        ? ? ? 
8 water       nat water                                                                       18.015    148 ?        ? ? ? 
# 
_entity_name_com.entity_id   1 
_entity_name_com.name        HD6 
# 
_entity_poly.entity_id                      1 
_entity_poly.type                           'polypeptide(L)' 
_entity_poly.nstd_linkage                   no 
_entity_poly.nstd_monomer                   no 
_entity_poly.pdbx_seq_one_letter_code       
;GSPLPWCPHLVAVCPIPAAGLDVTQPCGDCGTIQENWVCLSCYQVYCGRYINGHMLQHHGNSGHPLVLSYIDLSAWCYYC
QAYVHHQALLDVKNIAHQNKFGEDMPH
;
_entity_poly.pdbx_seq_one_letter_code_can   
;GSPLPWCPHLVAVCPIPAAGLDVTQPCGDCGTIQENWVCLSCYQVYCGRYINGHMLQHHGNSGHPLVLSYIDLSAWCYYC
QAYVHHQALLDVKNIAHQNKFGEDMPH
;
_entity_poly.pdbx_strand_id                 A 
_entity_poly.pdbx_target_identifier         ? 
# 
loop_
_pdbx_entity_nonpoly.entity_id 
_pdbx_entity_nonpoly.name 
_pdbx_entity_nonpoly.comp_id 
2 'ZINC ION'                                                                  ZN  
3 '3-(3-benzyl-2-oxo-2H-[1,2,4]triazino[2,3-c]quinazolin-6-yl)propanoic acid' 9ZV 
4 'UNKNOWN ATOM OR ION'                                                       UNX 
5 'FORMIC ACID'                                                               FMT 
6 'CHLORIDE ION'                                                              CL  
7 'ACETATE ION'                                                               ACT 
8 water                                                                       HOH 
# 
loop_
_entity_poly_seq.entity_id 
_entity_poly_seq.num 
_entity_poly_seq.mon_id 
_entity_poly_seq.hetero 
1 1   GLY n 
1 2   SER n 
1 3   PRO n 
1 4   LEU n 
1 5   PRO n 
1 6   TRP n 
1 7   CYS n 
1 8   PRO n 
1 9   HIS n 
1 10  LEU n 
1 11  VAL n 
1 12  ALA n 
1 13  VAL n 
1 14  CYS n 
1 15  PRO n 
1 16  ILE n 
1 17  PRO n 
1 18  ALA n 
1 19  ALA n 
1 20  GLY n 
1 21  LEU n 
1 22  ASP n 
1 23  VAL n 
1 24  THR n 
1 25  GLN n 
1 26  PRO n 
1 27  CYS n 
1 28  GLY n 
1 29  ASP n 
1 30  CYS n 
1 31  GLY n 
1 32  THR n 
1 33  ILE n 
1 34  GLN n 
1 35  GLU n 
1 36  ASN n 
1 37  TRP n 
1 38  VAL n 
1 39  CYS n 
1 40  LEU n 
1 41  SER n 
1 42  CYS n 
1 43  TYR n 
1 44  GLN n 
1 45  VAL n 
1 46  TYR n 
1 47  CYS n 
1 48  GLY n 
1 49  ARG n 
1 50  TYR n 
1 51  ILE n 
1 52  ASN n 
1 53  GLY n 
1 54  HIS n 
1 55  MET n 
1 56  LEU n 
1 57  GLN n 
1 58  HIS n 
1 59  HIS n 
1 60  GLY n 
1 61  ASN n 
1 62  SER n 
1 63  GLY n 
1 64  HIS n 
1 65  PRO n 
1 66  LEU n 
1 67  VAL n 
1 68  LEU n 
1 69  SER n 
1 70  TYR n 
1 71  ILE n 
1 72  ASP n 
1 73  LEU n 
1 74  SER n 
1 75  ALA n 
1 76  TRP n 
1 77  CYS n 
1 78  TYR n 
1 79  TYR n 
1 80  CYS n 
1 81  GLN n 
1 82  ALA n 
1 83  TYR n 
1 84  VAL n 
1 85  HIS n 
1 86  HIS n 
1 87  GLN n 
1 88  ALA n 
1 89  LEU n 
1 90  LEU n 
1 91  ASP n 
1 92  VAL n 
1 93  LYS n 
1 94  ASN n 
1 95  ILE n 
1 96  ALA n 
1 97  HIS n 
1 98  GLN n 
1 99  ASN n 
1 100 LYS n 
1 101 PHE n 
1 102 GLY n 
1 103 GLU n 
1 104 ASP n 
1 105 MET n 
1 106 PRO n 
1 107 HIS n 
# 
_entity_src_gen.entity_id                          1 
_entity_src_gen.pdbx_src_id                        1 
_entity_src_gen.pdbx_alt_source_flag               sample 
_entity_src_gen.pdbx_seq_type                      'Biological sequence' 
_entity_src_gen.pdbx_beg_seq_num                   1 
_entity_src_gen.pdbx_end_seq_num                   107 
_entity_src_gen.gene_src_common_name               Human 
_entity_src_gen.gene_src_genus                     ? 
_entity_src_gen.pdbx_gene_src_gene                 'HDAC6, KIAA0901, JM21' 
_entity_src_gen.gene_src_species                   ? 
_entity_src_gen.gene_src_strain                    ? 
_entity_src_gen.gene_src_tissue                    ? 
_entity_src_gen.gene_src_tissue_fraction           ? 
_entity_src_gen.gene_src_details                   ? 
_entity_src_gen.pdbx_gene_src_fragment             ? 
_entity_src_gen.pdbx_gene_src_scientific_name      'Homo sapiens' 
_entity_src_gen.pdbx_gene_src_ncbi_taxonomy_id     9606 
_entity_src_gen.pdbx_gene_src_variant              ? 
_entity_src_gen.pdbx_gene_src_cell_line            ? 
_entity_src_gen.pdbx_gene_src_atcc                 ? 
_entity_src_gen.pdbx_gene_src_organ                ? 
_entity_src_gen.pdbx_gene_src_organelle            ? 
_entity_src_gen.pdbx_gene_src_cell                 ? 
_entity_src_gen.pdbx_gene_src_cellular_location    ? 
_entity_src_gen.host_org_common_name               ? 
_entity_src_gen.pdbx_host_org_scientific_name      'Escherichia coli' 
_entity_src_gen.pdbx_host_org_ncbi_taxonomy_id     562 
_entity_src_gen.host_org_genus                     ? 
_entity_src_gen.pdbx_host_org_gene                 ? 
_entity_src_gen.pdbx_host_org_organ                ? 
_entity_src_gen.host_org_species                   ? 
_entity_src_gen.pdbx_host_org_tissue               ? 
_entity_src_gen.pdbx_host_org_tissue_fraction      ? 
_entity_src_gen.pdbx_host_org_strain               'BL21-CodonPlus(DE3)-RIL' 
_entity_src_gen.pdbx_host_org_variant              ? 
_entity_src_gen.pdbx_host_org_cell_line            ? 
_entity_src_gen.pdbx_host_org_atcc                 ? 
_entity_src_gen.pdbx_host_org_culture_collection   ? 
_entity_src_gen.pdbx_host_org_cell                 ? 
_entity_src_gen.pdbx_host_org_organelle            ? 
_entity_src_gen.pdbx_host_org_cellular_location    ? 
_entity_src_gen.pdbx_host_org_vector_type          plasmid 
_entity_src_gen.pdbx_host_org_vector               ? 
_entity_src_gen.host_org_details                   ? 
_entity_src_gen.expression_system_id               ? 
_entity_src_gen.plasmid_name                       PET28-LIC 
_entity_src_gen.plasmid_details                    ? 
_entity_src_gen.pdbx_description                   ? 
# 
loop_
_chem_comp.id 
_chem_comp.type 
_chem_comp.mon_nstd_flag 
_chem_comp.name 
_chem_comp.pdbx_synonyms 
_chem_comp.formula 
_chem_comp.formula_weight 
9ZV non-polymer         . '3-(3-benzyl-2-oxo-2H-[1,2,4]triazino[2,3-c]quinazolin-6-yl)propanoic acid' ? 'C20 H16 N4 O3'  360.366 
ACT non-polymer         . 'ACETATE ION'                                                               ? 'C2 H3 O2 -1'    59.044  
ALA 'L-peptide linking' y ALANINE                                                                     ? 'C3 H7 N O2'     89.093  
ARG 'L-peptide linking' y ARGININE                                                                    ? 'C6 H15 N4 O2 1' 175.209 
ASN 'L-peptide linking' y ASPARAGINE                                                                  ? 'C4 H8 N2 O3'    132.118 
ASP 'L-peptide linking' y 'ASPARTIC ACID'                                                             ? 'C4 H7 N O4'     133.103 
CL  non-polymer         . 'CHLORIDE ION'                                                              ? 'Cl -1'          35.453  
CYS 'L-peptide linking' y CYSTEINE                                                                    ? 'C3 H7 N O2 S'   121.158 
FMT non-polymer         . 'FORMIC ACID'                                                               ? 'C H2 O2'        46.025  
GLN 'L-peptide linking' y GLUTAMINE                                                                   ? 'C5 H10 N2 O3'   146.144 
GLU 'L-peptide linking' y 'GLUTAMIC ACID'                                                             ? 'C5 H9 N O4'     147.129 
GLY 'peptide linking'   y GLYCINE                                                                     ? 'C2 H5 N O2'     75.067  
HIS 'L-peptide linking' y HISTIDINE                                                                   ? 'C6 H10 N3 O2 1' 156.162 
HOH non-polymer         . WATER                                                                       ? 'H2 O'           18.015  
ILE 'L-peptide linking' y ISOLEUCINE                                                                  ? 'C6 H13 N O2'    131.173 
LEU 'L-peptide linking' y LEUCINE                                                                     ? 'C6 H13 N O2'    131.173 
LYS 'L-peptide linking' y LYSINE                                                                      ? 'C6 H15 N2 O2 1' 147.195 
MET 'L-peptide linking' y METHIONINE                                                                  ? 'C5 H11 N O2 S'  149.211 
PHE 'L-peptide linking' y PHENYLALANINE                                                               ? 'C9 H11 N O2'    165.189 
PRO 'L-peptide linking' y PROLINE                                                                     ? 'C5 H9 N O2'     115.130 
SER 'L-peptide linking' y SERINE                                                                      ? 'C3 H7 N O3'     105.093 
THR 'L-peptide linking' y THREONINE                                                                   ? 'C4 H9 N O3'     119.119 
TRP 'L-peptide linking' y TRYPTOPHAN                                                                  ? 'C11 H12 N2 O2'  204.225 
TYR 'L-peptide linking' y TYROSINE                                                                    ? 'C9 H11 N O3'    181.189 
UNX non-polymer         . 'UNKNOWN ATOM OR ION'                                                       ? ?                ?       
VAL 'L-peptide linking' y VALINE                                                                      ? 'C5 H11 N O2'    117.146 
ZN  non-polymer         . 'ZINC ION'                                                                  ? 'Zn 2'           65.409  
# 
loop_
_pdbx_poly_seq_scheme.asym_id 
_pdbx_poly_seq_scheme.entity_id 
_pdbx_poly_seq_scheme.seq_id 
_pdbx_poly_seq_scheme.mon_id 
_pdbx_poly_seq_scheme.ndb_seq_num 
_pdbx_poly_seq_scheme.pdb_seq_num 
_pdbx_poly_seq_scheme.auth_seq_num 
_pdbx_poly_seq_scheme.pdb_mon_id 
_pdbx_poly_seq_scheme.auth_mon_id 
_pdbx_poly_seq_scheme.pdb_strand_id 
_pdbx_poly_seq_scheme.pdb_ins_code 
_pdbx_poly_seq_scheme.hetero 
A 1 1   GLY 1   1107 1107 GLY GLY A . n 
A 1 2   SER 2   1108 1108 SER SER A . n 
A 1 3   PRO 3   1109 1109 PRO PRO A . n 
A 1 4   LEU 4   1110 1110 LEU LEU A . n 
A 1 5   PRO 5   1111 1111 PRO PRO A . n 
A 1 6   TRP 6   1112 1112 TRP TRP A . n 
A 1 7   CYS 7   1113 1113 CYS CYS A . n 
A 1 8   PRO 8   1114 1114 PRO PRO A . n 
A 1 9   HIS 9   1115 1115 HIS HIS A . n 
A 1 10  LEU 10  1116 1116 LEU LEU A . n 
A 1 11  VAL 11  1117 1117 VAL VAL A . n 
A 1 12  ALA 12  1118 1118 ALA ALA A . n 
A 1 13  VAL 13  1119 1119 VAL VAL A . n 
A 1 14  CYS 14  1120 1120 CYS CYS A . n 
A 1 15  PRO 15  1121 1121 PRO PRO A . n 
A 1 16  ILE 16  1122 1122 ILE ILE A . n 
A 1 17  PRO 17  1123 1123 PRO PRO A . n 
A 1 18  ALA 18  1124 1124 ALA ALA A . n 
A 1 19  ALA 19  1125 1125 ALA ALA A . n 
A 1 20  GLY 20  1126 1126 GLY GLY A . n 
A 1 21  LEU 21  1127 1127 LEU LEU A . n 
A 1 22  ASP 22  1128 1128 ASP ASP A . n 
A 1 23  VAL 23  1129 1129 VAL VAL A . n 
A 1 24  THR 24  1130 1130 THR THR A . n 
A 1 25  GLN 25  1131 1131 GLN GLN A . n 
A 1 26  PRO 26  1132 1132 PRO PRO A . n 
A 1 27  CYS 27  1133 1133 CYS CYS A . n 
A 1 28  GLY 28  1134 1134 GLY GLY A . n 
A 1 29  ASP 29  1135 1135 ASP ASP A . n 
A 1 30  CYS 30  1136 1136 CYS CYS A . n 
A 1 31  GLY 31  1137 1137 GLY GLY A . n 
A 1 32  THR 32  1138 1138 THR THR A . n 
A 1 33  ILE 33  1139 1139 ILE ILE A . n 
A 1 34  GLN 34  1140 1140 GLN GLN A . n 
A 1 35  GLU 35  1141 1141 GLU GLU A . n 
A 1 36  ASN 36  1142 1142 ASN ASN A . n 
A 1 37  TRP 37  1143 1143 TRP TRP A . n 
A 1 38  VAL 38  1144 1144 VAL VAL A . n 
A 1 39  CYS 39  1145 1145 CYS CYS A . n 
A 1 40  LEU 40  1146 1146 LEU LEU A . n 
A 1 41  SER 41  1147 1147 SER SER A . n 
A 1 42  CYS 42  1148 1148 CYS CYS A . n 
A 1 43  TYR 43  1149 1149 TYR TYR A . n 
A 1 44  GLN 44  1150 1150 GLN GLN A . n 
A 1 45  VAL 45  1151 1151 VAL VAL A . n 
A 1 46  TYR 46  1152 1152 TYR TYR A . n 
A 1 47  CYS 47  1153 1153 CYS CYS A . n 
A 1 48  GLY 48  1154 1154 GLY GLY A . n 
A 1 49  ARG 49  1155 1155 ARG ARG A . n 
A 1 50  TYR 50  1156 1156 TYR TYR A . n 
A 1 51  ILE 51  1157 1157 ILE ILE A . n 
A 1 52  ASN 52  1158 1158 ASN ASN A . n 
A 1 53  GLY 53  1159 1159 GLY GLY A . n 
A 1 54  HIS 54  1160 1160 HIS HIS A . n 
A 1 55  MET 55  1161 1161 MET MET A . n 
A 1 56  LEU 56  1162 1162 LEU LEU A . n 
A 1 57  GLN 57  1163 1163 GLN GLN A . n 
A 1 58  HIS 58  1164 1164 HIS HIS A . n 
A 1 59  HIS 59  1165 1165 HIS HIS A . n 
A 1 60  GLY 60  1166 1166 GLY GLY A . n 
A 1 61  ASN 61  1167 1167 ASN ASN A . n 
A 1 62  SER 62  1168 1168 SER SER A . n 
A 1 63  GLY 63  1169 1169 GLY GLY A . n 
A 1 64  HIS 64  1170 1170 HIS HIS A . n 
A 1 65  PRO 65  1171 1171 PRO PRO A . n 
A 1 66  LEU 66  1172 1172 LEU LEU A . n 
A 1 67  VAL 67  1173 1173 VAL VAL A . n 
A 1 68  LEU 68  1174 1174 LEU LEU A . n 
A 1 69  SER 69  1175 1175 SER SER A . n 
A 1 70  TYR 70  1176 1176 TYR TYR A . n 
A 1 71  ILE 71  1177 1177 ILE ILE A . n 
A 1 72  ASP 72  1178 1178 ASP ASP A . n 
A 1 73  LEU 73  1179 1179 LEU LEU A . n 
A 1 74  SER 74  1180 1180 SER SER A . n 
A 1 75  ALA 75  1181 1181 ALA ALA A . n 
A 1 76  TRP 76  1182 1182 TRP TRP A . n 
A 1 77  CYS 77  1183 1183 CYS CYS A . n 
A 1 78  TYR 78  1184 1184 TYR TYR A . n 
A 1 79  TYR 79  1185 1185 TYR TYR A . n 
A 1 80  CYS 80  1186 1186 CYS CYS A . n 
A 1 81  GLN 81  1187 1187 GLN GLN A . n 
A 1 82  ALA 82  1188 1188 ALA ALA A . n 
A 1 83  TYR 83  1189 1189 TYR TYR A . n 
A 1 84  VAL 84  1190 1190 VAL VAL A . n 
A 1 85  HIS 85  1191 1191 HIS HIS A . n 
A 1 86  HIS 86  1192 1192 HIS HIS A . n 
A 1 87  GLN 87  1193 1193 GLN GLN A . n 
A 1 88  ALA 88  1194 1194 ALA ALA A . n 
A 1 89  LEU 89  1195 1195 LEU LEU A . n 
A 1 90  LEU 90  1196 1196 LEU LEU A . n 
A 1 91  ASP 91  1197 1197 ASP ASP A . n 
A 1 92  VAL 92  1198 1198 VAL VAL A . n 
A 1 93  LYS 93  1199 1199 LYS LYS A . n 
A 1 94  ASN 94  1200 1200 ASN ASN A . n 
A 1 95  ILE 95  1201 1201 ILE ILE A . n 
A 1 96  ALA 96  1202 1202 ALA ALA A . n 
A 1 97  HIS 97  1203 1203 HIS HIS A . n 
A 1 98  GLN 98  1204 1204 GLN GLN A . n 
A 1 99  ASN 99  1205 1205 ASN ASN A . n 
A 1 100 LYS 100 1206 1206 LYS LYS A . n 
A 1 101 PHE 101 1207 1207 PHE PHE A . n 
A 1 102 GLY 102 1208 1208 GLY GLY A . n 
A 1 103 GLU 103 1209 1209 GLU GLU A . n 
A 1 104 ASP 104 1210 ?    ?   ?   A . n 
A 1 105 MET 105 1211 ?    ?   ?   A . n 
A 1 106 PRO 106 1212 ?    ?   ?   A . n 
A 1 107 HIS 107 1213 ?    ?   ?   A . n 
# 
loop_
_pdbx_nonpoly_scheme.asym_id 
_pdbx_nonpoly_scheme.entity_id 
_pdbx_nonpoly_scheme.mon_id 
_pdbx_nonpoly_scheme.ndb_seq_num 
_pdbx_nonpoly_scheme.pdb_seq_num 
_pdbx_nonpoly_scheme.auth_seq_num 
_pdbx_nonpoly_scheme.pdb_mon_id 
_pdbx_nonpoly_scheme.auth_mon_id 
_pdbx_nonpoly_scheme.pdb_strand_id 
_pdbx_nonpoly_scheme.pdb_ins_code 
B 2 ZN  1   1301 1301 ZN  ZN  A . 
C 2 ZN  1   1302 1302 ZN  ZN  A . 
D 2 ZN  1   1303 1303 ZN  ZN  A . 
E 3 9ZV 1   1304 1    9ZV 111 A . 
F 4 UNX 1   1305 1    UNX UNX A . 
G 4 UNX 1   1306 3    UNX UNX A . 
H 4 UNX 1   1307 4    UNX UNX A . 
I 4 UNX 1   1308 5    UNX UNX A . 
J 4 UNX 1   1309 6    UNX UNX A . 
K 4 UNX 1   1310 7    UNX UNX A . 
L 4 UNX 1   1311 8    UNX UNX A . 
M 4 UNX 1   1312 9    UNX UNX A . 
N 5 FMT 1   1313 2    FMT FMT A . 
O 5 FMT 1   1314 3    FMT FMT A . 
P 5 FMT 1   1315 4    FMT FMT A . 
Q 6 CL  1   1316 1    CL  CL  A . 
R 7 ACT 1   1317 1    ACT ACT A . 
S 7 ACT 1   1318 2    ACT ACT A . 
T 8 HOH 1   1401 117  HOH HOH A . 
T 8 HOH 2   1402 149  HOH HOH A . 
T 8 HOH 3   1403 136  HOH HOH A . 
T 8 HOH 4   1404 168  HOH HOH A . 
T 8 HOH 5   1405 103  HOH HOH A . 
T 8 HOH 6   1406 112  HOH HOH A . 
T 8 HOH 7   1407 82   HOH HOH A . 
T 8 HOH 8   1408 141  HOH HOH A . 
T 8 HOH 9   1409 160  HOH HOH A . 
T 8 HOH 10  1410 1402 HOH HOH A . 
T 8 HOH 11  1411 163  HOH HOH A . 
T 8 HOH 12  1412 106  HOH HOH A . 
T 8 HOH 13  1413 140  HOH HOH A . 
T 8 HOH 14  1414 138  HOH HOH A . 
T 8 HOH 15  1415 159  HOH HOH A . 
T 8 HOH 16  1416 107  HOH HOH A . 
T 8 HOH 17  1417 96   HOH HOH A . 
T 8 HOH 18  1418 125  HOH HOH A . 
T 8 HOH 19  1419 1    HOH HOH A . 
T 8 HOH 20  1420 150  HOH HOH A . 
T 8 HOH 21  1421 43   HOH HOH A . 
T 8 HOH 22  1422 165  HOH HOH A . 
T 8 HOH 23  1423 66   HOH HOH A . 
T 8 HOH 24  1424 1412 HOH HOH A . 
T 8 HOH 25  1425 71   HOH HOH A . 
T 8 HOH 26  1426 1418 HOH HOH A . 
T 8 HOH 27  1427 1409 HOH HOH A . 
T 8 HOH 28  1428 142  HOH HOH A . 
T 8 HOH 29  1429 53   HOH HOH A . 
T 8 HOH 30  1430 1413 HOH HOH A . 
T 8 HOH 31  1431 156  HOH HOH A . 
T 8 HOH 32  1432 1432 HOH HOH A . 
T 8 HOH 33  1433 75   HOH HOH A . 
T 8 HOH 34  1434 68   HOH HOH A . 
T 8 HOH 35  1435 118  HOH HOH A . 
T 8 HOH 36  1436 1441 HOH HOH A . 
T 8 HOH 37  1437 1406 HOH HOH A . 
T 8 HOH 38  1438 50   HOH HOH A . 
T 8 HOH 39  1439 46   HOH HOH A . 
T 8 HOH 40  1440 121  HOH HOH A . 
T 8 HOH 41  1441 137  HOH HOH A . 
T 8 HOH 42  1442 119  HOH HOH A . 
T 8 HOH 43  1443 131  HOH HOH A . 
T 8 HOH 44  1444 72   HOH HOH A . 
T 8 HOH 45  1445 38   HOH HOH A . 
T 8 HOH 46  1446 157  HOH HOH A . 
T 8 HOH 47  1447 1427 HOH HOH A . 
T 8 HOH 48  1448 1434 HOH HOH A . 
T 8 HOH 49  1449 62   HOH HOH A . 
T 8 HOH 50  1450 108  HOH HOH A . 
T 8 HOH 51  1451 65   HOH HOH A . 
T 8 HOH 52  1452 1437 HOH HOH A . 
T 8 HOH 53  1453 1443 HOH HOH A . 
T 8 HOH 54  1454 1410 HOH HOH A . 
T 8 HOH 55  1455 1444 HOH HOH A . 
T 8 HOH 56  1456 1439 HOH HOH A . 
T 8 HOH 57  1457 1416 HOH HOH A . 
T 8 HOH 58  1458 63   HOH HOH A . 
T 8 HOH 59  1459 1421 HOH HOH A . 
T 8 HOH 60  1460 61   HOH HOH A . 
T 8 HOH 61  1461 89   HOH HOH A . 
T 8 HOH 62  1462 94   HOH HOH A . 
T 8 HOH 63  1463 49   HOH HOH A . 
T 8 HOH 64  1464 1420 HOH HOH A . 
T 8 HOH 65  1465 101  HOH HOH A . 
T 8 HOH 66  1466 1419 HOH HOH A . 
T 8 HOH 67  1467 69   HOH HOH A . 
T 8 HOH 68  1468 145  HOH HOH A . 
T 8 HOH 69  1469 57   HOH HOH A . 
T 8 HOH 70  1470 1425 HOH HOH A . 
T 8 HOH 71  1471 1428 HOH HOH A . 
T 8 HOH 72  1472 60   HOH HOH A . 
T 8 HOH 73  1473 100  HOH HOH A . 
T 8 HOH 74  1474 1458 HOH HOH A . 
T 8 HOH 75  1475 166  HOH HOH A . 
T 8 HOH 76  1476 76   HOH HOH A . 
T 8 HOH 77  1477 84   HOH HOH A . 
T 8 HOH 78  1478 1447 HOH HOH A . 
T 8 HOH 79  1479 105  HOH HOH A . 
T 8 HOH 80  1480 130  HOH HOH A . 
T 8 HOH 81  1481 1440 HOH HOH A . 
T 8 HOH 82  1482 99   HOH HOH A . 
T 8 HOH 83  1483 95   HOH HOH A . 
T 8 HOH 84  1484 1429 HOH HOH A . 
T 8 HOH 85  1485 122  HOH HOH A . 
T 8 HOH 86  1486 44   HOH HOH A . 
T 8 HOH 87  1487 1424 HOH HOH A . 
T 8 HOH 88  1488 114  HOH HOH A . 
T 8 HOH 89  1489 54   HOH HOH A . 
T 8 HOH 90  1490 158  HOH HOH A . 
T 8 HOH 91  1491 73   HOH HOH A . 
T 8 HOH 92  1492 1411 HOH HOH A . 
T 8 HOH 93  1493 79   HOH HOH A . 
T 8 HOH 94  1494 1461 HOH HOH A . 
T 8 HOH 95  1495 146  HOH HOH A . 
T 8 HOH 96  1496 135  HOH HOH A . 
T 8 HOH 97  1497 67   HOH HOH A . 
T 8 HOH 98  1498 78   HOH HOH A . 
T 8 HOH 99  1499 17   HOH HOH A . 
T 8 HOH 100 1500 41   HOH HOH A . 
T 8 HOH 101 1501 85   HOH HOH A . 
T 8 HOH 102 1502 70   HOH HOH A . 
T 8 HOH 103 1503 152  HOH HOH A . 
T 8 HOH 104 1504 1460 HOH HOH A . 
T 8 HOH 105 1505 139  HOH HOH A . 
T 8 HOH 106 1506 110  HOH HOH A . 
T 8 HOH 107 1507 154  HOH HOH A . 
T 8 HOH 108 1508 81   HOH HOH A . 
T 8 HOH 109 1509 16   HOH HOH A . 
T 8 HOH 110 1510 83   HOH HOH A . 
T 8 HOH 111 1511 102  HOH HOH A . 
T 8 HOH 112 1512 153  HOH HOH A . 
T 8 HOH 113 1513 74   HOH HOH A . 
T 8 HOH 114 1514 164  HOH HOH A . 
T 8 HOH 115 1515 144  HOH HOH A . 
T 8 HOH 116 1516 124  HOH HOH A . 
T 8 HOH 117 1517 134  HOH HOH A . 
T 8 HOH 118 1518 90   HOH HOH A . 
T 8 HOH 119 1519 87   HOH HOH A . 
T 8 HOH 120 1520 88   HOH HOH A . 
T 8 HOH 121 1521 80   HOH HOH A . 
T 8 HOH 122 1522 111  HOH HOH A . 
T 8 HOH 123 1523 120  HOH HOH A . 
T 8 HOH 124 1524 167  HOH HOH A . 
T 8 HOH 125 1525 161  HOH HOH A . 
T 8 HOH 126 1526 97   HOH HOH A . 
T 8 HOH 127 1527 132  HOH HOH A . 
T 8 HOH 128 1528 127  HOH HOH A . 
T 8 HOH 129 1529 91   HOH HOH A . 
T 8 HOH 130 1530 113  HOH HOH A . 
T 8 HOH 131 1531 1478 HOH HOH A . 
T 8 HOH 132 1532 64   HOH HOH A . 
T 8 HOH 133 1533 116  HOH HOH A . 
T 8 HOH 134 1534 92   HOH HOH A . 
T 8 HOH 135 1535 109  HOH HOH A . 
T 8 HOH 136 1536 129  HOH HOH A . 
T 8 HOH 137 1537 98   HOH HOH A . 
T 8 HOH 138 1538 155  HOH HOH A . 
T 8 HOH 139 1539 115  HOH HOH A . 
T 8 HOH 140 1540 151  HOH HOH A . 
T 8 HOH 141 1541 147  HOH HOH A . 
T 8 HOH 142 1542 86   HOH HOH A . 
T 8 HOH 143 1543 126  HOH HOH A . 
T 8 HOH 144 1544 77   HOH HOH A . 
T 8 HOH 145 1545 133  HOH HOH A . 
T 8 HOH 146 1546 162  HOH HOH A . 
T 8 HOH 147 1547 143  HOH HOH A . 
T 8 HOH 148 1548 104  HOH HOH A . 
# 
loop_
_software.citation_id 
_software.classification 
_software.compiler_name 
_software.compiler_version 
_software.contact_author 
_software.contact_author_email 
_software.date 
_software.description 
_software.dependencies 
_software.hardware 
_software.language 
_software.location 
_software.mods 
_software.name 
_software.os 
_software.os_version 
_software.type 
_software.version 
_software.pdbx_ordinal 
? refinement        ? ? ? ? ? ? ? ? ? ? ? REFMAC      ? ? ? 5.8.0158 1 
? 'data scaling'    ? ? ? ? ? ? ? ? ? ? ? Aimless     ? ? ? 0.5.31   2 
? 'data extraction' ? ? ? ? ? ? ? ? ? ? ? PDB_EXTRACT ? ? ? 3.22     3 
? 'data reduction'  ? ? ? ? ? ? ? ? ? ? ? XDS         ? ? ? .        4 
# 
_cell.angle_alpha                  90.000 
_cell.angle_alpha_esd              ? 
_cell.angle_beta                   90.000 
_cell.angle_beta_esd               ? 
_cell.angle_gamma                  90.000 
_cell.angle_gamma_esd              ? 
_cell.entry_id                     5WBN 
_cell.details                      ? 
_cell.formula_units_Z              ? 
_cell.length_a                     40.850 
_cell.length_a_esd                 ? 
_cell.length_b                     43.740 
_cell.length_b_esd                 ? 
_cell.length_c                     55.760 
_cell.length_c_esd                 ? 
_cell.volume                       ? 
_cell.volume_esd                   ? 
_cell.Z_PDB                        4 
_cell.reciprocal_angle_alpha       ? 
_cell.reciprocal_angle_beta        ? 
_cell.reciprocal_angle_gamma       ? 
_cell.reciprocal_angle_alpha_esd   ? 
_cell.reciprocal_angle_beta_esd    ? 
_cell.reciprocal_angle_gamma_esd   ? 
_cell.reciprocal_length_a          ? 
_cell.reciprocal_length_b          ? 
_cell.reciprocal_length_c          ? 
_cell.reciprocal_length_a_esd      ? 
_cell.reciprocal_length_b_esd      ? 
_cell.reciprocal_length_c_esd      ? 
_cell.pdbx_unique_axis             ? 
# 
_symmetry.entry_id                         5WBN 
_symmetry.cell_setting                     ? 
_symmetry.Int_Tables_number                19 
_symmetry.space_group_name_Hall            ? 
_symmetry.space_group_name_H-M             'P 21 21 21' 
_symmetry.pdbx_full_space_group_name_H-M   ? 
# 
_exptl.absorpt_coefficient_mu     ? 
_exptl.absorpt_correction_T_max   ? 
_exptl.absorpt_correction_T_min   ? 
_exptl.absorpt_correction_type    ? 
_exptl.absorpt_process_details    ? 
_exptl.entry_id                   5WBN 
_exptl.crystals_number            1 
_exptl.details                    ? 
_exptl.method                     'X-RAY DIFFRACTION' 
_exptl.method_details             ? 
# 
_exptl_crystal.colour                      ? 
_exptl_crystal.density_diffrn              ? 
_exptl_crystal.density_Matthews            2.09 
_exptl_crystal.density_method              ? 
_exptl_crystal.density_percent_sol         41.07 
_exptl_crystal.description                 ? 
_exptl_crystal.F_000                       ? 
_exptl_crystal.id                          1 
_exptl_crystal.preparation                 ? 
_exptl_crystal.size_max                    ? 
_exptl_crystal.size_mid                    ? 
_exptl_crystal.size_min                    ? 
_exptl_crystal.size_rad                    ? 
_exptl_crystal.colour_lustre               ? 
_exptl_crystal.colour_modifier             ? 
_exptl_crystal.colour_primary              ? 
_exptl_crystal.density_meas                ? 
_exptl_crystal.density_meas_esd            ? 
_exptl_crystal.density_meas_gt             ? 
_exptl_crystal.density_meas_lt             ? 
_exptl_crystal.density_meas_temp           ? 
_exptl_crystal.density_meas_temp_esd       ? 
_exptl_crystal.density_meas_temp_gt        ? 
_exptl_crystal.density_meas_temp_lt        ? 
_exptl_crystal.pdbx_crystal_image_url      ? 
_exptl_crystal.pdbx_crystal_image_format   ? 
_exptl_crystal.pdbx_mosaicity              0.000 
_exptl_crystal.pdbx_mosaicity_esd          ? 
# 
_exptl_crystal_grow.apparatus       ? 
_exptl_crystal_grow.atmosphere      ? 
_exptl_crystal_grow.crystal_id      1 
_exptl_crystal_grow.details         ? 
_exptl_crystal_grow.method          'VAPOR DIFFUSION, SITTING DROP' 
_exptl_crystal_grow.method_ref      ? 
_exptl_crystal_grow.pH              4.6 
_exptl_crystal_grow.pressure        ? 
_exptl_crystal_grow.pressure_esd    ? 
_exptl_crystal_grow.seeding         ? 
_exptl_crystal_grow.seeding_ref     ? 
_exptl_crystal_grow.temp            291 
_exptl_crystal_grow.temp_details    ? 
_exptl_crystal_grow.temp_esd        ? 
_exptl_crystal_grow.time            ? 
_exptl_crystal_grow.pdbx_details    '2M Na-formate, 0.2M Na-acetate pH4.6, 5% ethylene glycol' 
_exptl_crystal_grow.pdbx_pH_range   ? 
# 
_diffrn.ambient_environment    ? 
_diffrn.ambient_temp           100 
_diffrn.ambient_temp_details   ? 
_diffrn.ambient_temp_esd       ? 
_diffrn.crystal_id             1 
_diffrn.crystal_support        ? 
_diffrn.crystal_treatment      ? 
_diffrn.details                ? 
_diffrn.id                     1 
_diffrn.ambient_pressure       ? 
_diffrn.ambient_pressure_esd   ? 
_diffrn.ambient_pressure_gt    ? 
_diffrn.ambient_pressure_lt    ? 
_diffrn.ambient_temp_gt        ? 
_diffrn.ambient_temp_lt        ? 
# 
_diffrn_detector.details                      A200 
_diffrn_detector.detector                     CCD 
_diffrn_detector.diffrn_id                    1 
_diffrn_detector.type                         'RIGAKU SATURN A200' 
_diffrn_detector.area_resol_mean              ? 
_diffrn_detector.dtime                        ? 
_diffrn_detector.pdbx_frames_total            ? 
_diffrn_detector.pdbx_collection_time_total   ? 
_diffrn_detector.pdbx_collection_date         2015-12-17 
# 
_diffrn_radiation.collimation                      ? 
_diffrn_radiation.diffrn_id                        1 
_diffrn_radiation.filter_edge                      ? 
_diffrn_radiation.inhomogeneity                    ? 
_diffrn_radiation.monochromator                    ? 
_diffrn_radiation.polarisn_norm                    ? 
_diffrn_radiation.polarisn_ratio                   ? 
_diffrn_radiation.probe                            ? 
_diffrn_radiation.type                             ? 
_diffrn_radiation.xray_symbol                      ? 
_diffrn_radiation.wavelength_id                    1 
_diffrn_radiation.pdbx_monochromatic_or_laue_m_l   M 
_diffrn_radiation.pdbx_wavelength_list             ? 
_diffrn_radiation.pdbx_wavelength                  ? 
_diffrn_radiation.pdbx_diffrn_protocol             'SINGLE WAVELENGTH' 
_diffrn_radiation.pdbx_analyzer                    ? 
_diffrn_radiation.pdbx_scattering_type             x-ray 
# 
_diffrn_radiation_wavelength.id           1 
_diffrn_radiation_wavelength.wavelength   1.54178 
_diffrn_radiation_wavelength.wt           1.0 
# 
_diffrn_source.current                     ? 
_diffrn_source.details                     ? 
_diffrn_source.diffrn_id                   1 
_diffrn_source.power                       ? 
_diffrn_source.size                        ? 
_diffrn_source.source                      'ROTATING ANODE' 
_diffrn_source.target                      ? 
_diffrn_source.type                        'RIGAKU FR-E SUPERBRIGHT' 
_diffrn_source.voltage                     ? 
_diffrn_source.take-off_angle              ? 
_diffrn_source.pdbx_wavelength_list        1.54178 
_diffrn_source.pdbx_wavelength             ? 
_diffrn_source.pdbx_synchrotron_beamline   ? 
_diffrn_source.pdbx_synchrotron_site       ? 
# 
_reflns.B_iso_Wilson_estimate            ? 
_reflns.entry_id                         5WBN 
_reflns.data_reduction_details           ? 
_reflns.data_reduction_method            ? 
_reflns.d_resolution_high                1.6400 
_reflns.d_resolution_low                 32.620 
_reflns.details                          ? 
_reflns.limit_h_max                      ? 
_reflns.limit_h_min                      ? 
_reflns.limit_k_max                      ? 
_reflns.limit_k_min                      ? 
_reflns.limit_l_max                      ? 
_reflns.limit_l_min                      ? 
_reflns.number_all                       ? 
_reflns.number_obs                       11842 
_reflns.observed_criterion               ? 
_reflns.observed_criterion_F_max         ? 
_reflns.observed_criterion_F_min         ? 
_reflns.observed_criterion_I_max         ? 
_reflns.observed_criterion_I_min         ? 
_reflns.observed_criterion_sigma_F       ? 
_reflns.observed_criterion_sigma_I       ? 
_reflns.percent_possible_obs             100.000 
_reflns.R_free_details                   ? 
_reflns.Rmerge_F_all                     ? 
_reflns.Rmerge_F_obs                     ? 
_reflns.Friedel_coverage                 ? 
_reflns.number_gt                        ? 
_reflns.threshold_expression             ? 
_reflns.pdbx_redundancy                  6.800 
_reflns.pdbx_Rmerge_I_obs                0.089 
_reflns.pdbx_Rmerge_I_all                ? 
_reflns.pdbx_Rsym_value                  ? 
_reflns.pdbx_netI_over_av_sigmaI         ? 
_reflns.pdbx_netI_over_sigmaI            21.200 
_reflns.pdbx_res_netI_over_av_sigmaI_2   ? 
_reflns.pdbx_res_netI_over_sigmaI_2      ? 
_reflns.pdbx_chi_squared                 ? 
_reflns.pdbx_scaling_rejects             0 
_reflns.pdbx_d_res_high_opt              ? 
_reflns.pdbx_d_res_low_opt               ? 
_reflns.pdbx_d_res_opt_method            ? 
_reflns.phase_calculation_details        ? 
_reflns.pdbx_Rrim_I_all                  0.097 
_reflns.pdbx_Rpim_I_all                  0.037 
_reflns.pdbx_d_opt                       ? 
_reflns.pdbx_number_measured_all         80148 
_reflns.pdbx_diffrn_id                   1 
_reflns.pdbx_ordinal                     1 
_reflns.pdbx_CC_half                     0.998 
_reflns.pdbx_R_split                     ? 
# 
loop_
_reflns_shell.d_res_high 
_reflns_shell.d_res_low 
_reflns_shell.meanI_over_sigI_all 
_reflns_shell.meanI_over_sigI_obs 
_reflns_shell.number_measured_all 
_reflns_shell.number_measured_obs 
_reflns_shell.number_possible 
_reflns_shell.number_unique_all 
_reflns_shell.number_unique_obs 
_reflns_shell.percent_possible_all 
_reflns_shell.percent_possible_obs 
_reflns_shell.Rmerge_F_all 
_reflns_shell.Rmerge_F_obs 
_reflns_shell.Rmerge_I_all 
_reflns_shell.Rmerge_I_obs 
_reflns_shell.meanI_over_sigI_gt 
_reflns_shell.meanI_over_uI_all 
_reflns_shell.meanI_over_uI_gt 
_reflns_shell.number_measured_gt 
_reflns_shell.number_unique_gt 
_reflns_shell.percent_possible_gt 
_reflns_shell.Rmerge_F_gt 
_reflns_shell.Rmerge_I_gt 
_reflns_shell.pdbx_redundancy 
_reflns_shell.pdbx_Rsym_value 
_reflns_shell.pdbx_chi_squared 
_reflns_shell.pdbx_netI_over_sigmaI_all 
_reflns_shell.pdbx_netI_over_sigmaI_obs 
_reflns_shell.pdbx_Rrim_I_all 
_reflns_shell.pdbx_Rpim_I_all 
_reflns_shell.pdbx_rejects 
_reflns_shell.pdbx_ordinal 
_reflns_shell.pdbx_diffrn_id 
_reflns_shell.pdbx_CC_half 
_reflns_shell.pdbx_R_split 
1.690 1.730  ? ? ? ? ? ? ? 100.000 ? ? ? ? 0.361 ? ? ? ? ? ? ? ? 6.600 ? ? ? ? 0.392 0.150 ? 1 1 0.932 ? 
7.560 32.620 ? ? ? ? ? ? ? 98.900  ? ? ? ? 0.024 ? ? ? ? ? ? ? ? 5.500 ? ? ? ? 0.026 0.011 ? 2 1 1.000 ? 
# 
_refine.aniso_B[1][1]                            -0.0900 
_refine.aniso_B[1][2]                            0.0000 
_refine.aniso_B[1][3]                            0.0000 
_refine.aniso_B[2][2]                            0.5100 
_refine.aniso_B[2][3]                            -0.0000 
_refine.aniso_B[3][3]                            -0.4100 
_refine.B_iso_max                                51.620 
_refine.B_iso_mean                               9.1040 
_refine.B_iso_min                                1.780 
_refine.correlation_coeff_Fo_to_Fc               0.9690 
_refine.correlation_coeff_Fo_to_Fc_free          0.9530 
_refine.details                                  
'HYDROGENS HAVE BEEN ADDED IN THE RIDING POSITIONS U VALUES      : REFINED INDIVIDUALLY' 
_refine.diff_density_max                         ? 
_refine.diff_density_max_esd                     ? 
_refine.diff_density_min                         ? 
_refine.diff_density_min_esd                     ? 
_refine.diff_density_rms                         ? 
_refine.diff_density_rms_esd                     ? 
_refine.entry_id                                 5WBN 
_refine.pdbx_refine_id                           'X-RAY DIFFRACTION' 
_refine.ls_abs_structure_details                 ? 
_refine.ls_abs_structure_Flack                   ? 
_refine.ls_abs_structure_Flack_esd               ? 
_refine.ls_abs_structure_Rogers                  ? 
_refine.ls_abs_structure_Rogers_esd              ? 
_refine.ls_d_res_high                            1.6400 
_refine.ls_d_res_low                             34.4400 
_refine.ls_extinction_coef                       ? 
_refine.ls_extinction_coef_esd                   ? 
_refine.ls_extinction_expression                 ? 
_refine.ls_extinction_method                     ? 
_refine.ls_goodness_of_fit_all                   ? 
_refine.ls_goodness_of_fit_all_esd               ? 
_refine.ls_goodness_of_fit_obs                   ? 
_refine.ls_goodness_of_fit_obs_esd               ? 
_refine.ls_hydrogen_treatment                    ? 
_refine.ls_matrix_type                           ? 
_refine.ls_number_constraints                    ? 
_refine.ls_number_parameters                     ? 
_refine.ls_number_reflns_all                     ? 
_refine.ls_number_reflns_obs                     11278 
_refine.ls_number_reflns_R_free                  564 
_refine.ls_number_reflns_R_work                  ? 
_refine.ls_number_restraints                     ? 
_refine.ls_percent_reflns_obs                    93.6300 
_refine.ls_percent_reflns_R_free                 4.8000 
_refine.ls_R_factor_all                          ? 
_refine.ls_R_factor_obs                          0.1336 
_refine.ls_R_factor_R_free                       0.1675 
_refine.ls_R_factor_R_free_error                 ? 
_refine.ls_R_factor_R_free_error_details         ? 
_refine.ls_R_factor_R_work                       0.1319 
_refine.ls_R_Fsqd_factor_obs                     ? 
_refine.ls_R_I_factor_obs                        ? 
_refine.ls_redundancy_reflns_all                 ? 
_refine.ls_redundancy_reflns_obs                 ? 
_refine.ls_restrained_S_all                      ? 
_refine.ls_restrained_S_obs                      ? 
_refine.ls_shift_over_esd_max                    ? 
_refine.ls_shift_over_esd_mean                   ? 
_refine.ls_structure_factor_coef                 ? 
_refine.ls_weighting_details                     ? 
_refine.ls_weighting_scheme                      ? 
_refine.ls_wR_factor_all                         ? 
_refine.ls_wR_factor_obs                         ? 
_refine.ls_wR_factor_R_free                      ? 
_refine.ls_wR_factor_R_work                      ? 
_refine.occupancy_max                            ? 
_refine.occupancy_min                            ? 
_refine.solvent_model_details                    MASK 
_refine.solvent_model_param_bsol                 ? 
_refine.solvent_model_param_ksol                 ? 
_refine.ls_R_factor_gt                           ? 
_refine.ls_goodness_of_fit_gt                    ? 
_refine.ls_goodness_of_fit_ref                   ? 
_refine.ls_shift_over_su_max                     ? 
_refine.ls_shift_over_su_max_lt                  ? 
_refine.ls_shift_over_su_mean                    ? 
_refine.ls_shift_over_su_mean_lt                 ? 
_refine.pdbx_ls_sigma_I                          ? 
_refine.pdbx_ls_sigma_F                          0.000 
_refine.pdbx_ls_sigma_Fsqd                       ? 
_refine.pdbx_data_cutoff_high_absF               ? 
_refine.pdbx_data_cutoff_high_rms_absF           ? 
_refine.pdbx_data_cutoff_low_absF                ? 
_refine.pdbx_isotropic_thermal_model             ? 
_refine.pdbx_ls_cross_valid_method               THROUGHOUT 
_refine.pdbx_method_to_determine_struct          ? 
_refine.pdbx_starting_model                      ? 
_refine.pdbx_stereochemistry_target_values       'MAXIMUM LIKELIHOOD' 
_refine.pdbx_R_Free_selection_details            RANDOM 
_refine.pdbx_stereochem_target_val_spec_case     ? 
_refine.pdbx_overall_ESU_R                       0.0860 
_refine.pdbx_overall_ESU_R_Free                  0.0870 
_refine.pdbx_solvent_vdw_probe_radii             1.2000 
_refine.pdbx_solvent_ion_probe_radii             0.8000 
_refine.pdbx_solvent_shrinkage_radii             0.8000 
_refine.pdbx_real_space_R                        ? 
_refine.pdbx_density_correlation                 ? 
_refine.pdbx_pd_number_of_powder_patterns        ? 
_refine.pdbx_pd_number_of_points                 ? 
_refine.pdbx_pd_meas_number_of_points            ? 
_refine.pdbx_pd_proc_ls_prof_R_factor            ? 
_refine.pdbx_pd_proc_ls_prof_wR_factor           ? 
_refine.pdbx_pd_Marquardt_correlation_coeff      ? 
_refine.pdbx_pd_Fsqrd_R_factor                   ? 
_refine.pdbx_pd_ls_matrix_band_width             ? 
_refine.pdbx_overall_phase_error                 ? 
_refine.pdbx_overall_SU_R_free_Cruickshank_DPI   ? 
_refine.pdbx_overall_SU_R_free_Blow_DPI          ? 
_refine.pdbx_overall_SU_R_Blow_DPI               ? 
_refine.pdbx_TLS_residual_ADP_flag               ? 
_refine.pdbx_diffrn_id                           1 
_refine.overall_SU_B                             1.4490 
_refine.overall_SU_ML                            0.0500 
_refine.overall_SU_R_Cruickshank_DPI             ? 
_refine.overall_SU_R_free                        ? 
_refine.overall_FOM_free_R_set                   ? 
_refine.overall_FOM_work_R_set                   ? 
_refine.pdbx_average_fsc_overall                 ? 
_refine.pdbx_average_fsc_work                    ? 
_refine.pdbx_average_fsc_free                    ? 
# 
_refine_hist.cycle_id                         final 
_refine_hist.pdbx_refine_id                   'X-RAY DIFFRACTION' 
_refine_hist.d_res_high                       1.6400 
_refine_hist.d_res_low                        34.4400 
_refine_hist.pdbx_number_atoms_ligand         56 
_refine_hist.number_atoms_solvent             149 
_refine_hist.number_atoms_total               1006 
_refine_hist.pdbx_number_residues_total       103 
_refine_hist.pdbx_B_iso_mean_ligand           14.44 
_refine_hist.pdbx_B_iso_mean_solvent          21.65 
_refine_hist.pdbx_number_atoms_protein        801 
_refine_hist.pdbx_number_atoms_nucleic_acid   0 
# 
loop_
_refine_ls_restr.pdbx_refine_id 
_refine_ls_restr.criterion 
_refine_ls_restr.dev_ideal 
_refine_ls_restr.dev_ideal_target 
_refine_ls_restr.number 
_refine_ls_restr.rejects 
_refine_ls_restr.type 
_refine_ls_restr.weight 
_refine_ls_restr.pdbx_restraint_function 
'X-RAY DIFFRACTION' ? 0.016  0.019  917  ? r_bond_refined_d       ? ? 
'X-RAY DIFFRACTION' ? 0.003  0.020  754  ? r_bond_other_d         ? ? 
'X-RAY DIFFRACTION' ? 1.697  1.926  1256 ? r_angle_refined_deg    ? ? 
'X-RAY DIFFRACTION' ? 1.159  3.009  1751 ? r_angle_other_deg      ? ? 
'X-RAY DIFFRACTION' ? 6.274  5.000  110  ? r_dihedral_angle_1_deg ? ? 
'X-RAY DIFFRACTION' ? 41.779 24.750 40   ? r_dihedral_angle_2_deg ? ? 
'X-RAY DIFFRACTION' ? 11.288 15.000 119  ? r_dihedral_angle_3_deg ? ? 
'X-RAY DIFFRACTION' ? 21.354 15.000 1    ? r_dihedral_angle_4_deg ? ? 
'X-RAY DIFFRACTION' ? 0.118  0.200  124  ? r_chiral_restr         ? ? 
'X-RAY DIFFRACTION' ? 0.010  0.021  1163 ? r_gen_planes_refined   ? ? 
'X-RAY DIFFRACTION' ? 0.003  0.020  186  ? r_gen_planes_other     ? ? 
# 
_refine_ls_shell.pdbx_refine_id                   'X-RAY DIFFRACTION' 
_refine_ls_shell.d_res_high                       1.6450 
_refine_ls_shell.d_res_low                        1.6870 
_refine_ls_shell.number_reflns_all                241 
_refine_ls_shell.number_reflns_obs                ? 
_refine_ls_shell.number_reflns_R_free             14 
_refine_ls_shell.number_reflns_R_work             227 
_refine_ls_shell.percent_reflns_obs               26.2200 
_refine_ls_shell.percent_reflns_R_free            ? 
_refine_ls_shell.R_factor_all                     ? 
_refine_ls_shell.R_factor_obs                     ? 
_refine_ls_shell.R_factor_R_free                  0.1710 
_refine_ls_shell.R_factor_R_free_error            0.0000 
_refine_ls_shell.R_factor_R_work                  0.1820 
_refine_ls_shell.redundancy_reflns_all            ? 
_refine_ls_shell.redundancy_reflns_obs            ? 
_refine_ls_shell.wR_factor_all                    ? 
_refine_ls_shell.wR_factor_obs                    ? 
_refine_ls_shell.wR_factor_R_free                 ? 
_refine_ls_shell.wR_factor_R_work                 ? 
_refine_ls_shell.pdbx_total_number_of_bins_used   20 
_refine_ls_shell.pdbx_phase_error                 ? 
_refine_ls_shell.pdbx_fsc_work                    ? 
_refine_ls_shell.pdbx_fsc_free                    ? 
# 
_struct.entry_id                     5WBN 
_struct.title                        
;Crystal structure of fragment 3-(3-Benzyl-2-oxo-2H-[1,2,4]triazino[2,3-c]quinazolin-6-yl)propanoic acid bound in the ubiquitin binding pocket of the HDAC6 zinc-finger domain
;
_struct.pdbx_model_details           ? 
_struct.pdbx_formula_weight          ? 
_struct.pdbx_formula_weight_method   ? 
_struct.pdbx_model_type_details      ? 
_struct.pdbx_CASP_flag               N 
# 
_struct_keywords.entry_id        5WBN 
_struct_keywords.text            
'HISTONE DEACETYLASE, HDAC, HDAC6, FRAGMENT SCREENING, STRUCTURAL GENOMICS CONSORTIUM, SGC, hydrolase-hydrolase inhibitor complex' 
_struct_keywords.pdbx_keywords   'hydrolase/hydrolase inhibitor' 
# 
loop_
_struct_asym.id 
_struct_asym.pdbx_blank_PDB_chainid_flag 
_struct_asym.pdbx_modified 
_struct_asym.entity_id 
_struct_asym.details 
A N N 1 ? 
B N N 2 ? 
C N N 2 ? 
D N N 2 ? 
E N N 3 ? 
F N N 4 ? 
G N N 4 ? 
H N N 4 ? 
I N N 4 ? 
J N N 4 ? 
K N N 4 ? 
L N N 4 ? 
M N N 4 ? 
N N N 5 ? 
O N N 5 ? 
P N N 5 ? 
Q N N 6 ? 
R N N 7 ? 
S N N 7 ? 
T N N 8 ? 
# 
_struct_ref.id                         1 
_struct_ref.db_name                    UNP 
_struct_ref.db_code                    HDAC6_HUMAN 
_struct_ref.pdbx_db_accession          Q9UBN7 
_struct_ref.pdbx_db_isoform            ? 
_struct_ref.entity_id                  1 
_struct_ref.pdbx_seq_one_letter_code   
;TPLPWCPHLVAVCPIPAAGLDVTQPCGDCGTIQENWVCLSCYQVYCGRYINGHMLQHHGNSGHPLVLSYIDLSAWCYYCQ
AYVHHQALLDVKNIAHQNKFGEDMPH
;
_struct_ref.pdbx_align_begin           1108 
# 
_struct_ref_seq.align_id                      1 
_struct_ref_seq.ref_id                        1 
_struct_ref_seq.pdbx_PDB_id_code              5WBN 
_struct_ref_seq.pdbx_strand_id                A 
_struct_ref_seq.seq_align_beg                 2 
_struct_ref_seq.pdbx_seq_align_beg_ins_code   ? 
_struct_ref_seq.seq_align_end                 107 
_struct_ref_seq.pdbx_seq_align_end_ins_code   ? 
_struct_ref_seq.pdbx_db_accession             Q9UBN7 
_struct_ref_seq.db_align_beg                  1108 
_struct_ref_seq.pdbx_db_align_beg_ins_code    ? 
_struct_ref_seq.db_align_end                  1213 
_struct_ref_seq.pdbx_db_align_end_ins_code    ? 
_struct_ref_seq.pdbx_auth_seq_align_beg       1108 
_struct_ref_seq.pdbx_auth_seq_align_end       1213 
# 
loop_
_struct_ref_seq_dif.align_id 
_struct_ref_seq_dif.pdbx_pdb_id_code 
_struct_ref_seq_dif.mon_id 
_struct_ref_seq_dif.pdbx_pdb_strand_id 
_struct_ref_seq_dif.seq_num 
_struct_ref_seq_dif.pdbx_pdb_ins_code 
_struct_ref_seq_dif.pdbx_seq_db_name 
_struct_ref_seq_dif.pdbx_seq_db_accession_code 
_struct_ref_seq_dif.db_mon_id 
_struct_ref_seq_dif.pdbx_seq_db_seq_num 
_struct_ref_seq_dif.details 
_struct_ref_seq_dif.pdbx_auth_seq_num 
_struct_ref_seq_dif.pdbx_ordinal 
1 5WBN GLY A 1 ? UNP Q9UBN7 ?   ?    'expression tag' 1107 1 
1 5WBN SER A 2 ? UNP Q9UBN7 THR 1108 conflict         1108 2 
# 
_pdbx_struct_assembly.id                   1 
_pdbx_struct_assembly.details              author_and_software_defined_assembly 
_pdbx_struct_assembly.method_details       PISA 
_pdbx_struct_assembly.oligomeric_details   monomeric 
_pdbx_struct_assembly.oligomeric_count     1 
# 
_pdbx_struct_assembly_gen.assembly_id       1 
_pdbx_struct_assembly_gen.oper_expression   1 
_pdbx_struct_assembly_gen.asym_id_list      A,B,C,D,E,F,G,H,I,J,K,L,M,N,O,P,Q,R,S,T 
# 
_pdbx_struct_assembly_auth_evidence.id                     1 
_pdbx_struct_assembly_auth_evidence.assembly_id            1 
_pdbx_struct_assembly_auth_evidence.experimental_support   none 
_pdbx_struct_assembly_auth_evidence.details                ? 
# 
_pdbx_struct_oper_list.id                   1 
_pdbx_struct_oper_list.type                 'identity operation' 
_pdbx_struct_oper_list.name                 1_555 
_pdbx_struct_oper_list.symmetry_operation   x,y,z 
_pdbx_struct_oper_list.matrix[1][1]         1.0000000000 
_pdbx_struct_oper_list.matrix[1][2]         0.0000000000 
_pdbx_struct_oper_list.matrix[1][3]         0.0000000000 
_pdbx_struct_oper_list.vector[1]            0.0000000000 
_pdbx_struct_oper_list.matrix[2][1]         0.0000000000 
_pdbx_struct_oper_list.matrix[2][2]         1.0000000000 
_pdbx_struct_oper_list.matrix[2][3]         0.0000000000 
_pdbx_struct_oper_list.vector[2]            0.0000000000 
_pdbx_struct_oper_list.matrix[3][1]         0.0000000000 
_pdbx_struct_oper_list.matrix[3][2]         0.0000000000 
_pdbx_struct_oper_list.matrix[3][3]         1.0000000000 
_pdbx_struct_oper_list.vector[3]            0.0000000000 
# 
loop_
_struct_conf.conf_type_id 
_struct_conf.id 
_struct_conf.pdbx_PDB_helix_id 
_struct_conf.beg_label_comp_id 
_struct_conf.beg_label_asym_id 
_struct_conf.beg_label_seq_id 
_struct_conf.pdbx_beg_PDB_ins_code 
_struct_conf.end_label_comp_id 
_struct_conf.end_label_asym_id 
_struct_conf.end_label_seq_id 
_struct_conf.pdbx_end_PDB_ins_code 
_struct_conf.beg_auth_comp_id 
_struct_conf.beg_auth_asym_id 
_struct_conf.beg_auth_seq_id 
_struct_conf.end_auth_comp_id 
_struct_conf.end_auth_asym_id 
_struct_conf.end_auth_seq_id 
_struct_conf.pdbx_PDB_helix_class 
_struct_conf.details 
_struct_conf.pdbx_PDB_helix_length 
HELX_P HELX_P1 AA1 HIS A 9  ? VAL A 13  ? HIS A 1115 VAL A 1119 5 ? 5  
HELX_P HELX_P2 AA2 GLY A 53 ? GLY A 63  ? GLY A 1159 GLY A 1169 1 ? 11 
HELX_P HELX_P3 AA3 HIS A 86 ? ALA A 88  ? HIS A 1192 ALA A 1194 5 ? 3  
HELX_P HELX_P4 AA4 LEU A 89 ? GLY A 102 ? LEU A 1195 GLY A 1208 1 ? 14 
# 
_struct_conf_type.id          HELX_P 
_struct_conf_type.criteria    ? 
_struct_conf_type.reference   ? 
# 
loop_
_struct_conn.id 
_struct_conn.conn_type_id 
_struct_conn.pdbx_leaving_atom_flag 
_struct_conn.pdbx_PDB_id 
_struct_conn.ptnr1_label_asym_id 
_struct_conn.ptnr1_label_comp_id 
_struct_conn.ptnr1_label_seq_id 
_struct_conn.ptnr1_label_atom_id 
_struct_conn.pdbx_ptnr1_label_alt_id 
_struct_conn.pdbx_ptnr1_PDB_ins_code 
_struct_conn.pdbx_ptnr1_standard_comp_id 
_struct_conn.ptnr1_symmetry 
_struct_conn.ptnr2_label_asym_id 
_struct_conn.ptnr2_label_comp_id 
_struct_conn.ptnr2_label_seq_id 
_struct_conn.ptnr2_label_atom_id 
_struct_conn.pdbx_ptnr2_label_alt_id 
_struct_conn.pdbx_ptnr2_PDB_ins_code 
_struct_conn.ptnr1_auth_asym_id 
_struct_conn.ptnr1_auth_comp_id 
_struct_conn.ptnr1_auth_seq_id 
_struct_conn.ptnr2_auth_asym_id 
_struct_conn.ptnr2_auth_comp_id 
_struct_conn.ptnr2_auth_seq_id 
_struct_conn.ptnr2_symmetry 
_struct_conn.pdbx_ptnr3_label_atom_id 
_struct_conn.pdbx_ptnr3_label_seq_id 
_struct_conn.pdbx_ptnr3_label_comp_id 
_struct_conn.pdbx_ptnr3_label_asym_id 
_struct_conn.pdbx_ptnr3_label_alt_id 
_struct_conn.pdbx_ptnr3_PDB_ins_code 
_struct_conn.details 
_struct_conn.pdbx_dist_value 
_struct_conn.pdbx_value_order 
_struct_conn.pdbx_role 
metalc1  metalc ? ? A CYS 7  SG  ? ? ? 1_555 D ZN . ZN ? ? A CYS 1113 A ZN 1303 1_555 ? ? ? ? ? ? ? 2.286 ? ? 
metalc2  metalc ? ? A HIS 9  ND1 ? ? ? 1_555 D ZN . ZN ? ? A HIS 1115 A ZN 1303 1_555 ? ? ? ? ? ? ? 2.160 ? ? 
metalc3  metalc ? ? A CYS 27 SG  ? ? ? 1_555 C ZN . ZN ? ? A CYS 1133 A ZN 1302 1_555 ? ? ? ? ? ? ? 2.322 ? ? 
metalc4  metalc ? ? A CYS 30 SG  ? ? ? 1_555 C ZN . ZN ? ? A CYS 1136 A ZN 1302 1_555 ? ? ? ? ? ? ? 2.305 ? ? 
metalc5  metalc ? ? A CYS 39 SG  ? ? ? 1_555 B ZN . ZN ? ? A CYS 1145 A ZN 1301 1_555 ? ? ? ? ? ? ? 2.323 ? ? 
metalc6  metalc ? ? A CYS 42 SG  ? ? ? 1_555 B ZN . ZN ? ? A CYS 1148 A ZN 1301 1_555 ? ? ? ? ? ? ? 2.352 ? ? 
metalc7  metalc ? ? A CYS 47 SG  ? ? ? 1_555 C ZN . ZN ? ? A CYS 1153 A ZN 1302 1_555 ? ? ? ? ? ? ? 2.326 ? ? 
metalc8  metalc ? ? A HIS 54 ND1 ? ? ? 1_555 C ZN . ZN ? ? A HIS 1160 A ZN 1302 1_555 ? ? ? ? ? ? ? 2.090 ? ? 
metalc9  metalc ? ? A HIS 58 NE2 ? ? ? 1_555 B ZN . ZN ? ? A HIS 1164 A ZN 1301 1_555 ? ? ? ? ? ? ? 1.992 ? ? 
metalc10 metalc ? ? A HIS 64 ND1 ? ? ? 1_555 B ZN . ZN ? ? A HIS 1170 A ZN 1301 1_555 ? ? ? ? ? ? ? 2.038 ? ? 
metalc11 metalc ? ? A CYS 77 SG  ? ? ? 1_555 D ZN . ZN ? ? A CYS 1183 A ZN 1303 1_555 ? ? ? ? ? ? ? 2.298 ? ? 
metalc12 metalc ? ? A CYS 80 SG  ? ? ? 1_555 D ZN . ZN ? ? A CYS 1186 A ZN 1303 1_555 ? ? ? ? ? ? ? 2.315 ? ? 
# 
_struct_conn_type.id          metalc 
_struct_conn_type.criteria    ? 
_struct_conn_type.reference   ? 
# 
loop_
_pdbx_struct_conn_angle.id 
_pdbx_struct_conn_angle.ptnr1_label_atom_id 
_pdbx_struct_conn_angle.ptnr1_label_alt_id 
_pdbx_struct_conn_angle.ptnr1_label_asym_id 
_pdbx_struct_conn_angle.ptnr1_label_comp_id 
_pdbx_struct_conn_angle.ptnr1_label_seq_id 
_pdbx_struct_conn_angle.ptnr1_auth_atom_id 
_pdbx_struct_conn_angle.ptnr1_auth_asym_id 
_pdbx_struct_conn_angle.ptnr1_auth_comp_id 
_pdbx_struct_conn_angle.ptnr1_auth_seq_id 
_pdbx_struct_conn_angle.ptnr1_PDB_ins_code 
_pdbx_struct_conn_angle.ptnr1_symmetry 
_pdbx_struct_conn_angle.ptnr2_label_atom_id 
_pdbx_struct_conn_angle.ptnr2_label_alt_id 
_pdbx_struct_conn_angle.ptnr2_label_asym_id 
_pdbx_struct_conn_angle.ptnr2_label_comp_id 
_pdbx_struct_conn_angle.ptnr2_label_seq_id 
_pdbx_struct_conn_angle.ptnr2_auth_atom_id 
_pdbx_struct_conn_angle.ptnr2_auth_asym_id 
_pdbx_struct_conn_angle.ptnr2_auth_comp_id 
_pdbx_struct_conn_angle.ptnr2_auth_seq_id 
_pdbx_struct_conn_angle.ptnr2_PDB_ins_code 
_pdbx_struct_conn_angle.ptnr2_symmetry 
_pdbx_struct_conn_angle.ptnr3_label_atom_id 
_pdbx_struct_conn_angle.ptnr3_label_alt_id 
_pdbx_struct_conn_angle.ptnr3_label_asym_id 
_pdbx_struct_conn_angle.ptnr3_label_comp_id 
_pdbx_struct_conn_angle.ptnr3_label_seq_id 
_pdbx_struct_conn_angle.ptnr3_auth_atom_id 
_pdbx_struct_conn_angle.ptnr3_auth_asym_id 
_pdbx_struct_conn_angle.ptnr3_auth_comp_id 
_pdbx_struct_conn_angle.ptnr3_auth_seq_id 
_pdbx_struct_conn_angle.ptnr3_PDB_ins_code 
_pdbx_struct_conn_angle.ptnr3_symmetry 
_pdbx_struct_conn_angle.value 
_pdbx_struct_conn_angle.value_esd 
1  SG  ? A CYS 7  ? A CYS 1113 ? 1_555 ZN ? D ZN . ? A ZN 1303 ? 1_555 ND1 ? A HIS 9  ? A HIS 1115 ? 1_555 111.6 ? 
2  SG  ? A CYS 7  ? A CYS 1113 ? 1_555 ZN ? D ZN . ? A ZN 1303 ? 1_555 SG  ? A CYS 77 ? A CYS 1183 ? 1_555 113.5 ? 
3  ND1 ? A HIS 9  ? A HIS 1115 ? 1_555 ZN ? D ZN . ? A ZN 1303 ? 1_555 SG  ? A CYS 77 ? A CYS 1183 ? 1_555 96.7  ? 
4  SG  ? A CYS 7  ? A CYS 1113 ? 1_555 ZN ? D ZN . ? A ZN 1303 ? 1_555 SG  ? A CYS 80 ? A CYS 1186 ? 1_555 113.1 ? 
5  ND1 ? A HIS 9  ? A HIS 1115 ? 1_555 ZN ? D ZN . ? A ZN 1303 ? 1_555 SG  ? A CYS 80 ? A CYS 1186 ? 1_555 104.8 ? 
6  SG  ? A CYS 77 ? A CYS 1183 ? 1_555 ZN ? D ZN . ? A ZN 1303 ? 1_555 SG  ? A CYS 80 ? A CYS 1186 ? 1_555 115.5 ? 
7  SG  ? A CYS 27 ? A CYS 1133 ? 1_555 ZN ? C ZN . ? A ZN 1302 ? 1_555 SG  ? A CYS 30 ? A CYS 1136 ? 1_555 107.7 ? 
8  SG  ? A CYS 27 ? A CYS 1133 ? 1_555 ZN ? C ZN . ? A ZN 1302 ? 1_555 SG  ? A CYS 47 ? A CYS 1153 ? 1_555 114.8 ? 
9  SG  ? A CYS 30 ? A CYS 1136 ? 1_555 ZN ? C ZN . ? A ZN 1302 ? 1_555 SG  ? A CYS 47 ? A CYS 1153 ? 1_555 116.9 ? 
10 SG  ? A CYS 27 ? A CYS 1133 ? 1_555 ZN ? C ZN . ? A ZN 1302 ? 1_555 ND1 ? A HIS 54 ? A HIS 1160 ? 1_555 105.4 ? 
11 SG  ? A CYS 30 ? A CYS 1136 ? 1_555 ZN ? C ZN . ? A ZN 1302 ? 1_555 ND1 ? A HIS 54 ? A HIS 1160 ? 1_555 111.2 ? 
12 SG  ? A CYS 47 ? A CYS 1153 ? 1_555 ZN ? C ZN . ? A ZN 1302 ? 1_555 ND1 ? A HIS 54 ? A HIS 1160 ? 1_555 100.2 ? 
13 SG  ? A CYS 39 ? A CYS 1145 ? 1_555 ZN ? B ZN . ? A ZN 1301 ? 1_555 SG  ? A CYS 42 ? A CYS 1148 ? 1_555 117.2 ? 
14 SG  ? A CYS 39 ? A CYS 1145 ? 1_555 ZN ? B ZN . ? A ZN 1301 ? 1_555 NE2 ? A HIS 58 ? A HIS 1164 ? 1_555 113.6 ? 
15 SG  ? A CYS 42 ? A CYS 1148 ? 1_555 ZN ? B ZN . ? A ZN 1301 ? 1_555 NE2 ? A HIS 58 ? A HIS 1164 ? 1_555 97.0  ? 
16 SG  ? A CYS 39 ? A CYS 1145 ? 1_555 ZN ? B ZN . ? A ZN 1301 ? 1_555 ND1 ? A HIS 64 ? A HIS 1170 ? 1_555 107.6 ? 
17 SG  ? A CYS 42 ? A CYS 1148 ? 1_555 ZN ? B ZN . ? A ZN 1301 ? 1_555 ND1 ? A HIS 64 ? A HIS 1170 ? 1_555 113.7 ? 
18 NE2 ? A HIS 58 ? A HIS 1164 ? 1_555 ZN ? B ZN . ? A ZN 1301 ? 1_555 ND1 ? A HIS 64 ? A HIS 1170 ? 1_555 107.1 ? 
# 
_struct_sheet.id               AA1 
_struct_sheet.type             ? 
_struct_sheet.number_strands   5 
_struct_sheet.details          ? 
# 
loop_
_struct_sheet_order.sheet_id 
_struct_sheet_order.range_id_1 
_struct_sheet_order.range_id_2 
_struct_sheet_order.offset 
_struct_sheet_order.sense 
AA1 1 2 ? anti-parallel 
AA1 2 3 ? anti-parallel 
AA1 3 4 ? anti-parallel 
AA1 4 5 ? anti-parallel 
# 
loop_
_struct_sheet_range.sheet_id 
_struct_sheet_range.id 
_struct_sheet_range.beg_label_comp_id 
_struct_sheet_range.beg_label_asym_id 
_struct_sheet_range.beg_label_seq_id 
_struct_sheet_range.pdbx_beg_PDB_ins_code 
_struct_sheet_range.end_label_comp_id 
_struct_sheet_range.end_label_asym_id 
_struct_sheet_range.end_label_seq_id 
_struct_sheet_range.pdbx_end_PDB_ins_code 
_struct_sheet_range.beg_auth_comp_id 
_struct_sheet_range.beg_auth_asym_id 
_struct_sheet_range.beg_auth_seq_id 
_struct_sheet_range.end_auth_comp_id 
_struct_sheet_range.end_auth_asym_id 
_struct_sheet_range.end_auth_seq_id 
AA1 1 VAL A 45 ? CYS A 47 ? VAL A 1151 CYS A 1153 
AA1 2 ASN A 36 ? CYS A 39 ? ASN A 1142 CYS A 1145 
AA1 3 LEU A 66 ? SER A 69 ? LEU A 1172 SER A 1175 
AA1 4 ALA A 75 ? CYS A 77 ? ALA A 1181 CYS A 1183 
AA1 5 ALA A 82 ? VAL A 84 ? ALA A 1188 VAL A 1190 
# 
loop_
_pdbx_struct_sheet_hbond.sheet_id 
_pdbx_struct_sheet_hbond.range_id_1 
_pdbx_struct_sheet_hbond.range_id_2 
_pdbx_struct_sheet_hbond.range_1_label_atom_id 
_pdbx_struct_sheet_hbond.range_1_label_comp_id 
_pdbx_struct_sheet_hbond.range_1_label_asym_id 
_pdbx_struct_sheet_hbond.range_1_label_seq_id 
_pdbx_struct_sheet_hbond.range_1_PDB_ins_code 
_pdbx_struct_sheet_hbond.range_1_auth_atom_id 
_pdbx_struct_sheet_hbond.range_1_auth_comp_id 
_pdbx_struct_sheet_hbond.range_1_auth_asym_id 
_pdbx_struct_sheet_hbond.range_1_auth_seq_id 
_pdbx_struct_sheet_hbond.range_2_label_atom_id 
_pdbx_struct_sheet_hbond.range_2_label_comp_id 
_pdbx_struct_sheet_hbond.range_2_label_asym_id 
_pdbx_struct_sheet_hbond.range_2_label_seq_id 
_pdbx_struct_sheet_hbond.range_2_PDB_ins_code 
_pdbx_struct_sheet_hbond.range_2_auth_atom_id 
_pdbx_struct_sheet_hbond.range_2_auth_comp_id 
_pdbx_struct_sheet_hbond.range_2_auth_asym_id 
_pdbx_struct_sheet_hbond.range_2_auth_seq_id 
AA1 1 2 O TYR A 46 ? O TYR A 1152 N TRP A 37 ? N TRP A 1143 
AA1 2 3 N VAL A 38 ? N VAL A 1144 O LEU A 68 ? O LEU A 1174 
AA1 3 4 N VAL A 67 ? N VAL A 1173 O TRP A 76 ? O TRP A 1182 
AA1 4 5 N CYS A 77 ? N CYS A 1183 O ALA A 82 ? O ALA A 1188 
# 
loop_
_struct_site.id 
_struct_site.pdbx_evidence_code 
_struct_site.pdbx_auth_asym_id 
_struct_site.pdbx_auth_comp_id 
_struct_site.pdbx_auth_seq_id 
_struct_site.pdbx_auth_ins_code 
_struct_site.pdbx_num_residues 
_struct_site.details 
AC1 Software A ZN  1301 ? 4  'binding site for residue ZN A 1301'  
AC2 Software A ZN  1302 ? 4  'binding site for residue ZN A 1302'  
AC3 Software A ZN  1303 ? 4  'binding site for residue ZN A 1303'  
AC4 Software A 9ZV 1304 ? 16 'binding site for residue 9ZV A 1304' 
AC5 Software A FMT 1313 ? 6  'binding site for residue FMT A 1313' 
AC6 Software A FMT 1314 ? 7  'binding site for residue FMT A 1314' 
AC7 Software A FMT 1315 ? 6  'binding site for residue FMT A 1315' 
AC8 Software A CL  1316 ? 3  'binding site for residue CL A 1316'  
AC9 Software A ACT 1317 ? 3  'binding site for residue ACT A 1317' 
AD1 Software A ACT 1318 ? 7  'binding site for residue ACT A 1318' 
# 
loop_
_struct_site_gen.id 
_struct_site_gen.site_id 
_struct_site_gen.pdbx_num_res 
_struct_site_gen.label_comp_id 
_struct_site_gen.label_asym_id 
_struct_site_gen.label_seq_id 
_struct_site_gen.pdbx_auth_ins_code 
_struct_site_gen.auth_comp_id 
_struct_site_gen.auth_asym_id 
_struct_site_gen.auth_seq_id 
_struct_site_gen.label_atom_id 
_struct_site_gen.label_alt_id 
_struct_site_gen.symmetry 
_struct_site_gen.details 
1  AC1 4  CYS A 39  ? CYS A 1145 . ? 1_555 ? 
2  AC1 4  CYS A 42  ? CYS A 1148 . ? 1_555 ? 
3  AC1 4  HIS A 58  ? HIS A 1164 . ? 1_555 ? 
4  AC1 4  HIS A 64  ? HIS A 1170 . ? 1_555 ? 
5  AC2 4  CYS A 27  ? CYS A 1133 . ? 1_555 ? 
6  AC2 4  CYS A 30  ? CYS A 1136 . ? 1_555 ? 
7  AC2 4  CYS A 47  ? CYS A 1153 . ? 1_555 ? 
8  AC2 4  HIS A 54  ? HIS A 1160 . ? 1_555 ? 
9  AC3 4  CYS A 7   ? CYS A 1113 . ? 1_555 ? 
10 AC3 4  HIS A 9   ? HIS A 1115 . ? 1_555 ? 
11 AC3 4  CYS A 77  ? CYS A 1183 . ? 1_555 ? 
12 AC3 4  CYS A 80  ? CYS A 1186 . ? 1_555 ? 
13 AC4 16 TRP A 37  ? TRP A 1143 . ? 1_555 ? 
14 AC4 16 GLY A 48  ? GLY A 1154 . ? 1_555 ? 
15 AC4 16 ARG A 49  ? ARG A 1155 . ? 1_555 ? 
16 AC4 16 TRP A 76  ? TRP A 1182 . ? 1_555 ? 
17 AC4 16 TYR A 78  ? TYR A 1184 . ? 1_555 ? 
18 AC4 16 TYR A 83  ? TYR A 1189 . ? 1_555 ? 
19 AC4 16 LEU A 90  ? LEU A 1196 . ? 3_555 ? 
20 AC4 16 ASN A 94  ? ASN A 1200 . ? 3_555 ? 
21 AC4 16 GLN A 98  ? GLN A 1204 . ? 3_555 ? 
22 AC4 16 GLU A 103 ? GLU A 1209 . ? 3_555 ? 
23 AC4 16 HOH T .   ? HOH A 1423 . ? 1_555 ? 
24 AC4 16 HOH T .   ? HOH A 1427 . ? 1_555 ? 
25 AC4 16 HOH T .   ? HOH A 1429 . ? 1_555 ? 
26 AC4 16 HOH T .   ? HOH A 1444 . ? 1_555 ? 
27 AC4 16 HOH T .   ? HOH A 1450 . ? 1_555 ? 
28 AC4 16 HOH T .   ? HOH A 1451 . ? 3_555 ? 
29 AC5 6  TRP A 37  ? TRP A 1143 . ? 1_555 ? 
30 AC5 6  ILE A 71  ? ILE A 1177 . ? 1_555 ? 
31 AC5 6  HOH T .   ? HOH A 1419 . ? 1_555 ? 
32 AC5 6  HOH T .   ? HOH A 1423 . ? 1_555 ? 
33 AC5 6  HOH T .   ? HOH A 1424 . ? 1_555 ? 
34 AC5 6  HOH T .   ? HOH A 1491 . ? 1_555 ? 
35 AC6 7  PRO A 3   ? PRO A 1109 . ? 1_555 ? 
36 AC6 7  SER A 74  ? SER A 1180 . ? 1_555 ? 
37 AC6 7  TYR A 83  ? TYR A 1189 . ? 1_555 ? 
38 AC6 7  HIS A 85  ? HIS A 1191 . ? 1_555 ? 
39 AC6 7  HOH T .   ? HOH A 1418 . ? 1_555 ? 
40 AC6 7  HOH T .   ? HOH A 1445 . ? 1_555 ? 
41 AC6 7  HOH T .   ? HOH A 1475 . ? 1_555 ? 
42 AC7 6  GLU A 35  ? GLU A 1141 . ? 3_545 ? 
43 AC7 6  TYR A 50  ? TYR A 1156 . ? 3_545 ? 
44 AC7 6  HIS A 85  ? HIS A 1191 . ? 1_555 ? 
45 AC7 6  HIS A 86  ? HIS A 1192 . ? 1_555 ? 
46 AC7 6  LEU A 89  ? LEU A 1195 . ? 1_555 ? 
47 AC7 6  LYS A 93  ? LYS A 1199 . ? 1_555 ? 
48 AC8 3  ALA A 18  ? ALA A 1124 . ? 1_555 ? 
49 AC8 3  ALA A 19  ? ALA A 1125 . ? 1_555 ? 
50 AC8 3  HOH T .   ? HOH A 1490 . ? 3_645 ? 
51 AC9 3  TRP A 6   ? TRP A 1112 . ? 1_555 ? 
52 AC9 3  HOH T .   ? HOH A 1431 . ? 1_555 ? 
53 AC9 3  HOH T .   ? HOH A 1452 . ? 1_555 ? 
54 AD1 7  ASP A 29  ? ASP A 1135 . ? 1_555 ? 
55 AD1 7  TYR A 46  ? TYR A 1152 . ? 1_555 ? 
56 AD1 7  HIS A 54  ? HIS A 1160 . ? 1_555 ? 
57 AD1 7  GLN A 57  ? GLN A 1163 . ? 1_555 ? 
58 AD1 7  HIS A 58  ? HIS A 1164 . ? 1_555 ? 
59 AD1 7  ASN A 61  ? ASN A 1167 . ? 1_555 ? 
60 AD1 7  HOH T .   ? HOH A 1407 . ? 1_555 ? 
# 
loop_
_pdbx_validate_torsion.id 
_pdbx_validate_torsion.PDB_model_num 
_pdbx_validate_torsion.auth_comp_id 
_pdbx_validate_torsion.auth_asym_id 
_pdbx_validate_torsion.auth_seq_id 
_pdbx_validate_torsion.PDB_ins_code 
_pdbx_validate_torsion.label_alt_id 
_pdbx_validate_torsion.phi 
_pdbx_validate_torsion.psi 
1 1 ASP A 1135 ? A -90.85 -67.08 
2 1 ILE A 1157 ? ? -96.64 -99.83 
# 
loop_
_pdbx_unobs_or_zero_occ_residues.id 
_pdbx_unobs_or_zero_occ_residues.PDB_model_num 
_pdbx_unobs_or_zero_occ_residues.polymer_flag 
_pdbx_unobs_or_zero_occ_residues.occupancy_flag 
_pdbx_unobs_or_zero_occ_residues.auth_asym_id 
_pdbx_unobs_or_zero_occ_residues.auth_comp_id 
_pdbx_unobs_or_zero_occ_residues.auth_seq_id 
_pdbx_unobs_or_zero_occ_residues.PDB_ins_code 
_pdbx_unobs_or_zero_occ_residues.label_asym_id 
_pdbx_unobs_or_zero_occ_residues.label_comp_id 
_pdbx_unobs_or_zero_occ_residues.label_seq_id 
1 1 Y 1 A ASP 1210 ? A ASP 104 
2 1 Y 1 A MET 1211 ? A MET 105 
3 1 Y 1 A PRO 1212 ? A PRO 106 
4 1 Y 1 A HIS 1213 ? A HIS 107 
# 
loop_
_chem_comp_atom.comp_id 
_chem_comp_atom.atom_id 
_chem_comp_atom.type_symbol 
_chem_comp_atom.pdbx_aromatic_flag 
_chem_comp_atom.pdbx_stereo_config 
_chem_comp_atom.pdbx_ordinal 
9ZV C13  C  N N 1   
9ZV N2   N  N N 2   
9ZV C17  C  Y N 3   
9ZV C11  C  N N 4   
9ZV C9   C  Y N 5   
9ZV C8   C  Y N 6   
9ZV N1   N  N N 7   
9ZV O1   O  N N 8   
9ZV O2   O  N N 9   
9ZV C1   C  N N 10  
9ZV C2   C  N N 11  
9ZV C3   C  N N 12  
9ZV C4   C  Y N 13  
9ZV C5   C  Y N 14  
9ZV C6   C  Y N 15  
9ZV C7   C  Y N 16  
9ZV C10  C  N N 17  
9ZV C12  C  N N 18  
9ZV C14  C  Y N 19  
9ZV C19  C  Y N 20  
9ZV C18  C  Y N 21  
9ZV C16  C  Y N 22  
9ZV C15  C  Y N 23  
9ZV N3   N  N N 24  
9ZV C    C  N N 25  
9ZV O    O  N N 26  
9ZV N    N  N N 27  
9ZV H1   H  N N 28  
9ZV H2   H  N N 29  
9ZV H3   H  N N 30  
9ZV H4   H  N N 31  
9ZV H5   H  N N 32  
9ZV H7   H  N N 33  
9ZV H8   H  N N 34  
9ZV H9   H  N N 35  
9ZV H10  H  N N 36  
9ZV H11  H  N N 37  
9ZV H12  H  N N 38  
9ZV H13  H  N N 39  
9ZV H14  H  N N 40  
9ZV H15  H  N N 41  
9ZV H16  H  N N 42  
9ZV H17  H  N N 43  
ACT C    C  N N 44  
ACT O    O  N N 45  
ACT OXT  O  N N 46  
ACT CH3  C  N N 47  
ACT H1   H  N N 48  
ACT H2   H  N N 49  
ACT H3   H  N N 50  
ALA N    N  N N 51  
ALA CA   C  N S 52  
ALA C    C  N N 53  
ALA O    O  N N 54  
ALA CB   C  N N 55  
ALA OXT  O  N N 56  
ALA H    H  N N 57  
ALA H2   H  N N 58  
ALA HA   H  N N 59  
ALA HB1  H  N N 60  
ALA HB2  H  N N 61  
ALA HB3  H  N N 62  
ALA HXT  H  N N 63  
ARG N    N  N N 64  
ARG CA   C  N S 65  
ARG C    C  N N 66  
ARG O    O  N N 67  
ARG CB   C  N N 68  
ARG CG   C  N N 69  
ARG CD   C  N N 70  
ARG NE   N  N N 71  
ARG CZ   C  N N 72  
ARG NH1  N  N N 73  
ARG NH2  N  N N 74  
ARG OXT  O  N N 75  
ARG H    H  N N 76  
ARG H2   H  N N 77  
ARG HA   H  N N 78  
ARG HB2  H  N N 79  
ARG HB3  H  N N 80  
ARG HG2  H  N N 81  
ARG HG3  H  N N 82  
ARG HD2  H  N N 83  
ARG HD3  H  N N 84  
ARG HE   H  N N 85  
ARG HH11 H  N N 86  
ARG HH12 H  N N 87  
ARG HH21 H  N N 88  
ARG HH22 H  N N 89  
ARG HXT  H  N N 90  
ASN N    N  N N 91  
ASN CA   C  N S 92  
ASN C    C  N N 93  
ASN O    O  N N 94  
ASN CB   C  N N 95  
ASN CG   C  N N 96  
ASN OD1  O  N N 97  
ASN ND2  N  N N 98  
ASN OXT  O  N N 99  
ASN H    H  N N 100 
ASN H2   H  N N 101 
ASN HA   H  N N 102 
ASN HB2  H  N N 103 
ASN HB3  H  N N 104 
ASN HD21 H  N N 105 
ASN HD22 H  N N 106 
ASN HXT  H  N N 107 
ASP N    N  N N 108 
ASP CA   C  N S 109 
ASP C    C  N N 110 
ASP O    O  N N 111 
ASP CB   C  N N 112 
ASP CG   C  N N 113 
ASP OD1  O  N N 114 
ASP OD2  O  N N 115 
ASP OXT  O  N N 116 
ASP H    H  N N 117 
ASP H2   H  N N 118 
ASP HA   H  N N 119 
ASP HB2  H  N N 120 
ASP HB3  H  N N 121 
ASP HD2  H  N N 122 
ASP HXT  H  N N 123 
CL  CL   CL N N 124 
CYS N    N  N N 125 
CYS CA   C  N R 126 
CYS C    C  N N 127 
CYS O    O  N N 128 
CYS CB   C  N N 129 
CYS SG   S  N N 130 
CYS OXT  O  N N 131 
CYS H    H  N N 132 
CYS H2   H  N N 133 
CYS HA   H  N N 134 
CYS HB2  H  N N 135 
CYS HB3  H  N N 136 
CYS HG   H  N N 137 
CYS HXT  H  N N 138 
FMT C    C  N N 139 
FMT O1   O  N N 140 
FMT O2   O  N N 141 
FMT H    H  N N 142 
FMT HO2  H  N N 143 
GLN N    N  N N 144 
GLN CA   C  N S 145 
GLN C    C  N N 146 
GLN O    O  N N 147 
GLN CB   C  N N 148 
GLN CG   C  N N 149 
GLN CD   C  N N 150 
GLN OE1  O  N N 151 
GLN NE2  N  N N 152 
GLN OXT  O  N N 153 
GLN H    H  N N 154 
GLN H2   H  N N 155 
GLN HA   H  N N 156 
GLN HB2  H  N N 157 
GLN HB3  H  N N 158 
GLN HG2  H  N N 159 
GLN HG3  H  N N 160 
GLN HE21 H  N N 161 
GLN HE22 H  N N 162 
GLN HXT  H  N N 163 
GLU N    N  N N 164 
GLU CA   C  N S 165 
GLU C    C  N N 166 
GLU O    O  N N 167 
GLU CB   C  N N 168 
GLU CG   C  N N 169 
GLU CD   C  N N 170 
GLU OE1  O  N N 171 
GLU OE2  O  N N 172 
GLU OXT  O  N N 173 
GLU H    H  N N 174 
GLU H2   H  N N 175 
GLU HA   H  N N 176 
GLU HB2  H  N N 177 
GLU HB3  H  N N 178 
GLU HG2  H  N N 179 
GLU HG3  H  N N 180 
GLU HE2  H  N N 181 
GLU HXT  H  N N 182 
GLY N    N  N N 183 
GLY CA   C  N N 184 
GLY C    C  N N 185 
GLY O    O  N N 186 
GLY OXT  O  N N 187 
GLY H    H  N N 188 
GLY H2   H  N N 189 
GLY HA2  H  N N 190 
GLY HA3  H  N N 191 
GLY HXT  H  N N 192 
HIS N    N  N N 193 
HIS CA   C  N S 194 
HIS C    C  N N 195 
HIS O    O  N N 196 
HIS CB   C  N N 197 
HIS CG   C  Y N 198 
HIS ND1  N  Y N 199 
HIS CD2  C  Y N 200 
HIS CE1  C  Y N 201 
HIS NE2  N  Y N 202 
HIS OXT  O  N N 203 
HIS H    H  N N 204 
HIS H2   H  N N 205 
HIS HA   H  N N 206 
HIS HB2  H  N N 207 
HIS HB3  H  N N 208 
HIS HD1  H  N N 209 
HIS HD2  H  N N 210 
HIS HE1  H  N N 211 
HIS HE2  H  N N 212 
HIS HXT  H  N N 213 
HOH O    O  N N 214 
HOH H1   H  N N 215 
HOH H2   H  N N 216 
ILE N    N  N N 217 
ILE CA   C  N S 218 
ILE C    C  N N 219 
ILE O    O  N N 220 
ILE CB   C  N S 221 
ILE CG1  C  N N 222 
ILE CG2  C  N N 223 
ILE CD1  C  N N 224 
ILE OXT  O  N N 225 
ILE H    H  N N 226 
ILE H2   H  N N 227 
ILE HA   H  N N 228 
ILE HB   H  N N 229 
ILE HG12 H  N N 230 
ILE HG13 H  N N 231 
ILE HG21 H  N N 232 
ILE HG22 H  N N 233 
ILE HG23 H  N N 234 
ILE HD11 H  N N 235 
ILE HD12 H  N N 236 
ILE HD13 H  N N 237 
ILE HXT  H  N N 238 
LEU N    N  N N 239 
LEU CA   C  N S 240 
LEU C    C  N N 241 
LEU O    O  N N 242 
LEU CB   C  N N 243 
LEU CG   C  N N 244 
LEU CD1  C  N N 245 
LEU CD2  C  N N 246 
LEU OXT  O  N N 247 
LEU H    H  N N 248 
LEU H2   H  N N 249 
LEU HA   H  N N 250 
LEU HB2  H  N N 251 
LEU HB3  H  N N 252 
LEU HG   H  N N 253 
LEU HD11 H  N N 254 
LEU HD12 H  N N 255 
LEU HD13 H  N N 256 
LEU HD21 H  N N 257 
LEU HD22 H  N N 258 
LEU HD23 H  N N 259 
LEU HXT  H  N N 260 
LYS N    N  N N 261 
LYS CA   C  N S 262 
LYS C    C  N N 263 
LYS O    O  N N 264 
LYS CB   C  N N 265 
LYS CG   C  N N 266 
LYS CD   C  N N 267 
LYS CE   C  N N 268 
LYS NZ   N  N N 269 
LYS OXT  O  N N 270 
LYS H    H  N N 271 
LYS H2   H  N N 272 
LYS HA   H  N N 273 
LYS HB2  H  N N 274 
LYS HB3  H  N N 275 
LYS HG2  H  N N 276 
LYS HG3  H  N N 277 
LYS HD2  H  N N 278 
LYS HD3  H  N N 279 
LYS HE2  H  N N 280 
LYS HE3  H  N N 281 
LYS HZ1  H  N N 282 
LYS HZ2  H  N N 283 
LYS HZ3  H  N N 284 
LYS HXT  H  N N 285 
MET N    N  N N 286 
MET CA   C  N S 287 
MET C    C  N N 288 
MET O    O  N N 289 
MET CB   C  N N 290 
MET CG   C  N N 291 
MET SD   S  N N 292 
MET CE   C  N N 293 
MET OXT  O  N N 294 
MET H    H  N N 295 
MET H2   H  N N 296 
MET HA   H  N N 297 
MET HB2  H  N N 298 
MET HB3  H  N N 299 
MET HG2  H  N N 300 
MET HG3  H  N N 301 
MET HE1  H  N N 302 
MET HE2  H  N N 303 
MET HE3  H  N N 304 
MET HXT  H  N N 305 
PHE N    N  N N 306 
PHE CA   C  N S 307 
PHE C    C  N N 308 
PHE O    O  N N 309 
PHE CB   C  N N 310 
PHE CG   C  Y N 311 
PHE CD1  C  Y N 312 
PHE CD2  C  Y N 313 
PHE CE1  C  Y N 314 
PHE CE2  C  Y N 315 
PHE CZ   C  Y N 316 
PHE OXT  O  N N 317 
PHE H    H  N N 318 
PHE H2   H  N N 319 
PHE HA   H  N N 320 
PHE HB2  H  N N 321 
PHE HB3  H  N N 322 
PHE HD1  H  N N 323 
PHE HD2  H  N N 324 
PHE HE1  H  N N 325 
PHE HE2  H  N N 326 
PHE HZ   H  N N 327 
PHE HXT  H  N N 328 
PRO N    N  N N 329 
PRO CA   C  N S 330 
PRO C    C  N N 331 
PRO O    O  N N 332 
PRO CB   C  N N 333 
PRO CG   C  N N 334 
PRO CD   C  N N 335 
PRO OXT  O  N N 336 
PRO H    H  N N 337 
PRO HA   H  N N 338 
PRO HB2  H  N N 339 
PRO HB3  H  N N 340 
PRO HG2  H  N N 341 
PRO HG3  H  N N 342 
PRO HD2  H  N N 343 
PRO HD3  H  N N 344 
PRO HXT  H  N N 345 
SER N    N  N N 346 
SER CA   C  N S 347 
SER C    C  N N 348 
SER O    O  N N 349 
SER CB   C  N N 350 
SER OG   O  N N 351 
SER OXT  O  N N 352 
SER H    H  N N 353 
SER H2   H  N N 354 
SER HA   H  N N 355 
SER HB2  H  N N 356 
SER HB3  H  N N 357 
SER HG   H  N N 358 
SER HXT  H  N N 359 
THR N    N  N N 360 
THR CA   C  N S 361 
THR C    C  N N 362 
THR O    O  N N 363 
THR CB   C  N R 364 
THR OG1  O  N N 365 
THR CG2  C  N N 366 
THR OXT  O  N N 367 
THR H    H  N N 368 
THR H2   H  N N 369 
THR HA   H  N N 370 
THR HB   H  N N 371 
THR HG1  H  N N 372 
THR HG21 H  N N 373 
THR HG22 H  N N 374 
THR HG23 H  N N 375 
THR HXT  H  N N 376 
TRP N    N  N N 377 
TRP CA   C  N S 378 
TRP C    C  N N 379 
TRP O    O  N N 380 
TRP CB   C  N N 381 
TRP CG   C  Y N 382 
TRP CD1  C  Y N 383 
TRP CD2  C  Y N 384 
TRP NE1  N  Y N 385 
TRP CE2  C  Y N 386 
TRP CE3  C  Y N 387 
TRP CZ2  C  Y N 388 
TRP CZ3  C  Y N 389 
TRP CH2  C  Y N 390 
TRP OXT  O  N N 391 
TRP H    H  N N 392 
TRP H2   H  N N 393 
TRP HA   H  N N 394 
TRP HB2  H  N N 395 
TRP HB3  H  N N 396 
TRP HD1  H  N N 397 
TRP HE1  H  N N 398 
TRP HE3  H  N N 399 
TRP HZ2  H  N N 400 
TRP HZ3  H  N N 401 
TRP HH2  H  N N 402 
TRP HXT  H  N N 403 
TYR N    N  N N 404 
TYR CA   C  N S 405 
TYR C    C  N N 406 
TYR O    O  N N 407 
TYR CB   C  N N 408 
TYR CG   C  Y N 409 
TYR CD1  C  Y N 410 
TYR CD2  C  Y N 411 
TYR CE1  C  Y N 412 
TYR CE2  C  Y N 413 
TYR CZ   C  Y N 414 
TYR OH   O  N N 415 
TYR OXT  O  N N 416 
TYR H    H  N N 417 
TYR H2   H  N N 418 
TYR HA   H  N N 419 
TYR HB2  H  N N 420 
TYR HB3  H  N N 421 
TYR HD1  H  N N 422 
TYR HD2  H  N N 423 
TYR HE1  H  N N 424 
TYR HE2  H  N N 425 
TYR HH   H  N N 426 
TYR HXT  H  N N 427 
VAL N    N  N N 428 
VAL CA   C  N S 429 
VAL C    C  N N 430 
VAL O    O  N N 431 
VAL CB   C  N N 432 
VAL CG1  C  N N 433 
VAL CG2  C  N N 434 
VAL OXT  O  N N 435 
VAL H    H  N N 436 
VAL H2   H  N N 437 
VAL HA   H  N N 438 
VAL HB   H  N N 439 
VAL HG11 H  N N 440 
VAL HG12 H  N N 441 
VAL HG13 H  N N 442 
VAL HG21 H  N N 443 
VAL HG22 H  N N 444 
VAL HG23 H  N N 445 
VAL HXT  H  N N 446 
ZN  ZN   ZN N N 447 
# 
loop_
_chem_comp_bond.comp_id 
_chem_comp_bond.atom_id_1 
_chem_comp_bond.atom_id_2 
_chem_comp_bond.value_order 
_chem_comp_bond.pdbx_aromatic_flag 
_chem_comp_bond.pdbx_stereo_config 
_chem_comp_bond.pdbx_ordinal 
9ZV C8  C7   doub Y N 1   
9ZV C8  C9   sing Y N 2   
9ZV C7  C6   sing Y N 3   
9ZV C9  C4   doub Y N 4   
9ZV C6  C5   doub Y N 5   
9ZV C4  C5   sing Y N 6   
9ZV C4  N    sing N N 7   
9ZV C5  C10  sing N N 8   
9ZV N   C3   doub N N 9   
9ZV C10 N1   doub N N 10  
9ZV C10 N3   sing N N 11  
9ZV N1  C11  sing N N 12  
9ZV C3  N3   sing N N 13  
9ZV C3  C2   sing N N 14  
9ZV O1  C    doub N N 15  
9ZV N3  N2   sing N N 16  
9ZV C1  C    sing N N 17  
9ZV C1  C2   sing N N 18  
9ZV C11 O2   doub N N 19  
9ZV C11 C12  sing N N 20  
9ZV C   O    sing N N 21  
9ZV N2  C12  doub N N 22  
9ZV C12 C13  sing N N 23  
9ZV C13 C14  sing N N 24  
9ZV C14 C15  doub Y N 25  
9ZV C14 C19  sing Y N 26  
9ZV C15 C16  sing Y N 27  
9ZV C19 C18  doub Y N 28  
9ZV C16 C17  doub Y N 29  
9ZV C18 C17  sing Y N 30  
9ZV C13 H1   sing N N 31  
9ZV C13 H2   sing N N 32  
9ZV C17 H3   sing N N 33  
9ZV C9  H4   sing N N 34  
9ZV C8  H5   sing N N 35  
9ZV C1  H7   sing N N 36  
9ZV C1  H8   sing N N 37  
9ZV C2  H9   sing N N 38  
9ZV C2  H10  sing N N 39  
9ZV C6  H11  sing N N 40  
9ZV C7  H12  sing N N 41  
9ZV C19 H13  sing N N 42  
9ZV C18 H14  sing N N 43  
9ZV C16 H15  sing N N 44  
9ZV C15 H16  sing N N 45  
9ZV O   H17  sing N N 46  
ACT C   O    doub N N 47  
ACT C   OXT  sing N N 48  
ACT C   CH3  sing N N 49  
ACT CH3 H1   sing N N 50  
ACT CH3 H2   sing N N 51  
ACT CH3 H3   sing N N 52  
ALA N   CA   sing N N 53  
ALA N   H    sing N N 54  
ALA N   H2   sing N N 55  
ALA CA  C    sing N N 56  
ALA CA  CB   sing N N 57  
ALA CA  HA   sing N N 58  
ALA C   O    doub N N 59  
ALA C   OXT  sing N N 60  
ALA CB  HB1  sing N N 61  
ALA CB  HB2  sing N N 62  
ALA CB  HB3  sing N N 63  
ALA OXT HXT  sing N N 64  
ARG N   CA   sing N N 65  
ARG N   H    sing N N 66  
ARG N   H2   sing N N 67  
ARG CA  C    sing N N 68  
ARG CA  CB   sing N N 69  
ARG CA  HA   sing N N 70  
ARG C   O    doub N N 71  
ARG C   OXT  sing N N 72  
ARG CB  CG   sing N N 73  
ARG CB  HB2  sing N N 74  
ARG CB  HB3  sing N N 75  
ARG CG  CD   sing N N 76  
ARG CG  HG2  sing N N 77  
ARG CG  HG3  sing N N 78  
ARG CD  NE   sing N N 79  
ARG CD  HD2  sing N N 80  
ARG CD  HD3  sing N N 81  
ARG NE  CZ   sing N N 82  
ARG NE  HE   sing N N 83  
ARG CZ  NH1  sing N N 84  
ARG CZ  NH2  doub N N 85  
ARG NH1 HH11 sing N N 86  
ARG NH1 HH12 sing N N 87  
ARG NH2 HH21 sing N N 88  
ARG NH2 HH22 sing N N 89  
ARG OXT HXT  sing N N 90  
ASN N   CA   sing N N 91  
ASN N   H    sing N N 92  
ASN N   H2   sing N N 93  
ASN CA  C    sing N N 94  
ASN CA  CB   sing N N 95  
ASN CA  HA   sing N N 96  
ASN C   O    doub N N 97  
ASN C   OXT  sing N N 98  
ASN CB  CG   sing N N 99  
ASN CB  HB2  sing N N 100 
ASN CB  HB3  sing N N 101 
ASN CG  OD1  doub N N 102 
ASN CG  ND2  sing N N 103 
ASN ND2 HD21 sing N N 104 
ASN ND2 HD22 sing N N 105 
ASN OXT HXT  sing N N 106 
ASP N   CA   sing N N 107 
ASP N   H    sing N N 108 
ASP N   H2   sing N N 109 
ASP CA  C    sing N N 110 
ASP CA  CB   sing N N 111 
ASP CA  HA   sing N N 112 
ASP C   O    doub N N 113 
ASP C   OXT  sing N N 114 
ASP CB  CG   sing N N 115 
ASP CB  HB2  sing N N 116 
ASP CB  HB3  sing N N 117 
ASP CG  OD1  doub N N 118 
ASP CG  OD2  sing N N 119 
ASP OD2 HD2  sing N N 120 
ASP OXT HXT  sing N N 121 
CYS N   CA   sing N N 122 
CYS N   H    sing N N 123 
CYS N   H2   sing N N 124 
CYS CA  C    sing N N 125 
CYS CA  CB   sing N N 126 
CYS CA  HA   sing N N 127 
CYS C   O    doub N N 128 
CYS C   OXT  sing N N 129 
CYS CB  SG   sing N N 130 
CYS CB  HB2  sing N N 131 
CYS CB  HB3  sing N N 132 
CYS SG  HG   sing N N 133 
CYS OXT HXT  sing N N 134 
FMT C   O1   doub N N 135 
FMT C   O2   sing N N 136 
FMT C   H    sing N N 137 
FMT O2  HO2  sing N N 138 
GLN N   CA   sing N N 139 
GLN N   H    sing N N 140 
GLN N   H2   sing N N 141 
GLN CA  C    sing N N 142 
GLN CA  CB   sing N N 143 
GLN CA  HA   sing N N 144 
GLN C   O    doub N N 145 
GLN C   OXT  sing N N 146 
GLN CB  CG   sing N N 147 
GLN CB  HB2  sing N N 148 
GLN CB  HB3  sing N N 149 
GLN CG  CD   sing N N 150 
GLN CG  HG2  sing N N 151 
GLN CG  HG3  sing N N 152 
GLN CD  OE1  doub N N 153 
GLN CD  NE2  sing N N 154 
GLN NE2 HE21 sing N N 155 
GLN NE2 HE22 sing N N 156 
GLN OXT HXT  sing N N 157 
GLU N   CA   sing N N 158 
GLU N   H    sing N N 159 
GLU N   H2   sing N N 160 
GLU CA  C    sing N N 161 
GLU CA  CB   sing N N 162 
GLU CA  HA   sing N N 163 
GLU C   O    doub N N 164 
GLU C   OXT  sing N N 165 
GLU CB  CG   sing N N 166 
GLU CB  HB2  sing N N 167 
GLU CB  HB3  sing N N 168 
GLU CG  CD   sing N N 169 
GLU CG  HG2  sing N N 170 
GLU CG  HG3  sing N N 171 
GLU CD  OE1  doub N N 172 
GLU CD  OE2  sing N N 173 
GLU OE2 HE2  sing N N 174 
GLU OXT HXT  sing N N 175 
GLY N   CA   sing N N 176 
GLY N   H    sing N N 177 
GLY N   H2   sing N N 178 
GLY CA  C    sing N N 179 
GLY CA  HA2  sing N N 180 
GLY CA  HA3  sing N N 181 
GLY C   O    doub N N 182 
GLY C   OXT  sing N N 183 
GLY OXT HXT  sing N N 184 
HIS N   CA   sing N N 185 
HIS N   H    sing N N 186 
HIS N   H2   sing N N 187 
HIS CA  C    sing N N 188 
HIS CA  CB   sing N N 189 
HIS CA  HA   sing N N 190 
HIS C   O    doub N N 191 
HIS C   OXT  sing N N 192 
HIS CB  CG   sing N N 193 
HIS CB  HB2  sing N N 194 
HIS CB  HB3  sing N N 195 
HIS CG  ND1  sing Y N 196 
HIS CG  CD2  doub Y N 197 
HIS ND1 CE1  doub Y N 198 
HIS ND1 HD1  sing N N 199 
HIS CD2 NE2  sing Y N 200 
HIS CD2 HD2  sing N N 201 
HIS CE1 NE2  sing Y N 202 
HIS CE1 HE1  sing N N 203 
HIS NE2 HE2  sing N N 204 
HIS OXT HXT  sing N N 205 
HOH O   H1   sing N N 206 
HOH O   H2   sing N N 207 
ILE N   CA   sing N N 208 
ILE N   H    sing N N 209 
ILE N   H2   sing N N 210 
ILE CA  C    sing N N 211 
ILE CA  CB   sing N N 212 
ILE CA  HA   sing N N 213 
ILE C   O    doub N N 214 
ILE C   OXT  sing N N 215 
ILE CB  CG1  sing N N 216 
ILE CB  CG2  sing N N 217 
ILE CB  HB   sing N N 218 
ILE CG1 CD1  sing N N 219 
ILE CG1 HG12 sing N N 220 
ILE CG1 HG13 sing N N 221 
ILE CG2 HG21 sing N N 222 
ILE CG2 HG22 sing N N 223 
ILE CG2 HG23 sing N N 224 
ILE CD1 HD11 sing N N 225 
ILE CD1 HD12 sing N N 226 
ILE CD1 HD13 sing N N 227 
ILE OXT HXT  sing N N 228 
LEU N   CA   sing N N 229 
LEU N   H    sing N N 230 
LEU N   H2   sing N N 231 
LEU CA  C    sing N N 232 
LEU CA  CB   sing N N 233 
LEU CA  HA   sing N N 234 
LEU C   O    doub N N 235 
LEU C   OXT  sing N N 236 
LEU CB  CG   sing N N 237 
LEU CB  HB2  sing N N 238 
LEU CB  HB3  sing N N 239 
LEU CG  CD1  sing N N 240 
LEU CG  CD2  sing N N 241 
LEU CG  HG   sing N N 242 
LEU CD1 HD11 sing N N 243 
LEU CD1 HD12 sing N N 244 
LEU CD1 HD13 sing N N 245 
LEU CD2 HD21 sing N N 246 
LEU CD2 HD22 sing N N 247 
LEU CD2 HD23 sing N N 248 
LEU OXT HXT  sing N N 249 
LYS N   CA   sing N N 250 
LYS N   H    sing N N 251 
LYS N   H2   sing N N 252 
LYS CA  C    sing N N 253 
LYS CA  CB   sing N N 254 
LYS CA  HA   sing N N 255 
LYS C   O    doub N N 256 
LYS C   OXT  sing N N 257 
LYS CB  CG   sing N N 258 
LYS CB  HB2  sing N N 259 
LYS CB  HB3  sing N N 260 
LYS CG  CD   sing N N 261 
LYS CG  HG2  sing N N 262 
LYS CG  HG3  sing N N 263 
LYS CD  CE   sing N N 264 
LYS CD  HD2  sing N N 265 
LYS CD  HD3  sing N N 266 
LYS CE  NZ   sing N N 267 
LYS CE  HE2  sing N N 268 
LYS CE  HE3  sing N N 269 
LYS NZ  HZ1  sing N N 270 
LYS NZ  HZ2  sing N N 271 
LYS NZ  HZ3  sing N N 272 
LYS OXT HXT  sing N N 273 
MET N   CA   sing N N 274 
MET N   H    sing N N 275 
MET N   H2   sing N N 276 
MET CA  C    sing N N 277 
MET CA  CB   sing N N 278 
MET CA  HA   sing N N 279 
MET C   O    doub N N 280 
MET C   OXT  sing N N 281 
MET CB  CG   sing N N 282 
MET CB  HB2  sing N N 283 
MET CB  HB3  sing N N 284 
MET CG  SD   sing N N 285 
MET CG  HG2  sing N N 286 
MET CG  HG3  sing N N 287 
MET SD  CE   sing N N 288 
MET CE  HE1  sing N N 289 
MET CE  HE2  sing N N 290 
MET CE  HE3  sing N N 291 
MET OXT HXT  sing N N 292 
PHE N   CA   sing N N 293 
PHE N   H    sing N N 294 
PHE N   H2   sing N N 295 
PHE CA  C    sing N N 296 
PHE CA  CB   sing N N 297 
PHE CA  HA   sing N N 298 
PHE C   O    doub N N 299 
PHE C   OXT  sing N N 300 
PHE CB  CG   sing N N 301 
PHE CB  HB2  sing N N 302 
PHE CB  HB3  sing N N 303 
PHE CG  CD1  doub Y N 304 
PHE CG  CD2  sing Y N 305 
PHE CD1 CE1  sing Y N 306 
PHE CD1 HD1  sing N N 307 
PHE CD2 CE2  doub Y N 308 
PHE CD2 HD2  sing N N 309 
PHE CE1 CZ   doub Y N 310 
PHE CE1 HE1  sing N N 311 
PHE CE2 CZ   sing Y N 312 
PHE CE2 HE2  sing N N 313 
PHE CZ  HZ   sing N N 314 
PHE OXT HXT  sing N N 315 
PRO N   CA   sing N N 316 
PRO N   CD   sing N N 317 
PRO N   H    sing N N 318 
PRO CA  C    sing N N 319 
PRO CA  CB   sing N N 320 
PRO CA  HA   sing N N 321 
PRO C   O    doub N N 322 
PRO C   OXT  sing N N 323 
PRO CB  CG   sing N N 324 
PRO CB  HB2  sing N N 325 
PRO CB  HB3  sing N N 326 
PRO CG  CD   sing N N 327 
PRO CG  HG2  sing N N 328 
PRO CG  HG3  sing N N 329 
PRO CD  HD2  sing N N 330 
PRO CD  HD3  sing N N 331 
PRO OXT HXT  sing N N 332 
SER N   CA   sing N N 333 
SER N   H    sing N N 334 
SER N   H2   sing N N 335 
SER CA  C    sing N N 336 
SER CA  CB   sing N N 337 
SER CA  HA   sing N N 338 
SER C   O    doub N N 339 
SER C   OXT  sing N N 340 
SER CB  OG   sing N N 341 
SER CB  HB2  sing N N 342 
SER CB  HB3  sing N N 343 
SER OG  HG   sing N N 344 
SER OXT HXT  sing N N 345 
THR N   CA   sing N N 346 
THR N   H    sing N N 347 
THR N   H2   sing N N 348 
THR CA  C    sing N N 349 
THR CA  CB   sing N N 350 
THR CA  HA   sing N N 351 
THR C   O    doub N N 352 
THR C   OXT  sing N N 353 
THR CB  OG1  sing N N 354 
THR CB  CG2  sing N N 355 
THR CB  HB   sing N N 356 
THR OG1 HG1  sing N N 357 
THR CG2 HG21 sing N N 358 
THR CG2 HG22 sing N N 359 
THR CG2 HG23 sing N N 360 
THR OXT HXT  sing N N 361 
TRP N   CA   sing N N 362 
TRP N   H    sing N N 363 
TRP N   H2   sing N N 364 
TRP CA  C    sing N N 365 
TRP CA  CB   sing N N 366 
TRP CA  HA   sing N N 367 
TRP C   O    doub N N 368 
TRP C   OXT  sing N N 369 
TRP CB  CG   sing N N 370 
TRP CB  HB2  sing N N 371 
TRP CB  HB3  sing N N 372 
TRP CG  CD1  doub Y N 373 
TRP CG  CD2  sing Y N 374 
TRP CD1 NE1  sing Y N 375 
TRP CD1 HD1  sing N N 376 
TRP CD2 CE2  doub Y N 377 
TRP CD2 CE3  sing Y N 378 
TRP NE1 CE2  sing Y N 379 
TRP NE1 HE1  sing N N 380 
TRP CE2 CZ2  sing Y N 381 
TRP CE3 CZ3  doub Y N 382 
TRP CE3 HE3  sing N N 383 
TRP CZ2 CH2  doub Y N 384 
TRP CZ2 HZ2  sing N N 385 
TRP CZ3 CH2  sing Y N 386 
TRP CZ3 HZ3  sing N N 387 
TRP CH2 HH2  sing N N 388 
TRP OXT HXT  sing N N 389 
TYR N   CA   sing N N 390 
TYR N   H    sing N N 391 
TYR N   H2   sing N N 392 
TYR CA  C    sing N N 393 
TYR CA  CB   sing N N 394 
TYR CA  HA   sing N N 395 
TYR C   O    doub N N 396 
TYR C   OXT  sing N N 397 
TYR CB  CG   sing N N 398 
TYR CB  HB2  sing N N 399 
TYR CB  HB3  sing N N 400 
TYR CG  CD1  doub Y N 401 
TYR CG  CD2  sing Y N 402 
TYR CD1 CE1  sing Y N 403 
TYR CD1 HD1  sing N N 404 
TYR CD2 CE2  doub Y N 405 
TYR CD2 HD2  sing N N 406 
TYR CE1 CZ   doub Y N 407 
TYR CE1 HE1  sing N N 408 
TYR CE2 CZ   sing Y N 409 
TYR CE2 HE2  sing N N 410 
TYR CZ  OH   sing N N 411 
TYR OH  HH   sing N N 412 
TYR OXT HXT  sing N N 413 
VAL N   CA   sing N N 414 
VAL N   H    sing N N 415 
VAL N   H2   sing N N 416 
VAL CA  C    sing N N 417 
VAL CA  CB   sing N N 418 
VAL CA  HA   sing N N 419 
VAL C   O    doub N N 420 
VAL C   OXT  sing N N 421 
VAL CB  CG1  sing N N 422 
VAL CB  CG2  sing N N 423 
VAL CB  HB   sing N N 424 
VAL CG1 HG11 sing N N 425 
VAL CG1 HG12 sing N N 426 
VAL CG1 HG13 sing N N 427 
VAL CG2 HG21 sing N N 428 
VAL CG2 HG22 sing N N 429 
VAL CG2 HG23 sing N N 430 
VAL OXT HXT  sing N N 431 
# 
_pdbx_entity_instance_feature.ordinal        1 
_pdbx_entity_instance_feature.comp_id        9ZV 
_pdbx_entity_instance_feature.asym_id        ? 
_pdbx_entity_instance_feature.seq_num        ? 
_pdbx_entity_instance_feature.auth_comp_id   9ZV 
_pdbx_entity_instance_feature.auth_asym_id   ? 
_pdbx_entity_instance_feature.auth_seq_num   ? 
_pdbx_entity_instance_feature.feature_type   'SUBJECT OF INVESTIGATION' 
_pdbx_entity_instance_feature.details        ? 
# 
_atom_sites.entry_id                    5WBN 
_atom_sites.fract_transf_matrix[1][1]   -0.00738905 
_atom_sites.fract_transf_matrix[1][2]   -0.00467188 
_atom_sites.fract_transf_matrix[1][3]   0.02286582 
_atom_sites.fract_transf_matrix[2][1]   0.02086513 
_atom_sites.fract_transf_matrix[2][2]   0.00515271 
_atom_sites.fract_transf_matrix[2][3]   0.00779531 
_atom_sites.fract_transf_matrix[3][1]   -0.00494251 
_atom_sites.fract_transf_matrix[3][2]   0.01713406 
_atom_sites.fract_transf_matrix[3][3]   0.00190362 
_atom_sites.fract_transf_vector[1]      0.171358 
_atom_sites.fract_transf_vector[2]      -0.099558 
_atom_sites.fract_transf_vector[3]      0.162929 
# 
loop_
_atom_type.symbol 
C  
CL 
N  
O  
S  
X  
ZN 
# 
loop_
_atom_site.group_PDB 
_atom_site.id 
_atom_site.type_symbol 
_atom_site.label_atom_id 
_atom_site.label_alt_id 
_atom_site.label_comp_id 
_atom_site.label_asym_id 
_atom_site.label_entity_id 
_atom_site.label_seq_id 
_atom_site.pdbx_PDB_ins_code 
_atom_site.Cartn_x 
_atom_site.Cartn_y 
_atom_site.Cartn_z 
_atom_site.occupancy 
_atom_site.B_iso_or_equiv 
_atom_site.pdbx_formal_charge 
_atom_site.auth_seq_id 
_atom_site.auth_comp_id 
_atom_site.auth_asym_id 
_atom_site.auth_atom_id 
_atom_site.pdbx_PDB_model_num 
ATOM   1    N  N   . GLY A 1 1   ? 10.068  2.910   -15.359 1.00 43.31 ? 1107 GLY A N   1 
ATOM   2    C  CA  . GLY A 1 1   ? 9.998   1.781   -16.340 1.00 44.38 ? 1107 GLY A CA  1 
ATOM   3    C  C   . GLY A 1 1   ? 8.713   1.788   -17.151 1.00 42.99 ? 1107 GLY A C   1 
ATOM   4    O  O   . GLY A 1 1   ? 8.498   2.698   -17.963 1.00 47.58 ? 1107 GLY A O   1 
ATOM   5    N  N   . SER A 1 2   ? 7.878   0.765   -16.947 1.00 39.45 ? 1108 SER A N   1 
ATOM   6    C  CA  . SER A 1 2   ? 6.547   0.687   -17.548 1.00 33.24 ? 1108 SER A CA  1 
ATOM   7    C  C   . SER A 1 2   ? 5.585   -0.094  -16.626 1.00 25.92 ? 1108 SER A C   1 
ATOM   8    O  O   . SER A 1 2   ? 5.915   -1.226  -16.204 1.00 25.86 ? 1108 SER A O   1 
ATOM   9    C  CB  . SER A 1 2   ? 6.605   0.006   -18.904 1.00 37.96 ? 1108 SER A CB  1 
ATOM   10   O  OG  . SER A 1 2   ? 5.337   0.069   -19.533 1.00 40.27 ? 1108 SER A OG  1 
ATOM   11   N  N   . PRO A 1 3   ? 4.409   0.498   -16.312 1.00 19.81 ? 1109 PRO A N   1 
ATOM   12   C  CA  . PRO A 1 3   ? 3.571   -0.184  -15.328 1.00 16.43 ? 1109 PRO A CA  1 
ATOM   13   C  C   . PRO A 1 3   ? 2.952   -1.408  -15.966 1.00 13.74 ? 1109 PRO A C   1 
ATOM   14   O  O   . PRO A 1 3   ? 2.916   -1.528  -17.216 1.00 14.05 ? 1109 PRO A O   1 
ATOM   15   C  CB  . PRO A 1 3   ? 2.482   0.838   -14.969 1.00 17.22 ? 1109 PRO A CB  1 
ATOM   16   C  CG  . PRO A 1 3   ? 2.925   2.124   -15.594 1.00 20.42 ? 1109 PRO A CG  1 
ATOM   17   C  CD  . PRO A 1 3   ? 3.760   1.731   -16.767 1.00 19.68 ? 1109 PRO A CD  1 
ATOM   18   N  N   . LEU A 1 4   ? 2.530   -2.312  -15.110 1.00 8.97  ? 1110 LEU A N   1 
ATOM   19   C  CA  . LEU A 1 4   ? 1.946   -3.534  -15.515 1.00 7.84  ? 1110 LEU A CA  1 
ATOM   20   C  C   . LEU A 1 4   ? 0.444   -3.483  -15.362 1.00 7.34  ? 1110 LEU A C   1 
ATOM   21   O  O   . LEU A 1 4   ? -0.063  -2.973  -14.368 1.00 6.54  ? 1110 LEU A O   1 
ATOM   22   C  CB  . LEU A 1 4   ? 2.439   -4.656  -14.647 1.00 7.94  ? 1110 LEU A CB  1 
ATOM   23   C  CG  . LEU A 1 4   ? 3.921   -4.911  -14.719 1.00 8.09  ? 1110 LEU A CG  1 
ATOM   24   C  CD1 . LEU A 1 4   ? 4.259   -5.936  -13.668 1.00 8.27  ? 1110 LEU A CD1 1 
ATOM   25   C  CD2 . LEU A 1 4   ? 4.288   -5.341  -16.145 1.00 8.47  ? 1110 LEU A CD2 1 
ATOM   26   N  N   . PRO A 1 5   ? -0.261  -4.090  -16.321 1.00 6.36  ? 1111 PRO A N   1 
ATOM   27   C  CA  . PRO A 1 5   ? -1.694  -4.171  -16.236 1.00 6.17  ? 1111 PRO A CA  1 
ATOM   28   C  C   . PRO A 1 5   ? -2.221  -5.353  -15.369 1.00 5.74  ? 1111 PRO A C   1 
ATOM   29   O  O   . PRO A 1 5   ? -3.409  -5.583  -15.310 1.00 5.47  ? 1111 PRO A O   1 
ATOM   30   C  CB  . PRO A 1 5   ? -2.101  -4.275  -17.718 1.00 6.23  ? 1111 PRO A CB  1 
ATOM   31   C  CG  . PRO A 1 5   ? -1.002  -5.003  -18.357 1.00 6.40  ? 1111 PRO A CG  1 
ATOM   32   C  CD  . PRO A 1 5   ? 0.245   -4.472  -17.667 1.00 6.55  ? 1111 PRO A CD  1 
ATOM   33   N  N   . TRP A 1 6   ? -1.296  -6.134  -14.831 1.00 5.43  ? 1112 TRP A N   1 
ATOM   34   C  CA  . TRP A 1 6   ? -1.568  -7.310  -14.021 1.00 5.17  ? 1112 TRP A CA  1 
ATOM   35   C  C   . TRP A 1 6   ? -0.271  -7.722  -13.410 1.00 4.97  ? 1112 TRP A C   1 
ATOM   36   O  O   . TRP A 1 6   ? 0.770   -7.489  -13.976 1.00 5.24  ? 1112 TRP A O   1 
ATOM   37   C  CB  . TRP A 1 6   ? -2.063  -8.460  -14.887 1.00 5.20  ? 1112 TRP A CB  1 
ATOM   38   C  CG  . TRP A 1 6   ? -2.474  -9.693  -14.120 1.00 5.38  ? 1112 TRP A CG  1 
ATOM   39   C  CD1 . TRP A 1 6   ? -3.684  -9.923  -13.531 1.00 5.47  ? 1112 TRP A CD1 1 
ATOM   40   C  CD2 . TRP A 1 6   ? -1.704  -10.875 -13.908 1.00 5.42  ? 1112 TRP A CD2 1 
ATOM   41   N  NE1 . TRP A 1 6   ? -3.706  -11.159 -12.957 1.00 5.42  ? 1112 TRP A NE1 1 
ATOM   42   C  CE2 . TRP A 1 6   ? -2.506  -11.768 -13.168 1.00 5.45  ? 1112 TRP A CE2 1 
ATOM   43   C  CE3 . TRP A 1 6   ? -0.412  -11.276 -14.263 1.00 5.45  ? 1112 TRP A CE3 1 
ATOM   44   C  CZ2 . TRP A 1 6   ? -2.059  -13.061 -12.787 1.00 5.53  ? 1112 TRP A CZ2 1 
ATOM   45   C  CZ3 . TRP A 1 6   ? 0.019   -12.562 -13.881 1.00 5.53  ? 1112 TRP A CZ3 1 
ATOM   46   C  CH2 . TRP A 1 6   ? -0.803  -13.422 -13.161 1.00 5.56  ? 1112 TRP A CH2 1 
ATOM   47   N  N   . CYS A 1 7   ? -0.333  -8.461  -12.316 1.00 4.71  ? 1113 CYS A N   1 
ATOM   48   C  CA  . CYS A 1 7   ? 0.832   -9.191  -11.889 1.00 4.44  ? 1113 CYS A CA  1 
ATOM   49   C  C   . CYS A 1 7   ? 0.428   -10.429 -11.079 1.00 4.48  ? 1113 CYS A C   1 
ATOM   50   O  O   . CYS A 1 7   ? -0.682  -10.485 -10.518 1.00 4.41  ? 1113 CYS A O   1 
ATOM   51   C  CB  . CYS A 1 7   ? 1.753   -8.243  -11.090 1.00 4.50  ? 1113 CYS A CB  1 
ATOM   52   S  SG  . CYS A 1 7   ? 1.681   -8.397  -9.270  1.00 4.37  ? 1113 CYS A SG  1 
ATOM   53   N  N   . PRO A 1 8   ? 1.325   -11.414 -11.005 1.00 4.71  ? 1114 PRO A N   1 
ATOM   54   C  CA  . PRO A 1 8   ? 0.994   -12.713 -10.362 1.00 4.80  ? 1114 PRO A CA  1 
ATOM   55   C  C   . PRO A 1 8   ? 0.813   -12.627 -8.813  1.00 4.96  ? 1114 PRO A C   1 
ATOM   56   O  O   . PRO A 1 8   ? 0.472   -13.637 -8.171  1.00 5.20  ? 1114 PRO A O   1 
ATOM   57   C  CB  . PRO A 1 8   ? 2.156   -13.604 -10.793 1.00 4.97  ? 1114 PRO A CB  1 
ATOM   58   C  CG  . PRO A 1 8   ? 3.249   -12.656 -11.108 1.00 5.13  ? 1114 PRO A CG  1 
ATOM   59   C  CD  . PRO A 1 8   ? 2.634   -11.437 -11.657 1.00 4.90  ? 1114 PRO A CD  1 
ATOM   60   N  N   . HIS A 1 9   ? 0.986   -11.435 -8.245  1.00 4.74  ? 1115 HIS A N   1 
ATOM   61   C  CA  . HIS A 1 9   ? 0.765   -11.239 -6.791  1.00 4.95  ? 1115 HIS A CA  1 
ATOM   62   C  C   . HIS A 1 9   ? -0.519  -10.565 -6.403  1.00 5.00  ? 1115 HIS A C   1 
ATOM   63   O  O   . HIS A 1 9   ? -0.841  -10.425 -5.199  1.00 5.15  ? 1115 HIS A O   1 
ATOM   64   C  CB  . HIS A 1 9   ? 1.941   -10.520 -6.246  1.00 4.75  ? 1115 HIS A CB  1 
ATOM   65   C  CG  . HIS A 1 9   ? 3.208   -11.195 -6.612  1.00 4.81  ? 1115 HIS A CG  1 
ATOM   66   N  ND1 . HIS A 1 9   ? 3.970   -10.812 -7.703  1.00 4.76  ? 1115 HIS A ND1 1 
ATOM   67   C  CD2 . HIS A 1 9   ? 3.792   -12.305 -6.108  1.00 4.75  ? 1115 HIS A CD2 1 
ATOM   68   C  CE1 . HIS A 1 9   ? 5.002   -11.632 -7.814  1.00 4.84  ? 1115 HIS A CE1 1 
ATOM   69   N  NE2 . HIS A 1 9   ? 4.907   -12.558 -6.870  1.00 4.80  ? 1115 HIS A NE2 1 
ATOM   70   N  N   . LEU A 1 10  ? -1.317  -10.230 -7.380  1.00 4.74  ? 1116 LEU A N   1 
ATOM   71   C  CA  . LEU A 1 10  ? -2.633  -9.642  -7.082  1.00 5.49  ? 1116 LEU A CA  1 
ATOM   72   C  C   . LEU A 1 10  ? -3.500  -10.500 -6.171  1.00 5.58  ? 1116 LEU A C   1 
ATOM   73   O  O   . LEU A 1 10  ? -4.342  -9.968  -5.445  1.00 5.68  ? 1116 LEU A O   1 
ATOM   74   C  CB  . LEU A 1 10  ? -3.341  -9.198  -8.335  1.00 5.22  ? 1116 LEU A CB  1 
ATOM   75   C  CG  . LEU A 1 10  ? -2.735  -7.984  -9.021  1.00 5.22  ? 1116 LEU A CG  1 
ATOM   76   C  CD1 . LEU A 1 10  ? -3.294  -7.804  -10.430 1.00 5.09  ? 1116 LEU A CD1 1 
ATOM   77   C  CD2 . LEU A 1 10  ? -2.952  -6.685  -8.230  1.00 5.34  ? 1116 LEU A CD2 1 
ATOM   78   N  N   . VAL A 1 11  ? -3.305  -11.816 -6.258  1.00 6.47  ? 1117 VAL A N   1 
ATOM   79   C  CA  . VAL A 1 11  ? -3.982  -12.763 -5.384  1.00 6.98  ? 1117 VAL A CA  1 
ATOM   80   C  C   . VAL A 1 11  ? -3.752  -12.503 -3.898  1.00 7.71  ? 1117 VAL A C   1 
ATOM   81   O  O   . VAL A 1 11  ? -4.480  -13.049 -3.061  1.00 7.97  ? 1117 VAL A O   1 
ATOM   82   C  CB  . VAL A 1 11  ? -3.606  -14.226 -5.718  1.00 7.49  ? 1117 VAL A CB  1 
ATOM   83   C  CG1 . VAL A 1 11  ? -4.134  -14.591 -7.095  1.00 8.26  ? 1117 VAL A CG1 1 
ATOM   84   C  CG2 . VAL A 1 11  ? -2.097  -14.457 -5.604  1.00 7.54  ? 1117 VAL A CG2 1 
ATOM   85   N  N   . ALA A 1 12  ? -2.742  -11.705 -3.569  1.00 7.32  ? 1118 ALA A N   1 
ATOM   86   C  CA  . ALA A 1 12  ? -2.442  -11.392 -2.155  1.00 7.56  ? 1118 ALA A CA  1 
ATOM   87   C  C   . ALA A 1 12  ? -3.177  -10.186 -1.641  1.00 7.18  ? 1118 ALA A C   1 
ATOM   88   O  O   . ALA A 1 12  ? -3.082  -9.849  -0.444  1.00 7.59  ? 1118 ALA A O   1 
ATOM   89   C  CB  . ALA A 1 12  ? -0.986  -11.157 -2.043  1.00 8.03  ? 1118 ALA A CB  1 
ATOM   90   N  N   . VAL A 1 13  ? -3.910  -9.495  -2.510  1.00 6.88  ? 1119 VAL A N   1 
ATOM   91   C  CA  . VAL A 1 13  ? -4.648  -8.319  -2.079  1.00 6.94  ? 1119 VAL A CA  1 
ATOM   92   C  C   . VAL A 1 13  ? -5.870  -8.784  -1.261  1.00 7.07  ? 1119 VAL A C   1 
ATOM   93   O  O   . VAL A 1 13  ? -6.692  -9.530  -1.797  1.00 7.43  ? 1119 VAL A O   1 
ATOM   94   C  CB  . VAL A 1 13  ? -5.039  -7.435  -3.273  1.00 7.28  ? 1119 VAL A CB  1 
ATOM   95   C  CG1 . VAL A 1 13  ? -5.901  -6.268  -2.824  1.00 7.63  ? 1119 VAL A CG1 1 
ATOM   96   C  CG2 . VAL A 1 13  ? -3.785  -6.940  -3.977  1.00 7.46  ? 1119 VAL A CG2 1 
ATOM   97   N  N   . CYS A 1 14  ? -5.970  -8.366  0.011   1.00 7.03  ? 1120 CYS A N   1 
ATOM   98   C  CA  . CYS A 1 14  ? -6.969  -8.903  0.929   1.00 7.04  ? 1120 CYS A CA  1 
ATOM   99   C  C   . CYS A 1 14  ? -8.061  -7.879  1.159   1.00 7.52  ? 1120 CYS A C   1 
ATOM   100  O  O   . CYS A 1 14  ? -7.929  -6.693  0.830   1.00 7.35  ? 1120 CYS A O   1 
ATOM   101  C  CB  . CYS A 1 14  ? -6.334  -9.326  2.257   1.00 7.07  ? 1120 CYS A CB  1 
ATOM   102  S  SG  . CYS A 1 14  ? -5.233  -10.734 2.032   1.00 6.66  ? 1120 CYS A SG  1 
ATOM   103  N  N   . PRO A 1 15  ? -9.159  -8.338  1.773   1.00 7.98  ? 1121 PRO A N   1 
ATOM   104  C  CA  . PRO A 1 15  ? -10.227 -7.420  2.024   1.00 8.59  ? 1121 PRO A CA  1 
ATOM   105  C  C   . PRO A 1 15  ? -9.878  -6.289  2.943   1.00 9.36  ? 1121 PRO A C   1 
ATOM   106  O  O   . PRO A 1 15  ? -9.130  -6.427  3.931   1.00 9.23  ? 1121 PRO A O   1 
ATOM   107  C  CB  . PRO A 1 15  ? -11.327 -8.328  2.644   1.00 8.50  ? 1121 PRO A CB  1 
ATOM   108  C  CG  . PRO A 1 15  ? -11.032 -9.650  2.118   1.00 8.52  ? 1121 PRO A CG  1 
ATOM   109  C  CD  . PRO A 1 15  ? -9.537  -9.716  2.136   1.00 8.24  ? 1121 PRO A CD  1 
ATOM   110  N  N   . ILE A 1 16  ? -10.461 -5.144  2.625   1.00 10.96 ? 1122 ILE A N   1 
ATOM   111  C  CA  . ILE A 1 16  ? -10.224 -3.984  3.402   1.00 11.85 ? 1122 ILE A CA  1 
ATOM   112  C  C   . ILE A 1 16  ? -10.922 -4.149  4.765   1.00 12.24 ? 1122 ILE A C   1 
ATOM   113  O  O   . ILE A 1 16  ? -12.111 -4.475  4.809   1.00 12.08 ? 1122 ILE A O   1 
ATOM   114  C  CB  . ILE A 1 16  ? -10.772 -2.713  2.702   1.00 13.22 ? 1122 ILE A CB  1 
ATOM   115  C  CG1 . ILE A 1 16  ? -10.152 -2.548  1.303   1.00 14.33 ? 1122 ILE A CG1 1 
ATOM   116  C  CG2 . ILE A 1 16  ? -10.519 -1.486  3.561   1.00 13.43 ? 1122 ILE A CG2 1 
ATOM   117  C  CD1 . ILE A 1 16  ? -10.952 -1.637  0.377   1.00 15.01 ? 1122 ILE A CD1 1 
ATOM   118  N  N   . PRO A 1 17  ? -10.212 -3.887  5.862   1.00 11.51 ? 1123 PRO A N   1 
ATOM   119  C  CA  . PRO A 1 17  ? -10.856 -3.901  7.182   1.00 11.74 ? 1123 PRO A CA  1 
ATOM   120  C  C   . PRO A 1 17  ? -12.065 -2.975  7.258   1.00 12.04 ? 1123 PRO A C   1 
ATOM   121  O  O   . PRO A 1 17  ? -12.093 -1.905  6.604   1.00 11.94 ? 1123 PRO A O   1 
ATOM   122  C  CB  . PRO A 1 17  ? -9.758  -3.419  8.124   1.00 11.94 ? 1123 PRO A CB  1 
ATOM   123  C  CG  . PRO A 1 17  ? -8.516  -3.717  7.373   1.00 11.71 ? 1123 PRO A CG  1 
ATOM   124  C  CD  . PRO A 1 17  ? -8.806  -3.484  5.963   1.00 11.90 ? 1123 PRO A CD  1 
ATOM   125  N  N   . ALA A 1 18  ? -13.080 -3.434  7.997   1.00 11.70 ? 1124 ALA A N   1 
ATOM   126  C  CA  . ALA A 1 18  ? -14.292 -2.656  8.180   1.00 12.01 ? 1124 ALA A CA  1 
ATOM   127  C  C   . ALA A 1 18  ? -14.040 -1.330  8.896   1.00 13.07 ? 1124 ALA A C   1 
ATOM   128  O  O   . ALA A 1 18  ? -14.793 -0.376  8.687   1.00 14.20 ? 1124 ALA A O   1 
ATOM   129  C  CB  . ALA A 1 18  ? -15.358 -3.493  8.916   1.00 11.34 ? 1124 ALA A CB  1 
ATOM   130  N  N   . ALA A 1 19  ? -13.003 -1.269  9.720   1.00 13.27 ? 1125 ALA A N   1 
ATOM   131  C  CA  . ALA A 1 19  ? -12.505 0.007   10.300  1.00 15.10 ? 1125 ALA A CA  1 
ATOM   132  C  C   . ALA A 1 19  ? -12.085 1.057   9.246   1.00 16.16 ? 1125 ALA A C   1 
ATOM   133  O  O   . ALA A 1 19  ? -12.026 2.272   9.563   1.00 17.04 ? 1125 ALA A O   1 
ATOM   134  C  CB  . ALA A 1 19  ? -11.353 -0.293  11.241  1.00 16.34 ? 1125 ALA A CB  1 
ATOM   135  N  N   . GLY A 1 20  ? -11.841 0.614   8.001   1.00 14.14 ? 1126 GLY A N   1 
ATOM   136  C  CA  . GLY A 1 20  ? -11.476 1.509   6.908   1.00 12.72 ? 1126 GLY A CA  1 
ATOM   137  C  C   . GLY A 1 20  ? -9.981  1.756   6.936   1.00 11.36 ? 1126 GLY A C   1 
ATOM   138  O  O   . GLY A 1 20  ? -9.240  1.068   7.624   1.00 10.82 ? 1126 GLY A O   1 
ATOM   139  N  N   . LEU A 1 21  ? -9.558  2.760   6.179   1.00 9.62  ? 1127 LEU A N   1 
ATOM   140  C  CA  . LEU A 1 21  ? -8.165  3.118   6.083   1.00 9.71  ? 1127 LEU A CA  1 
ATOM   141  C  C   . LEU A 1 21  ? -8.032  4.484   6.729   1.00 9.89  ? 1127 LEU A C   1 
ATOM   142  O  O   . LEU A 1 21  ? -8.942  5.318   6.662   1.00 11.17 ? 1127 LEU A O   1 
ATOM   143  C  CB  . LEU A 1 21  ? -7.748  3.227   4.620   1.00 9.08  ? 1127 LEU A CB  1 
ATOM   144  C  CG  . LEU A 1 21  ? -7.864  1.929   3.812   1.00 9.34  ? 1127 LEU A CG  1 
ATOM   145  C  CD1 . LEU A 1 21  ? -7.443  2.148   2.358   1.00 9.37  ? 1127 LEU A CD1 1 
ATOM   146  C  CD2 . LEU A 1 21  ? -7.058  0.825   4.426   1.00 9.50  ? 1127 LEU A CD2 1 
ATOM   147  N  N   . ASP A 1 22  ? -6.891  4.708   7.326   1.00 9.42  ? 1128 ASP A N   1 
ATOM   148  C  CA  . ASP A 1 22  ? -6.574  6.027   7.849   1.00 9.32  ? 1128 ASP A CA  1 
ATOM   149  C  C   . ASP A 1 22  ? -5.282  6.436   7.161   1.00 8.07  ? 1128 ASP A C   1 
ATOM   150  O  O   . ASP A 1 22  ? -4.229  5.932   7.518   1.00 7.84  ? 1128 ASP A O   1 
ATOM   151  C  CB  . ASP A 1 22  ? -6.416  5.942   9.349   1.00 10.36 ? 1128 ASP A CB  1 
ATOM   152  C  CG  . ASP A 1 22  ? -5.963  7.239   9.955   1.00 11.70 ? 1128 ASP A CG  1 
ATOM   153  O  OD1 . ASP A 1 22  ? -5.871  8.233   9.235   1.00 12.23 ? 1128 ASP A OD1 1 
ATOM   154  O  OD2 . ASP A 1 22  ? -5.656  7.207   11.151  1.00 15.00 ? 1128 ASP A OD2 1 
ATOM   155  N  N   . VAL A 1 23  ? -5.372  7.298   6.152   1.00 7.41  ? 1129 VAL A N   1 
ATOM   156  C  CA  . VAL A 1 23  ? -4.194  7.653   5.333   1.00 7.47  ? 1129 VAL A CA  1 
ATOM   157  C  C   . VAL A 1 23  ? -3.217  8.520   6.096   1.00 6.94  ? 1129 VAL A C   1 
ATOM   158  O  O   . VAL A 1 23  ? -2.095  8.711   5.620   1.00 6.67  ? 1129 VAL A O   1 
ATOM   159  C  CB  . VAL A 1 23  ? -4.485  8.315   3.939   1.00 8.41  ? 1129 VAL A CB  1 
ATOM   160  C  CG1 . VAL A 1 23  ? -5.554  7.539   3.132   1.00 8.48  ? 1129 VAL A CG1 1 
ATOM   161  C  CG2 . VAL A 1 23  ? -4.802  9.793   4.051   1.00 9.14  ? 1129 VAL A CG2 1 
ATOM   162  N  N   . THR A 1 24  ? -3.627  9.004   7.292   1.00 6.97  ? 1130 THR A N   1 
ATOM   163  C  CA  . THR A 1 24  ? -2.741  9.758   8.160   1.00 7.26  ? 1130 THR A CA  1 
ATOM   164  C  C   . THR A 1 24  ? -2.175  8.890   9.281   1.00 7.81  ? 1130 THR A C   1 
ATOM   165  O  O   . THR A 1 24  ? -1.496  9.395   10.181  1.00 7.92  ? 1130 THR A O   1 
ATOM   166  C  CB  . THR A 1 24  ? -3.439  10.972  8.794   1.00 7.41  ? 1130 THR A CB  1 
ATOM   167  O  OG1 . THR A 1 24  ? -4.460  10.583  9.719   1.00 7.52  ? 1130 THR A OG1 1 
ATOM   168  C  CG2 . THR A 1 24  ? -4.059  11.820  7.728   1.00 7.83  ? 1130 THR A CG2 1 
ATOM   169  N  N   . GLN A 1 25  ? -2.412  7.577   9.215   1.00 7.54  ? 1131 GLN A N   1 
ATOM   170  C  CA  . GLN A 1 25  ? -1.911  6.637   10.211  1.00 7.52  ? 1131 GLN A CA  1 
ATOM   171  C  C   . GLN A 1 25  ? -0.406  6.643   10.186  1.00 7.17  ? 1131 GLN A C   1 
ATOM   172  O  O   . GLN A 1 25  ? 0.227   6.658   9.083   1.00 7.17  ? 1131 GLN A O   1 
ATOM   173  C  CB  . GLN A 1 25  ? -2.401  5.209   9.910   1.00 7.97  ? 1131 GLN A CB  1 
ATOM   174  C  CG  . GLN A 1 25  ? -2.054  4.187   10.941  1.00 8.31  ? 1131 GLN A CG  1 
ATOM   175  C  CD  . GLN A 1 25  ? -2.734  2.860   10.710  1.00 8.67  ? 1131 GLN A CD  1 
ATOM   176  O  OE1 . GLN A 1 25  ? -3.787  2.803   10.081  1.00 9.42  ? 1131 GLN A OE1 1 
ATOM   177  N  NE2 . GLN A 1 25  ? -2.131  1.774   11.247  1.00 8.77  ? 1131 GLN A NE2 1 
ATOM   178  N  N   . PRO A 1 26  ? 0.206   6.626   11.373  1.00 6.94  ? 1132 PRO A N   1 
ATOM   179  C  CA  . PRO A 1 26  ? 1.656   6.653   11.334  1.00 6.59  ? 1132 PRO A CA  1 
ATOM   180  C  C   . PRO A 1 26  ? 2.266   5.296   11.080  1.00 5.97  ? 1132 PRO A C   1 
ATOM   181  O  O   . PRO A 1 26  ? 1.578   4.265   11.184  1.00 5.97  ? 1132 PRO A O   1 
ATOM   182  C  CB  . PRO A 1 26  ? 2.028   7.098   12.764  1.00 6.92  ? 1132 PRO A CB  1 
ATOM   183  C  CG  . PRO A 1 26  ? 0.945   6.631   13.605  1.00 7.05  ? 1132 PRO A CG  1 
ATOM   184  C  CD  . PRO A 1 26  ? -0.305  6.655   12.761  1.00 7.28  ? 1132 PRO A CD  1 
ATOM   185  N  N   . CYS A 1 27  ? 3.561   5.297   10.799  1.00 5.71  ? 1133 CYS A N   1 
ATOM   186  C  CA  . CYS A 1 27  ? 4.273   4.057   10.567  1.00 5.96  ? 1133 CYS A CA  1 
ATOM   187  C  C   . CYS A 1 27  ? 4.160   3.224   11.852  1.00 6.34  ? 1133 CYS A C   1 
ATOM   188  O  O   . CYS A 1 27  ? 4.427   3.741   12.960  1.00 6.31  ? 1133 CYS A O   1 
ATOM   189  C  CB  . CYS A 1 27  ? 5.718   4.307   10.242  1.00 5.63  ? 1133 CYS A CB  1 
ATOM   190  S  SG  . CYS A 1 27  ? 6.684   2.800   10.108  1.00 5.51  ? 1133 CYS A SG  1 
ATOM   191  N  N   . GLY A 1 28  ? 3.797   1.950   11.722  1.00 6.67  ? 1134 GLY A N   1 
ATOM   192  C  CA  . GLY A 1 28  ? 3.646   1.110   12.928  1.00 7.20  ? 1134 GLY A CA  1 
ATOM   193  C  C   . GLY A 1 28  ? 4.926   0.828   13.678  1.00 8.29  ? 1134 GLY A C   1 
ATOM   194  O  O   . GLY A 1 28  ? 4.893   0.401   14.853  1.00 9.34  ? 1134 GLY A O   1 
ATOM   195  N  N   A ASP A 1 29  ? 6.072   1.013   13.012  0.70 8.48  ? 1135 ASP A N   1 
ATOM   196  N  N   B ASP A 1 29  ? 6.064   1.112   13.049  0.30 7.95  ? 1135 ASP A N   1 
ATOM   197  C  CA  A ASP A 1 29  ? 7.375   0.851   13.666  0.70 8.91  ? 1135 ASP A CA  1 
ATOM   198  C  CA  B ASP A 1 29  ? 7.353   0.863   13.653  0.30 7.89  ? 1135 ASP A CA  1 
ATOM   199  C  C   A ASP A 1 29  ? 7.791   2.200   14.227  0.70 8.62  ? 1135 ASP A C   1 
ATOM   200  C  C   B ASP A 1 29  ? 8.058   2.119   14.166  0.30 7.85  ? 1135 ASP A C   1 
ATOM   201  O  O   A ASP A 1 29  ? 7.772   2.375   15.457  0.70 8.30  ? 1135 ASP A O   1 
ATOM   202  O  O   B ASP A 1 29  ? 8.613   2.128   15.275  0.30 7.61  ? 1135 ASP A O   1 
ATOM   203  C  CB  A ASP A 1 29  ? 8.431   0.274   12.709  0.70 9.65  ? 1135 ASP A CB  1 
ATOM   204  C  CB  B ASP A 1 29  ? 8.228   0.182   12.634  0.30 7.89  ? 1135 ASP A CB  1 
ATOM   205  C  CG  A ASP A 1 29  ? 8.200   -1.204  12.385  0.70 10.94 ? 1135 ASP A CG  1 
ATOM   206  C  CG  B ASP A 1 29  ? 9.519   -0.198  13.207  0.30 8.00  ? 1135 ASP A CG  1 
ATOM   207  O  OD1 A ASP A 1 29  ? 7.674   -1.967  13.240  0.70 12.16 ? 1135 ASP A OD1 1 
ATOM   208  O  OD1 B ASP A 1 29  ? 10.099  0.646   13.915  0.30 8.22  ? 1135 ASP A OD1 1 
ATOM   209  O  OD2 A ASP A 1 29  ? 8.566   -1.606  11.244  0.70 11.03 ? 1135 ASP A OD2 1 
ATOM   210  O  OD2 B ASP A 1 29  ? 9.924   -1.342  13.003  0.30 7.98  ? 1135 ASP A OD2 1 
ATOM   211  N  N   . CYS A 1 30  ? 8.071   3.170   13.358  1.00 7.64  ? 1136 CYS A N   1 
ATOM   212  C  CA  . CYS A 1 30  ? 8.748   4.437   13.745  1.00 7.58  ? 1136 CYS A CA  1 
ATOM   213  C  C   . CYS A 1 30  ? 7.836   5.618   14.045  1.00 7.92  ? 1136 CYS A C   1 
ATOM   214  O  O   . CYS A 1 30  ? 8.296   6.661   14.520  1.00 8.91  ? 1136 CYS A O   1 
ATOM   215  C  CB  . CYS A 1 30  ? 9.783   4.838   12.701  1.00 7.68  ? 1136 CYS A CB  1 
ATOM   216  S  SG  . CYS A 1 30  ? 9.143   5.424   11.117  1.00 6.91  ? 1136 CYS A SG  1 
ATOM   217  N  N   . GLY A 1 31  ? 6.558   5.473   13.754  1.00 7.65  ? 1137 GLY A N   1 
ATOM   218  C  CA  . GLY A 1 31  ? 5.593   6.521   13.987  1.00 7.57  ? 1137 GLY A CA  1 
ATOM   219  C  C   . GLY A 1 31  ? 5.651   7.711   13.076  1.00 7.19  ? 1137 GLY A C   1 
ATOM   220  O  O   . GLY A 1 31  ? 4.943   8.665   13.328  1.00 7.27  ? 1137 GLY A O   1 
ATOM   221  N  N   . THR A 1 32  ? 6.466   7.682   12.004  1.00 7.22  ? 1138 THR A N   1 
ATOM   222  C  CA  . THR A 1 32  ? 6.473   8.783   11.044  1.00 7.59  ? 1138 THR A CA  1 
ATOM   223  C  C   . THR A 1 32  ? 5.092   8.921   10.432  1.00 7.65  ? 1138 THR A C   1 
ATOM   224  O  O   . THR A 1 32  ? 4.403   7.937   10.225  1.00 7.41  ? 1138 THR A O   1 
ATOM   225  C  CB  . THR A 1 32  ? 7.538   8.679   9.923   1.00 7.68  ? 1138 THR A CB  1 
ATOM   226  O  OG1 . THR A 1 32  ? 7.513   9.848   9.067   1.00 8.24  ? 1138 THR A OG1 1 
ATOM   227  C  CG2 . THR A 1 32  ? 7.335   7.492   9.054   1.00 7.67  ? 1138 THR A CG2 1 
ATOM   228  N  N   . ILE A 1 33  ? 4.713   10.175  10.188  1.00 8.06  ? 1139 ILE A N   1 
ATOM   229  C  CA  . ILE A 1 33  ? 3.484   10.473  9.467   1.00 8.99  ? 1139 ILE A CA  1 
ATOM   230  C  C   . ILE A 1 33  ? 3.787   10.763  7.991   1.00 9.26  ? 1139 ILE A C   1 
ATOM   231  O  O   . ILE A 1 33  ? 2.898   11.130  7.298   1.00 10.43 ? 1139 ILE A O   1 
ATOM   232  C  CB  . ILE A 1 33  ? 2.673   11.605  10.138  1.00 10.39 ? 1139 ILE A CB  1 
ATOM   233  C  CG1 . ILE A 1 33  ? 3.495   12.866  10.257  1.00 11.63 ? 1139 ILE A CG1 1 
ATOM   234  C  CG2 . ILE A 1 33  ? 2.181   11.168  11.506  1.00 11.19 ? 1139 ILE A CG2 1 
ATOM   235  C  CD1 . ILE A 1 33  ? 2.671   14.133  10.496  1.00 12.60 ? 1139 ILE A CD1 1 
ATOM   236  N  N   . GLN A 1 34  ? 5.012   10.567  7.524   1.00 9.32  ? 1140 GLN A N   1 
ATOM   237  C  CA  . GLN A 1 34  ? 5.373   10.861  6.135   1.00 9.41  ? 1140 GLN A CA  1 
ATOM   238  C  C   . GLN A 1 34  ? 5.586   9.620   5.279   1.00 8.18  ? 1140 GLN A C   1 
ATOM   239  O  O   . GLN A 1 34  ? 6.234   8.688   5.714   1.00 8.44  ? 1140 GLN A O   1 
ATOM   240  C  CB  . GLN A 1 34  ? 6.710   11.566  6.071   1.00 10.59 ? 1140 GLN A CB  1 
ATOM   241  C  CG  . GLN A 1 34  ? 6.678   12.973  6.547   1.00 12.48 ? 1140 GLN A CG  1 
ATOM   242  C  CD  . GLN A 1 34  ? 7.806   13.764  5.942   1.00 13.46 ? 1140 GLN A CD  1 
ATOM   243  O  OE1 . GLN A 1 34  ? 7.740   14.269  4.784   1.00 15.96 ? 1140 GLN A OE1 1 
ATOM   244  N  NE2 . GLN A 1 34  ? 8.824   13.876  6.691   1.00 13.56 ? 1140 GLN A NE2 1 
ATOM   245  N  N   . GLU A 1 35  ? 5.149   9.695   4.031   1.00 7.76  ? 1141 GLU A N   1 
ATOM   246  C  CA  . GLU A 1 35  ? 5.461   8.704   2.989   1.00 7.06  ? 1141 GLU A CA  1 
ATOM   247  C  C   . GLU A 1 35  ? 5.179   7.295   3.435   1.00 6.67  ? 1141 GLU A C   1 
ATOM   248  O  O   . GLU A 1 35  ? 5.899   6.367   3.073   1.00 6.76  ? 1141 GLU A O   1 
ATOM   249  C  CB  . GLU A 1 35  ? 6.881   8.860   2.453   1.00 7.14  ? 1141 GLU A CB  1 
ATOM   250  C  CG  . GLU A 1 35  ? 6.988   10.152  1.660   1.00 7.46  ? 1141 GLU A CG  1 
ATOM   251  C  CD  . GLU A 1 35  ? 8.366   10.691  1.569   1.00 8.11  ? 1141 GLU A CD  1 
ATOM   252  O  OE1 . GLU A 1 35  ? 8.469   11.938  1.632   1.00 9.47  ? 1141 GLU A OE1 1 
ATOM   253  O  OE2 . GLU A 1 35  ? 9.337   9.911   1.471   1.00 7.09  ? 1141 GLU A OE2 1 
ATOM   254  N  N   . ASN A 1 36  ? 4.062   7.118   4.144   1.00 6.07  ? 1142 ASN A N   1 
ATOM   255  C  CA  . ASN A 1 36  ? 3.647   5.773   4.516   1.00 5.38  ? 1142 ASN A CA  1 
ATOM   256  C  C   . ASN A 1 36  ? 2.960   5.088   3.350   1.00 4.89  ? 1142 ASN A C   1 
ATOM   257  O  O   . ASN A 1 36  ? 2.452   5.727   2.407   1.00 4.59  ? 1142 ASN A O   1 
ATOM   258  C  CB  . ASN A 1 36  ? 2.767   5.804   5.762   1.00 5.56  ? 1142 ASN A CB  1 
ATOM   259  C  CG  . ASN A 1 36  ? 3.562   6.154   6.990   1.00 5.84  ? 1142 ASN A CG  1 
ATOM   260  O  OD1 . ASN A 1 36  ? 4.570   5.522   7.258   1.00 6.07  ? 1142 ASN A OD1 1 
ATOM   261  N  ND2 . ASN A 1 36  ? 3.098   7.158   7.764   1.00 5.88  ? 1142 ASN A ND2 1 
ATOM   262  N  N   . TRP A 1 37  ? 2.986   3.775   3.436   1.00 4.50  ? 1143 TRP A N   1 
ATOM   263  C  CA  . TRP A 1 37  ? 2.304   2.869   2.543   1.00 4.35  ? 1143 TRP A CA  1 
ATOM   264  C  C   . TRP A 1 37  ? 1.446   1.962   3.415   1.00 4.23  ? 1143 TRP A C   1 
ATOM   265  O  O   . TRP A 1 37  ? 1.710   1.732   4.640   1.00 4.23  ? 1143 TRP A O   1 
ATOM   266  C  CB  . TRP A 1 37  ? 3.302   2.019   1.755   1.00 4.48  ? 1143 TRP A CB  1 
ATOM   267  C  CG  . TRP A 1 37  ? 4.199   2.796   0.834   1.00 4.61  ? 1143 TRP A CG  1 
ATOM   268  C  CD1 . TRP A 1 37  ? 5.140   3.698   1.204   1.00 4.73  ? 1143 TRP A CD1 1 
ATOM   269  C  CD2 . TRP A 1 37  ? 4.245   2.732   -0.623  1.00 4.63  ? 1143 TRP A CD2 1 
ATOM   270  N  NE1 . TRP A 1 37  ? 5.788   4.214   0.065   1.00 4.91  ? 1143 TRP A NE1 1 
ATOM   271  C  CE2 . TRP A 1 37  ? 5.240   3.657   -1.053  1.00 4.64  ? 1143 TRP A CE2 1 
ATOM   272  C  CE3 . TRP A 1 37  ? 3.534   2.009   -1.582  1.00 4.49  ? 1143 TRP A CE3 1 
ATOM   273  C  CZ2 . TRP A 1 37  ? 5.558   3.850   -2.417  1.00 4.69  ? 1143 TRP A CZ2 1 
ATOM   274  C  CZ3 . TRP A 1 37  ? 3.835   2.190   -2.950  1.00 4.71  ? 1143 TRP A CZ3 1 
ATOM   275  C  CH2 . TRP A 1 37  ? 4.872   3.128   -3.344  1.00 4.57  ? 1143 TRP A CH2 1 
ATOM   276  N  N   . VAL A 1 38  ? 0.455   1.387   2.799   1.00 4.10  ? 1144 VAL A N   1 
ATOM   277  C  CA  . VAL A 1 38  ? -0.324  0.373   3.496   1.00 4.12  ? 1144 VAL A CA  1 
ATOM   278  C  C   . VAL A 1 38  ? -0.179  -0.965  2.773   1.00 4.04  ? 1144 VAL A C   1 
ATOM   279  O  O   . VAL A 1 38  ? -0.196  -1.030  1.535   1.00 4.04  ? 1144 VAL A O   1 
ATOM   280  C  CB  . VAL A 1 38  ? -1.783  0.813   3.684   1.00 4.01  ? 1144 VAL A CB  1 
ATOM   281  C  CG1 . VAL A 1 38  ? -2.464  1.129   2.355   1.00 4.05  ? 1144 VAL A CG1 1 
ATOM   282  C  CG2 . VAL A 1 38  ? -2.528  -0.192  4.560   1.00 4.08  ? 1144 VAL A CG2 1 
ATOM   283  N  N   . CYS A 1 39  ? -0.031  -2.020  3.561   1.00 4.04  ? 1145 CYS A N   1 
ATOM   284  C  CA  . CYS A 1 39  ? 0.127   -3.359  3.001   1.00 4.07  ? 1145 CYS A CA  1 
ATOM   285  C  C   . CYS A 1 39  ? -1.223  -3.847  2.566   1.00 3.98  ? 1145 CYS A C   1 
ATOM   286  O  O   . CYS A 1 39  ? -2.166  -3.829  3.348   1.00 3.45  ? 1145 CYS A O   1 
ATOM   287  C  CB  . CYS A 1 39  ? 0.677   -4.323  4.033   1.00 4.18  ? 1145 CYS A CB  1 
ATOM   288  S  SG  . CYS A 1 39  ? 0.891   -5.975  3.338   1.00 4.16  ? 1145 CYS A SG  1 
ATOM   289  N  N   . LEU A 1 40  ? -1.299  -4.268  1.302   1.00 3.99  ? 1146 LEU A N   1 
ATOM   290  C  CA  . LEU A 1 40  ? -2.540  -4.687  0.736   1.00 4.04  ? 1146 LEU A CA  1 
ATOM   291  C  C   . LEU A 1 40  ? -2.893  -6.120  1.109   1.00 4.08  ? 1146 LEU A C   1 
ATOM   292  O  O   . LEU A 1 40  ? -3.965  -6.545  0.770   1.00 4.25  ? 1146 LEU A O   1 
ATOM   293  C  CB  . LEU A 1 40  ? -2.583  -4.448  -0.781  1.00 4.06  ? 1146 LEU A CB  1 
ATOM   294  C  CG  . LEU A 1 40  ? -2.518  -2.988  -1.208  1.00 4.10  ? 1146 LEU A CG  1 
ATOM   295  C  CD1 . LEU A 1 40  ? -2.559  -2.890  -2.730  1.00 4.21  ? 1146 LEU A CD1 1 
ATOM   296  C  CD2 . LEU A 1 40  ? -3.584  -2.183  -0.522  1.00 4.16  ? 1146 LEU A CD2 1 
ATOM   297  N  N   . SER A 1 41  ? -2.031  -6.818  1.849   1.00 3.93  ? 1147 SER A N   1 
ATOM   298  C  CA  . SER A 1 41  ? -2.412  -8.092  2.483   1.00 4.16  ? 1147 SER A CA  1 
ATOM   299  C  C   . SER A 1 41  ? -2.914  -7.872  3.924   1.00 4.54  ? 1147 SER A C   1 
ATOM   300  O  O   . SER A 1 41  ? -4.029  -8.286  4.254   1.00 5.09  ? 1147 SER A O   1 
ATOM   301  C  CB  . SER A 1 41  ? -1.262  -9.090  2.444   1.00 4.04  ? 1147 SER A CB  1 
ATOM   302  O  OG  . SER A 1 41  ? -0.911  -9.459  1.104   1.00 3.93  ? 1147 SER A OG  1 
ATOM   303  N  N   . CYS A 1 42  ? -2.117  -7.271  4.801   1.00 4.52  ? 1148 CYS A N   1 
ATOM   304  C  CA  . CYS A 1 42  ? -2.487  -7.252  6.249   1.00 4.63  ? 1148 CYS A CA  1 
ATOM   305  C  C   . CYS A 1 42  ? -2.876  -5.872  6.801   1.00 4.66  ? 1148 CYS A C   1 
ATOM   306  O  O   . CYS A 1 42  ? -3.249  -5.743  7.978   1.00 4.43  ? 1148 CYS A O   1 
ATOM   307  C  CB  . CYS A 1 42  ? -1.384  -7.856  7.073   1.00 4.87  ? 1148 CYS A CB  1 
ATOM   308  S  SG  . CYS A 1 42  ? 0.050   -6.788  7.153   1.00 5.15  ? 1148 CYS A SG  1 
ATOM   309  N  N   . TYR A 1 43  ? -2.754  -4.856  5.949   1.00 4.65  ? 1149 TYR A N   1 
ATOM   310  C  CA  . TYR A 1 43  ? -3.212  -3.501  6.269   1.00 5.02  ? 1149 TYR A CA  1 
ATOM   311  C  C   . TYR A 1 43  ? -2.496  -2.812  7.382   1.00 5.21  ? 1149 TYR A C   1 
ATOM   312  O  O   . TYR A 1 43  ? -2.974  -1.809  7.909   1.00 5.59  ? 1149 TYR A O   1 
ATOM   313  C  CB  . TYR A 1 43  ? -4.740  -3.445  6.413   1.00 4.99  ? 1149 TYR A CB  1 
ATOM   314  C  CG  . TYR A 1 43  ? -5.344  -3.660  5.061   1.00 5.04  ? 1149 TYR A CG  1 
ATOM   315  C  CD1 . TYR A 1 43  ? -5.578  -2.576  4.190   1.00 5.21  ? 1149 TYR A CD1 1 
ATOM   316  C  CD2 . TYR A 1 43  ? -5.573  -4.934  4.585   1.00 5.34  ? 1149 TYR A CD2 1 
ATOM   317  C  CE1 . TYR A 1 43  ? -6.062  -2.777  2.916   1.00 5.40  ? 1149 TYR A CE1 1 
ATOM   318  C  CE2 . TYR A 1 43  ? -6.065  -5.145  3.297   1.00 5.34  ? 1149 TYR A CE2 1 
ATOM   319  C  CZ  . TYR A 1 43  ? -6.298  -4.074  2.463   1.00 5.37  ? 1149 TYR A CZ  1 
ATOM   320  O  OH  . TYR A 1 43  ? -6.811  -4.247  1.209   1.00 5.80  ? 1149 TYR A OH  1 
ATOM   321  N  N   . GLN A 1 44  ? -1.322  -3.310  7.690   1.00 5.68  ? 1150 GLN A N   1 
ATOM   322  C  CA  . GLN A 1 44  ? -0.421  -2.586  8.557   1.00 6.31  ? 1150 GLN A CA  1 
ATOM   323  C  C   . GLN A 1 44  ? 0.190   -1.456  7.729   1.00 5.54  ? 1150 GLN A C   1 
ATOM   324  O  O   . GLN A 1 44  ? 0.293   -1.509  6.477   1.00 4.97  ? 1150 GLN A O   1 
ATOM   325  C  CB  . GLN A 1 44  ? 0.618   -3.504  9.131   1.00 7.56  ? 1150 GLN A CB  1 
ATOM   326  C  CG  . GLN A 1 44  ? 0.038   -4.492  10.139  1.00 9.32  ? 1150 GLN A CG  1 
ATOM   327  C  CD  . GLN A 1 44  ? 1.111   -5.308  10.764  1.00 12.18 ? 1150 GLN A CD  1 
ATOM   328  O  OE1 . GLN A 1 44  ? 1.608   -4.955  11.830  1.00 19.78 ? 1150 GLN A OE1 1 
ATOM   329  N  NE2 . GLN A 1 44  ? 1.473   -6.403  10.139  1.00 16.03 ? 1150 GLN A NE2 1 
ATOM   330  N  N   . VAL A 1 45  ? 0.496   -0.377  8.430   1.00 5.12  ? 1151 VAL A N   1 
ATOM   331  C  CA  . VAL A 1 45  ? 0.982   0.822   7.789   1.00 5.08  ? 1151 VAL A CA  1 
ATOM   332  C  C   . VAL A 1 45  ? 2.393   1.022   8.219   1.00 5.03  ? 1151 VAL A C   1 
ATOM   333  O  O   . VAL A 1 45  ? 2.654   1.008   9.435   1.00 4.89  ? 1151 VAL A O   1 
ATOM   334  C  CB  . VAL A 1 45  ? 0.124   2.060   8.189   1.00 5.06  ? 1151 VAL A CB  1 
ATOM   335  C  CG1 . VAL A 1 45  ? 0.736   3.358   7.684   1.00 5.31  ? 1151 VAL A CG1 1 
ATOM   336  C  CG2 . VAL A 1 45  ? -1.255  1.892   7.635   1.00 5.04  ? 1151 VAL A CG2 1 
ATOM   337  N  N   . TYR A 1 46  ? 3.269   1.216   7.226   1.00 4.91  ? 1152 TYR A N   1 
ATOM   338  C  CA  . TYR A 1 46  ? 4.697   1.354   7.415   1.00 4.99  ? 1152 TYR A CA  1 
ATOM   339  C  C   . TYR A 1 46  ? 5.277   2.332   6.376   1.00 4.79  ? 1152 TYR A C   1 
ATOM   340  O  O   . TYR A 1 46  ? 4.773   2.480   5.247   1.00 4.65  ? 1152 TYR A O   1 
ATOM   341  C  CB  . TYR A 1 46  ? 5.395   -0.007  7.294   1.00 5.25  ? 1152 TYR A CB  1 
ATOM   342  C  CG  . TYR A 1 46  ? 5.047   -1.021  8.370   1.00 5.61  ? 1152 TYR A CG  1 
ATOM   343  C  CD1 . TYR A 1 46  ? 5.389   -0.813  9.712   1.00 5.98  ? 1152 TYR A CD1 1 
ATOM   344  C  CD2 . TYR A 1 46  ? 4.341   -2.190  8.060   1.00 5.87  ? 1152 TYR A CD2 1 
ATOM   345  C  CE1 . TYR A 1 46  ? 5.061   -1.742  10.702  1.00 6.22  ? 1152 TYR A CE1 1 
ATOM   346  C  CE2 . TYR A 1 46  ? 4.043   -3.120  9.040   1.00 6.40  ? 1152 TYR A CE2 1 
ATOM   347  C  CZ  . TYR A 1 46  ? 4.378   -2.881  10.363  1.00 6.58  ? 1152 TYR A CZ  1 
ATOM   348  O  OH  . TYR A 1 46  ? 4.088   -3.822  11.361  1.00 7.83  ? 1152 TYR A OH  1 
ATOM   349  N  N   . CYS A 1 47  ? 6.396   2.928   6.712   1.00 4.69  ? 1153 CYS A N   1 
ATOM   350  C  CA  . CYS A 1 47  ? 6.939   3.967   5.863   1.00 4.87  ? 1153 CYS A CA  1 
ATOM   351  C  C   . CYS A 1 47  ? 7.703   3.474   4.615   1.00 5.00  ? 1153 CYS A C   1 
ATOM   352  O  O   . CYS A 1 47  ? 8.219   2.329   4.537   1.00 4.78  ? 1153 CYS A O   1 
ATOM   353  C  CB  . CYS A 1 47  ? 7.794   4.887   6.708   1.00 4.89  ? 1153 CYS A CB  1 
ATOM   354  S  SG  . CYS A 1 47  ? 9.221   4.068   7.411   1.00 4.68  ? 1153 CYS A SG  1 
ATOM   355  N  N   . GLY A 1 48  ? 7.758   4.365   3.627   1.00 5.03  ? 1154 GLY A N   1 
ATOM   356  C  CA  . GLY A 1 48  ? 8.438   4.067   2.366   1.00 5.46  ? 1154 GLY A CA  1 
ATOM   357  C  C   . GLY A 1 48  ? 9.948   4.101   2.468   1.00 5.59  ? 1154 GLY A C   1 
ATOM   358  O  O   . GLY A 1 48  ? 10.521  4.499   3.489   1.00 5.82  ? 1154 GLY A O   1 
ATOM   359  N  N   . ARG A 1 49  ? 10.599  3.718   1.373   1.00 5.79  ? 1155 ARG A N   1 
ATOM   360  C  CA  . ARG A 1 49  ? 12.033  3.492   1.428   1.00 6.54  ? 1155 ARG A CA  1 
ATOM   361  C  C   . ARG A 1 49  ? 12.850  4.772   1.550   1.00 6.18  ? 1155 ARG A C   1 
ATOM   362  O  O   . ARG A 1 49  ? 14.010  4.690   1.900   1.00 6.72  ? 1155 ARG A O   1 
ATOM   363  C  CB  . ARG A 1 49  ? 12.526  2.594   0.275   1.00 7.44  ? 1155 ARG A CB  1 
ATOM   364  C  CG  . ARG A 1 49  ? 12.462  3.174   -1.132  1.00 8.55  ? 1155 ARG A CG  1 
ATOM   365  C  CD  . ARG A 1 49  ? 12.977  2.121   -2.117  1.00 9.27  ? 1155 ARG A CD  1 
ATOM   366  N  NE  . ARG A 1 49  ? 12.983  2.528   -3.534  1.00 9.63  ? 1155 ARG A NE  1 
ATOM   367  C  CZ  . ARG A 1 49  ? 13.729  1.978   -4.495  1.00 10.08 ? 1155 ARG A CZ  1 
ATOM   368  N  NH1 . ARG A 1 49  ? 13.664  2.448   -5.737  1.00 10.63 ? 1155 ARG A NH1 1 
ATOM   369  N  NH2 . ARG A 1 49  ? 14.589  0.969   -4.248  1.00 10.65 ? 1155 ARG A NH2 1 
ATOM   370  N  N   . TYR A 1 50  ? 12.264  5.917   1.268   1.00 6.08  ? 1156 TYR A N   1 
ATOM   371  C  CA  . TYR A 1 50  ? 12.941  7.199   1.427   1.00 6.47  ? 1156 TYR A CA  1 
ATOM   372  C  C   . TYR A 1 50  ? 12.772  7.737   2.842   1.00 6.80  ? 1156 TYR A C   1 
ATOM   373  O  O   . TYR A 1 50  ? 13.454  8.707   3.166   1.00 7.75  ? 1156 TYR A O   1 
ATOM   374  C  CB  . TYR A 1 50  ? 12.595  8.216   0.305   1.00 6.62  ? 1156 TYR A CB  1 
ATOM   375  C  CG  . TYR A 1 50  ? 12.980  7.647   -1.031  1.00 6.60  ? 1156 TYR A CG  1 
ATOM   376  C  CD1 . TYR A 1 50  ? 14.300  7.415   -1.354  1.00 6.75  ? 1156 TYR A CD1 1 
ATOM   377  C  CD2 . TYR A 1 50  ? 12.028  7.246   -1.942  1.00 6.85  ? 1156 TYR A CD2 1 
ATOM   378  C  CE1 . TYR A 1 50  ? 14.682  6.823   -2.557  1.00 7.03  ? 1156 TYR A CE1 1 
ATOM   379  C  CE2 . TYR A 1 50  ? 12.395  6.649   -3.161  1.00 7.18  ? 1156 TYR A CE2 1 
ATOM   380  C  CZ  . TYR A 1 50  ? 13.722  6.427   -3.454  1.00 7.62  ? 1156 TYR A CZ  1 
ATOM   381  O  OH  . TYR A 1 50  ? 14.096  5.807   -4.621  1.00 8.29  ? 1156 TYR A OH  1 
ATOM   382  N  N   . ILE A 1 51  ? 11.928  7.131   3.695   1.00 6.82  ? 1157 ILE A N   1 
ATOM   383  C  CA  . ILE A 1 51  ? 11.908  7.471   5.147   1.00 7.24  ? 1157 ILE A CA  1 
ATOM   384  C  C   . ILE A 1 51  ? 12.784  6.415   5.847   1.00 7.54  ? 1157 ILE A C   1 
ATOM   385  O  O   . ILE A 1 51  ? 13.994  6.521   5.707   1.00 7.73  ? 1157 ILE A O   1 
ATOM   386  C  CB  . ILE A 1 51  ? 10.486  7.594   5.719   1.00 7.36  ? 1157 ILE A CB  1 
ATOM   387  C  CG1 . ILE A 1 51  ? 9.652   8.545   4.850   1.00 7.51  ? 1157 ILE A CG1 1 
ATOM   388  C  CG2 . ILE A 1 51  ? 10.518  8.018   7.206   1.00 7.57  ? 1157 ILE A CG2 1 
ATOM   389  C  CD1 . ILE A 1 51  ? 10.132  9.971   4.813   1.00 7.48  ? 1157 ILE A CD1 1 
ATOM   390  N  N   . ASN A 1 52  ? 12.220  5.368   6.474   1.00 7.44  ? 1158 ASN A N   1 
ATOM   391  C  CA  . ASN A 1 52  ? 12.990  4.345   7.189   1.00 7.56  ? 1158 ASN A CA  1 
ATOM   392  C  C   . ASN A 1 52  ? 12.786  2.935   6.632   1.00 6.93  ? 1158 ASN A C   1 
ATOM   393  O  O   . ASN A 1 52  ? 13.355  1.961   7.156   1.00 7.49  ? 1158 ASN A O   1 
ATOM   394  C  CB  . ASN A 1 52  ? 12.600  4.379   8.649   1.00 8.51  ? 1158 ASN A CB  1 
ATOM   395  C  CG  . ASN A 1 52  ? 13.079  5.633   9.333   1.00 9.39  ? 1158 ASN A CG  1 
ATOM   396  O  OD1 . ASN A 1 52  ? 14.226  6.046   9.084   1.00 10.11 ? 1158 ASN A OD1 1 
ATOM   397  N  ND2 . ASN A 1 52  ? 12.244  6.250   10.151  1.00 9.36  ? 1158 ASN A ND2 1 
ATOM   398  N  N   . GLY A 1 53  ? 12.094  2.826   5.514   1.00 6.26  ? 1159 GLY A N   1 
ATOM   399  C  CA  . GLY A 1 53  ? 12.024  1.537   4.805   1.00 5.91  ? 1159 GLY A CA  1 
ATOM   400  C  C   . GLY A 1 53  ? 11.280  0.459   5.557   1.00 5.57  ? 1159 GLY A C   1 
ATOM   401  O  O   . GLY A 1 53  ? 11.519  -0.733  5.335   1.00 5.66  ? 1159 GLY A O   1 
ATOM   402  N  N   . HIS A 1 54  ? 10.363  0.839   6.431   1.00 5.22  ? 1160 HIS A N   1 
ATOM   403  C  CA  . HIS A 1 54  ? 9.641   -0.149  7.238   1.00 5.46  ? 1160 HIS A CA  1 
ATOM   404  C  C   . HIS A 1 54  ? 8.683   -0.966  6.428   1.00 5.34  ? 1160 HIS A C   1 
ATOM   405  O  O   . HIS A 1 54  ? 8.472   -2.134  6.771   1.00 5.94  ? 1160 HIS A O   1 
ATOM   406  C  CB  . HIS A 1 54  ? 9.019   0.439   8.475   1.00 5.91  ? 1160 HIS A CB  1 
ATOM   407  C  CG  . HIS A 1 54  ? 10.046  0.838   9.470   1.00 6.89  ? 1160 HIS A CG  1 
ATOM   408  N  ND1 . HIS A 1 54  ? 10.125  2.107   10.024  1.00 6.82  ? 1160 HIS A ND1 1 
ATOM   409  C  CD2 . HIS A 1 54  ? 11.082  0.125   9.976   1.00 7.06  ? 1160 HIS A CD2 1 
ATOM   410  C  CE1 . HIS A 1 54  ? 11.196  2.154   10.805  1.00 7.50  ? 1160 HIS A CE1 1 
ATOM   411  N  NE2 . HIS A 1 54  ? 11.778  0.959   10.820  1.00 7.51  ? 1160 HIS A NE2 1 
ATOM   412  N  N   . MET A 1 55  ? 8.128   -0.406  5.348   1.00 5.06  ? 1161 MET A N   1 
ATOM   413  C  CA  . MET A 1 55  ? 7.282   -1.231  4.498   1.00 4.88  ? 1161 MET A CA  1 
ATOM   414  C  C   . MET A 1 55  ? 8.115   -2.296  3.763   1.00 5.06  ? 1161 MET A C   1 
ATOM   415  O  O   . MET A 1 55  ? 7.711   -3.457  3.641   1.00 4.89  ? 1161 MET A O   1 
ATOM   416  C  CB  . MET A 1 55  ? 6.429   -0.455  3.500   1.00 4.65  ? 1161 MET A CB  1 
ATOM   417  C  CG  . MET A 1 55  ? 5.448   -1.389  2.849   1.00 4.42  ? 1161 MET A CG  1 
ATOM   418  S  SD  . MET A 1 55  ? 4.353   -2.244  4.027   1.00 4.25  ? 1161 MET A SD  1 
ATOM   419  C  CE  . MET A 1 55  ? 3.094   -0.992  4.264   1.00 4.35  ? 1161 MET A CE  1 
ATOM   420  N  N   . LEU A 1 56  ? 9.264   -1.912  3.224   1.00 5.38  ? 1162 LEU A N   1 
ATOM   421  C  CA  . LEU A 1 56  ? 10.190  -2.904  2.635   1.00 5.91  ? 1162 LEU A CA  1 
ATOM   422  C  C   . LEU A 1 56  ? 10.602  -3.995  3.634   1.00 5.89  ? 1162 LEU A C   1 
ATOM   423  O  O   . LEU A 1 56  ? 10.648  -5.203  3.287   1.00 5.73  ? 1162 LEU A O   1 
ATOM   424  C  CB  . LEU A 1 56  ? 11.402  -2.203  2.013   1.00 6.20  ? 1162 LEU A CB  1 
ATOM   425  C  CG  . LEU A 1 56  ? 12.438  -3.047  1.295   1.00 6.99  ? 1162 LEU A CG  1 
ATOM   426  C  CD1 . LEU A 1 56  ? 11.807  -3.939  0.226   1.00 7.07  ? 1162 LEU A CD1 1 
ATOM   427  C  CD2 . LEU A 1 56  ? 13.486  -2.111  0.674   1.00 7.79  ? 1162 LEU A CD2 1 
ATOM   428  N  N   . GLN A 1 57  ? 10.820  -3.601  4.879   1.00 6.25  ? 1163 GLN A N   1 
ATOM   429  C  CA  . GLN A 1 57  ? 11.066  -4.557  5.955   1.00 7.02  ? 1163 GLN A CA  1 
ATOM   430  C  C   . GLN A 1 57  ? 9.889   -5.482  6.174   1.00 6.10  ? 1163 GLN A C   1 
ATOM   431  O  O   . GLN A 1 57  ? 10.050  -6.688  6.350   1.00 5.93  ? 1163 GLN A O   1 
ATOM   432  C  CB  . GLN A 1 57  ? 11.358  -3.836  7.239   1.00 8.96  ? 1163 GLN A CB  1 
ATOM   433  C  CG  . GLN A 1 57  ? 11.749  -4.717  8.382   1.00 11.58 ? 1163 GLN A CG  1 
ATOM   434  C  CD  . GLN A 1 57  ? 12.081  -3.821  9.559   1.00 14.46 ? 1163 GLN A CD  1 
ATOM   435  O  OE1 . GLN A 1 57  ? 13.117  -3.242  9.574   1.00 20.71 ? 1163 GLN A OE1 1 
ATOM   436  N  NE2 . GLN A 1 57  ? 11.139  -3.620  10.446  1.00 17.52 ? 1163 GLN A NE2 1 
ATOM   437  N  N   . HIS A 1 58  ? 8.703   -4.913  6.197   1.00 5.48  ? 1164 HIS A N   1 
ATOM   438  C  CA  . HIS A 1 58  ? 7.533   -5.728  6.339   1.00 5.40  ? 1164 HIS A CA  1 
ATOM   439  C  C   . HIS A 1 58  ? 7.416   -6.707  5.197   1.00 5.18  ? 1164 HIS A C   1 
ATOM   440  O  O   . HIS A 1 58  ? 7.090   -7.895  5.447   1.00 5.37  ? 1164 HIS A O   1 
ATOM   441  C  CB  . HIS A 1 58  ? 6.319   -4.844  6.425   1.00 5.51  ? 1164 HIS A CB  1 
ATOM   442  C  CG  . HIS A 1 58  ? 5.055   -5.598  6.473   1.00 5.44  ? 1164 HIS A CG  1 
ATOM   443  N  ND1 . HIS A 1 58  ? 4.700   -6.349  7.572   1.00 5.66  ? 1164 HIS A ND1 1 
ATOM   444  C  CD2 . HIS A 1 58  ? 4.088   -5.761  5.553   1.00 5.64  ? 1164 HIS A CD2 1 
ATOM   445  C  CE1 . HIS A 1 58  ? 3.522   -6.911  7.326   1.00 5.92  ? 1164 HIS A CE1 1 
ATOM   446  N  NE2 . HIS A 1 58  ? 3.134   -6.579  6.109   1.00 5.38  ? 1164 HIS A NE2 1 
ATOM   447  N  N   . HIS A 1 59  ? 7.663   -6.255  3.957   1.00 5.07  ? 1165 HIS A N   1 
ATOM   448  C  CA  . HIS A 1 59  ? 7.702   -7.208  2.816   1.00 5.24  ? 1165 HIS A CA  1 
ATOM   449  C  C   . HIS A 1 59  ? 8.676   -8.361  3.103   1.00 5.57  ? 1165 HIS A C   1 
ATOM   450  O  O   . HIS A 1 59  ? 8.382   -9.522  2.833   1.00 5.67  ? 1165 HIS A O   1 
ATOM   451  C  CB  . HIS A 1 59  ? 8.088   -6.499  1.510   1.00 5.26  ? 1165 HIS A CB  1 
ATOM   452  C  CG  . HIS A 1 59  ? 8.489   -7.442  0.415   1.00 5.14  ? 1165 HIS A CG  1 
ATOM   453  N  ND1 . HIS A 1 59  ? 7.580   -8.243  -0.230  1.00 5.23  ? 1165 HIS A ND1 1 
ATOM   454  C  CD2 . HIS A 1 59  ? 9.708   -7.740  -0.111  1.00 5.24  ? 1165 HIS A CD2 1 
ATOM   455  C  CE1 . HIS A 1 59  ? 8.225   -9.005  -1.103  1.00 5.37  ? 1165 HIS A CE1 1 
ATOM   456  N  NE2 . HIS A 1 59  ? 9.519   -8.714  -1.049  1.00 5.35  ? 1165 HIS A NE2 1 
ATOM   457  N  N   . GLY A 1 60  ? 9.833   -8.039  3.631   1.00 5.71  ? 1166 GLY A N   1 
ATOM   458  C  CA  . GLY A 1 60  ? 10.856  -9.058  3.821   1.00 6.08  ? 1166 GLY A CA  1 
ATOM   459  C  C   . GLY A 1 60  ? 10.433  -10.048 4.893   1.00 6.33  ? 1166 GLY A C   1 
ATOM   460  O  O   . GLY A 1 60  ? 10.726  -11.267 4.763   1.00 7.11  ? 1166 GLY A O   1 
ATOM   461  N  N   . ASN A 1 61  ? 9.750   -9.588  5.948   1.00 6.70  ? 1167 ASN A N   1 
ATOM   462  C  CA  . ASN A 1 61  ? 9.423   -10.470 7.101   1.00 7.32  ? 1167 ASN A CA  1 
ATOM   463  C  C   . ASN A 1 61  ? 8.080   -11.158 7.077   1.00 7.15  ? 1167 ASN A C   1 
ATOM   464  O  O   . ASN A 1 61  ? 7.770   -12.042 7.966   1.00 7.81  ? 1167 ASN A O   1 
ATOM   465  C  CB  . ASN A 1 61  ? 9.644   -9.793  8.478   1.00 8.47  ? 1167 ASN A CB  1 
ATOM   466  C  CG  . ASN A 1 61  ? 8.628   -8.713  8.841   1.00 9.78  ? 1167 ASN A CG  1 
ATOM   467  O  OD1 . ASN A 1 61  ? 7.444   -8.841  8.632   1.00 11.42 ? 1167 ASN A OD1 1 
ATOM   468  N  ND2 . ASN A 1 61  ? 9.129   -7.637  9.459   1.00 11.36 ? 1167 ASN A ND2 1 
ATOM   469  N  N   . SER A 1 62  ? 7.268   -10.740 6.119   1.00 6.38  ? 1168 SER A N   1 
ATOM   470  C  CA  . SER A 1 62  ? 5.991   -11.360 5.863   1.00 5.83  ? 1168 SER A CA  1 
ATOM   471  C  C   . SER A 1 62  ? 5.908   -12.013 4.483   1.00 5.84  ? 1168 SER A C   1 
ATOM   472  O  O   . SER A 1 62  ? 5.083   -12.914 4.307   1.00 6.12  ? 1168 SER A O   1 
ATOM   473  C  CB  . SER A 1 62  ? 4.882   -10.322 5.955   1.00 5.91  ? 1168 SER A CB  1 
ATOM   474  O  OG  . SER A 1 62  ? 5.003   -9.340  4.938   1.00 5.77  ? 1168 SER A OG  1 
ATOM   475  N  N   . GLY A 1 63  ? 6.697   -11.524 3.514   1.00 5.26  ? 1169 GLY A N   1 
ATOM   476  C  CA  . GLY A 1 63  ? 6.561   -11.884 2.105   1.00 5.27  ? 1169 GLY A CA  1 
ATOM   477  C  C   . GLY A 1 63  ? 5.439   -11.159 1.409   1.00 5.16  ? 1169 GLY A C   1 
ATOM   478  O  O   . GLY A 1 63  ? 5.214   -11.396 0.215   1.00 5.11  ? 1169 GLY A O   1 
ATOM   479  N  N   . HIS A 1 64  ? 4.725   -10.262 2.105   1.00 4.79  ? 1170 HIS A N   1 
ATOM   480  C  CA  . HIS A 1 64  ? 3.539   -9.645  1.483   1.00 4.73  ? 1170 HIS A CA  1 
ATOM   481  C  C   . HIS A 1 64  ? 3.994   -8.820  0.251   1.00 4.58  ? 1170 HIS A C   1 
ATOM   482  O  O   . HIS A 1 64  ? 4.936   -8.044  0.320   1.00 4.64  ? 1170 HIS A O   1 
ATOM   483  C  CB  . HIS A 1 64  ? 2.751   -8.805  2.512   1.00 4.84  ? 1170 HIS A CB  1 
ATOM   484  C  CG  . HIS A 1 64  ? 2.113   -9.635  3.594   1.00 4.96  ? 1170 HIS A CG  1 
ATOM   485  N  ND1 . HIS A 1 64  ? 1.618   -9.112  4.770   1.00 5.23  ? 1170 HIS A ND1 1 
ATOM   486  C  CD2 . HIS A 1 64  ? 1.880   -10.970 3.650   1.00 5.09  ? 1170 HIS A CD2 1 
ATOM   487  C  CE1 . HIS A 1 64  ? 1.111   -10.099 5.505   1.00 5.28  ? 1170 HIS A CE1 1 
ATOM   488  N  NE2 . HIS A 1 64  ? 1.259   -11.238 4.849   1.00 4.91  ? 1170 HIS A NE2 1 
ATOM   489  N  N   . PRO A 1 65  ? 3.346   -8.991  -0.895  1.00 4.51  ? 1171 PRO A N   1 
ATOM   490  C  CA  . PRO A 1 65  ? 3.902   -8.439  -2.158  1.00 4.45  ? 1171 PRO A CA  1 
ATOM   491  C  C   . PRO A 1 65  ? 3.572   -6.993  -2.541  1.00 4.51  ? 1171 PRO A C   1 
ATOM   492  O  O   . PRO A 1 65  ? 4.395   -6.302  -3.124  1.00 4.24  ? 1171 PRO A O   1 
ATOM   493  C  CB  . PRO A 1 65  ? 3.266   -9.349  -3.220  1.00 4.60  ? 1171 PRO A CB  1 
ATOM   494  C  CG  . PRO A 1 65  ? 1.950   -9.726  -2.589  1.00 4.47  ? 1171 PRO A CG  1 
ATOM   495  C  CD  . PRO A 1 65  ? 2.296   -9.978  -1.154  1.00 4.41  ? 1171 PRO A CD  1 
ATOM   496  N  N   . LEU A 1 66  ? 2.355   -6.565  -2.250  1.00 4.65  ? 1172 LEU A N   1 
ATOM   497  C  CA  . LEU A 1 66  ? 1.803   -5.366  -2.845  1.00 4.85  ? 1172 LEU A CA  1 
ATOM   498  C  C   . LEU A 1 66  ? 1.474   -4.349  -1.747  1.00 4.76  ? 1172 LEU A C   1 
ATOM   499  O  O   . LEU A 1 66  ? 0.812   -4.678  -0.727  1.00 4.64  ? 1172 LEU A O   1 
ATOM   500  C  CB  . LEU A 1 66  ? 0.554   -5.685  -3.621  1.00 5.16  ? 1172 LEU A CB  1 
ATOM   501  C  CG  . LEU A 1 66  ? 0.832   -6.169  -5.068  1.00 5.45  ? 1172 LEU A CG  1 
ATOM   502  C  CD1 . LEU A 1 66  ? -0.219  -7.154  -5.501  1.00 5.69  ? 1172 LEU A CD1 1 
ATOM   503  C  CD2 . LEU A 1 66  ? 0.966   -4.995  -6.016  1.00 5.60  ? 1172 LEU A CD2 1 
ATOM   504  N  N   . VAL A 1 67  ? 1.896   -3.122  -2.014  1.00 4.51  ? 1173 VAL A N   1 
ATOM   505  C  CA  . VAL A 1 67  ? 1.705   -2.029  -1.098  1.00 4.61  ? 1173 VAL A CA  1 
ATOM   506  C  C   . VAL A 1 67  ? 1.192   -0.813  -1.841  1.00 4.84  ? 1173 VAL A C   1 
ATOM   507  O  O   . VAL A 1 67  ? 1.560   -0.609  -3.017  1.00 4.38  ? 1173 VAL A O   1 
ATOM   508  C  CB  . VAL A 1 67  ? 2.984   -1.712  -0.355  1.00 4.64  ? 1173 VAL A CB  1 
ATOM   509  C  CG1 . VAL A 1 67  ? 3.354   -2.911  0.505   1.00 4.82  ? 1173 VAL A CG1 1 
ATOM   510  C  CG2 . VAL A 1 67  ? 4.130   -1.382  -1.325  1.00 4.74  ? 1173 VAL A CG2 1 
ATOM   511  N  N   . LEU A 1 68  ? 0.404   -0.017  -1.124  1.00 5.00  ? 1174 LEU A N   1 
ATOM   512  C  CA  . LEU A 1 68  ? -0.242  1.175   -1.658  1.00 5.17  ? 1174 LEU A CA  1 
ATOM   513  C  C   . LEU A 1 68  ? 0.285   2.450   -1.023  1.00 5.04  ? 1174 LEU A C   1 
ATOM   514  O  O   . LEU A 1 68  ? 0.316   2.547   0.212   1.00 4.81  ? 1174 LEU A O   1 
ATOM   515  C  CB  . LEU A 1 68  ? -1.717  1.066   -1.400  1.00 5.65  ? 1174 LEU A CB  1 
ATOM   516  C  CG  . LEU A 1 68  ? -2.549  2.258   -1.823  1.00 6.29  ? 1174 LEU A CG  1 
ATOM   517  C  CD1 . LEU A 1 68  ? -2.615  2.305   -3.324  1.00 6.78  ? 1174 LEU A CD1 1 
ATOM   518  C  CD2 . LEU A 1 68  ? -3.957  2.193   -1.265  1.00 6.56  ? 1174 LEU A CD2 1 
ATOM   519  N  N   . SER A 1 69  ? 0.700   3.414   -1.856  1.00 4.98  ? 1175 SER A N   1 
ATOM   520  C  CA  . SER A 1 69  ? 1.294   4.639   -1.346  1.00 5.25  ? 1175 SER A CA  1 
ATOM   521  C  C   . SER A 1 69  ? 0.236   5.583   -0.833  1.00 5.26  ? 1175 SER A C   1 
ATOM   522  O  O   . SER A 1 69  ? -0.670  5.911   -1.557  1.00 5.05  ? 1175 SER A O   1 
ATOM   523  C  CB  . SER A 1 69  ? 2.069   5.338   -2.476  1.00 5.51  ? 1175 SER A CB  1 
ATOM   524  O  OG  . SER A 1 69  ? 2.431   6.642   -2.115  1.00 5.82  ? 1175 SER A OG  1 
ATOM   525  N  N   . TYR A 1 70  ? 0.405   6.127   0.386   1.00 5.64  ? 1176 TYR A N   1 
ATOM   526  C  CA  . TYR A 1 70  ? -0.536  7.149   0.849   1.00 6.22  ? 1176 TYR A CA  1 
ATOM   527  C  C   . TYR A 1 70  ? -0.195  8.542   0.266   1.00 7.34  ? 1176 TYR A C   1 
ATOM   528  O  O   . TYR A 1 70  ? -0.964  9.488   0.464   1.00 8.38  ? 1176 TYR A O   1 
ATOM   529  C  CB  . TYR A 1 70  ? -0.615  7.125   2.381   1.00 5.97  ? 1176 TYR A CB  1 
ATOM   530  C  CG  . TYR A 1 70  ? -1.492  6.007   2.993   1.00 5.69  ? 1176 TYR A CG  1 
ATOM   531  C  CD1 . TYR A 1 70  ? -2.496  5.400   2.266   1.00 5.79  ? 1176 TYR A CD1 1 
ATOM   532  C  CD2 . TYR A 1 70  ? -1.339  5.625   4.316   1.00 5.82  ? 1176 TYR A CD2 1 
ATOM   533  C  CE1 . TYR A 1 70  ? -3.349  4.475   2.840   1.00 5.80  ? 1176 TYR A CE1 1 
ATOM   534  C  CE2 . TYR A 1 70  ? -2.184  4.682   4.878   1.00 5.62  ? 1176 TYR A CE2 1 
ATOM   535  C  CZ  . TYR A 1 70  ? -3.167  4.097   4.122   1.00 5.80  ? 1176 TYR A CZ  1 
ATOM   536  O  OH  . TYR A 1 70  ? -4.014  3.171   4.689   1.00 5.86  ? 1176 TYR A OH  1 
ATOM   537  N  N   . ILE A 1 71  ? 0.926   8.656   -0.460  1.00 7.34  ? 1177 ILE A N   1 
ATOM   538  C  CA  . ILE A 1 71  ? 1.260   9.897   -1.198  1.00 8.51  ? 1177 ILE A CA  1 
ATOM   539  C  C   . ILE A 1 71  ? 0.444   10.062  -2.456  1.00 8.27  ? 1177 ILE A C   1 
ATOM   540  O  O   . ILE A 1 71  ? -0.207  11.111  -2.670  1.00 8.22  ? 1177 ILE A O   1 
ATOM   541  C  CB  . ILE A 1 71  ? 2.771   9.979   -1.571  1.00 9.55  ? 1177 ILE A CB  1 
ATOM   542  C  CG1 . ILE A 1 71  ? 3.648   10.153  -0.327  1.00 10.60 ? 1177 ILE A CG1 1 
ATOM   543  C  CG2 . ILE A 1 71  ? 3.045   11.102  -2.587  1.00 10.27 ? 1177 ILE A CG2 1 
ATOM   544  C  CD1 . ILE A 1 71  ? 3.630   11.521  0.284   1.00 11.09 ? 1177 ILE A CD1 1 
ATOM   545  N  N   . ASP A 1 72  ? 0.453   9.039   -3.296  1.00 7.73  ? 1178 ASP A N   1 
ATOM   546  C  CA  . ASP A 1 72  ? -0.148  9.186   -4.622  1.00 8.44  ? 1178 ASP A CA  1 
ATOM   547  C  C   . ASP A 1 72  ? -1.026  8.030   -5.029  1.00 7.95  ? 1178 ASP A C   1 
ATOM   548  O  O   . ASP A 1 72  ? -1.491  7.983   -6.177  1.00 7.68  ? 1178 ASP A O   1 
ATOM   549  C  CB  . ASP A 1 72  ? 0.932   9.427   -5.682  1.00 8.96  ? 1178 ASP A CB  1 
ATOM   550  C  CG  . ASP A 1 72  ? 1.761   8.195   -5.983  1.00 9.96  ? 1178 ASP A CG  1 
ATOM   551  O  OD1 . ASP A 1 72  ? 1.636   7.167   -5.324  1.00 9.70  ? 1178 ASP A OD1 1 
ATOM   552  O  OD2 . ASP A 1 72  ? 2.547   8.258   -6.946  1.00 14.75 ? 1178 ASP A OD2 1 
ATOM   553  N  N   . LEU A 1 73  ? -1.257  7.113   -4.096  1.00 7.33  ? 1179 LEU A N   1 
ATOM   554  C  CA  . LEU A 1 73  ? -2.131  5.983   -4.284  1.00 7.96  ? 1179 LEU A CA  1 
ATOM   555  C  C   . LEU A 1 73  ? -1.732  5.066   -5.413  1.00 7.47  ? 1179 LEU A C   1 
ATOM   556  O  O   . LEU A 1 73  ? -2.570  4.394   -5.985  1.00 7.96  ? 1179 LEU A O   1 
ATOM   557  C  CB  . LEU A 1 73  ? -3.577  6.425   -4.405  1.00 9.04  ? 1179 LEU A CB  1 
ATOM   558  C  CG  . LEU A 1 73  ? -4.017  7.432   -3.335  1.00 10.11 ? 1179 LEU A CG  1 
ATOM   559  C  CD1 . LEU A 1 73  ? -5.449  7.831   -3.628  1.00 11.19 ? 1179 LEU A CD1 1 
ATOM   560  C  CD2 . LEU A 1 73  ? -3.894  6.854   -1.951  1.00 10.25 ? 1179 LEU A CD2 1 
ATOM   561  N  N   A SER A 1 74  ? -0.451  5.014   -5.727  0.60 7.44  ? 1180 SER A N   1 
ATOM   562  N  N   B SER A 1 74  ? -0.439  4.992   -5.697  0.40 7.19  ? 1180 SER A N   1 
ATOM   563  C  CA  A SER A 1 74  ? 0.063   4.008   -6.654  0.60 7.26  ? 1180 SER A CA  1 
ATOM   564  C  CA  B SER A 1 74  ? 0.094   4.010   -6.634  0.40 6.88  ? 1180 SER A CA  1 
ATOM   565  C  C   A SER A 1 74  ? 0.298   2.718   -5.871  0.60 6.84  ? 1180 SER A C   1 
ATOM   566  C  C   B SER A 1 74  ? 0.377   2.715   -5.879  0.40 6.63  ? 1180 SER A C   1 
ATOM   567  O  O   A SER A 1 74  ? 0.470   2.757   -4.635  0.60 6.90  ? 1180 SER A O   1 
ATOM   568  O  O   B SER A 1 74  ? 0.702   2.749   -4.679  0.40 6.70  ? 1180 SER A O   1 
ATOM   569  C  CB  A SER A 1 74  ? 1.336   4.505   -7.338  0.60 7.75  ? 1180 SER A CB  1 
ATOM   570  C  CB  B SER A 1 74  ? 1.364   4.543   -7.291  0.40 7.01  ? 1180 SER A CB  1 
ATOM   571  O  OG  A SER A 1 74  ? 2.348   4.786   -6.414  0.60 8.80  ? 1180 SER A OG  1 
ATOM   572  O  OG  B SER A 1 74  ? 1.045   5.468   -8.323  0.40 7.22  ? 1180 SER A OG  1 
ATOM   573  N  N   . ALA A 1 75  ? 0.237   1.592   -6.582  1.00 6.33  ? 1181 ALA A N   1 
ATOM   574  C  CA  . ALA A 1 75  ? 0.487   0.261   -6.034  1.00 5.93  ? 1181 ALA A CA  1 
ATOM   575  C  C   . ALA A 1 75  ? 1.769   -0.272  -6.612  1.00 5.42  ? 1181 ALA A C   1 
ATOM   576  O  O   . ALA A 1 75  ? 1.960   -0.343  -7.841  1.00 4.83  ? 1181 ALA A O   1 
ATOM   577  C  CB  . ALA A 1 75  ? -0.635  -0.680  -6.352  1.00 5.93  ? 1181 ALA A CB  1 
ATOM   578  N  N   . TRP A 1 76  ? 2.660   -0.676  -5.711  1.00 4.85  ? 1182 TRP A N   1 
ATOM   579  C  CA  . TRP A 1 76  ? 3.930   -1.258  -6.127  1.00 4.75  ? 1182 TRP A CA  1 
ATOM   580  C  C   . TRP A 1 76  ? 3.970   -2.716  -5.714  1.00 4.48  ? 1182 TRP A C   1 
ATOM   581  O  O   . TRP A 1 76  ? 3.597   -3.027  -4.522  1.00 4.10  ? 1182 TRP A O   1 
ATOM   582  C  CB  . TRP A 1 76  ? 5.054   -0.509  -5.432  1.00 4.96  ? 1182 TRP A CB  1 
ATOM   583  C  CG  . TRP A 1 76  ? 6.389   -0.971  -5.801  1.00 5.08  ? 1182 TRP A CG  1 
ATOM   584  C  CD1 . TRP A 1 76  ? 7.191   -1.815  -5.104  1.00 5.22  ? 1182 TRP A CD1 1 
ATOM   585  C  CD2 . TRP A 1 76  ? 7.095   -0.647  -7.013  1.00 5.22  ? 1182 TRP A CD2 1 
ATOM   586  N  NE1 . TRP A 1 76  ? 8.376   -1.981  -5.780  1.00 5.29  ? 1182 TRP A NE1 1 
ATOM   587  C  CE2 . TRP A 1 76  ? 8.326   -1.323  -6.966  1.00 5.50  ? 1182 TRP A CE2 1 
ATOM   588  C  CE3 . TRP A 1 76  ? 6.804   0.161   -8.127  1.00 5.48  ? 1182 TRP A CE3 1 
ATOM   589  C  CZ2 . TRP A 1 76  ? 9.278   -1.202  -7.976  1.00 5.57  ? 1182 TRP A CZ2 1 
ATOM   590  C  CZ3 . TRP A 1 76  ? 7.753   0.277   -9.121  1.00 5.62  ? 1182 TRP A CZ3 1 
ATOM   591  C  CH2 . TRP A 1 76  ? 8.970   -0.406  -9.028  1.00 5.80  ? 1182 TRP A CH2 1 
ATOM   592  N  N   . CYS A 1 77  ? 4.440   -3.582  -6.620  1.00 4.30  ? 1183 CYS A N   1 
ATOM   593  C  CA  . CYS A 1 77  ? 4.704   -4.968  -6.314  1.00 4.39  ? 1183 CYS A CA  1 
ATOM   594  C  C   . CYS A 1 77  ? 6.192   -5.150  -6.145  1.00 4.50  ? 1183 CYS A C   1 
ATOM   595  O  O   . CYS A 1 77  ? 6.947   -4.961  -7.093  1.00 4.29  ? 1183 CYS A O   1 
ATOM   596  C  CB  . CYS A 1 77  ? 4.253   -5.916  -7.380  1.00 4.48  ? 1183 CYS A CB  1 
ATOM   597  S  SG  . CYS A 1 77  ? 4.641   -7.635  -6.956  1.00 4.30  ? 1183 CYS A SG  1 
ATOM   598  N  N   . TYR A 1 78  ? 6.568   -5.581  -4.947  1.00 4.54  ? 1184 TYR A N   1 
ATOM   599  C  CA  . TYR A 1 78  ? 7.984   -5.758  -4.627  1.00 4.83  ? 1184 TYR A CA  1 
ATOM   600  C  C   . TYR A 1 78  ? 8.599   -6.889  -5.456  1.00 5.29  ? 1184 TYR A C   1 
ATOM   601  O  O   . TYR A 1 78  ? 9.726   -6.794  -5.854  1.00 6.08  ? 1184 TYR A O   1 
ATOM   602  C  CB  . TYR A 1 78  ? 8.143   -6.052  -3.120  1.00 4.79  ? 1184 TYR A CB  1 
ATOM   603  C  CG  . TYR A 1 78  ? 7.936   -4.879  -2.214  1.00 4.88  ? 1184 TYR A CG  1 
ATOM   604  C  CD1 . TYR A 1 78  ? 8.831   -3.801  -2.237  1.00 5.11  ? 1184 TYR A CD1 1 
ATOM   605  C  CD2 . TYR A 1 78  ? 6.881   -4.827  -1.311  1.00 4.94  ? 1184 TYR A CD2 1 
ATOM   606  C  CE1 . TYR A 1 78  ? 8.687   -2.740  -1.387  1.00 5.14  ? 1184 TYR A CE1 1 
ATOM   607  C  CE2 . TYR A 1 78  ? 6.739   -3.742  -0.458  1.00 5.04  ? 1184 TYR A CE2 1 
ATOM   608  C  CZ  . TYR A 1 78  ? 7.642   -2.725  -0.489  1.00 5.16  ? 1184 TYR A CZ  1 
ATOM   609  O  OH  . TYR A 1 78  ? 7.500   -1.673  0.387   1.00 5.83  ? 1184 TYR A OH  1 
ATOM   610  N  N   . TYR A 1 79  ? 7.846   -7.948  -5.746  1.00 5.27  ? 1185 TYR A N   1 
ATOM   611  C  CA  . TYR A 1 79  ? 8.390   -9.038  -6.513  1.00 5.55  ? 1185 TYR A CA  1 
ATOM   612  C  C   . TYR A 1 79  ? 8.564   -8.664  -8.029  1.00 5.83  ? 1185 TYR A C   1 
ATOM   613  O  O   . TYR A 1 79  ? 9.624   -8.904  -8.645  1.00 5.56  ? 1185 TYR A O   1 
ATOM   614  C  CB  . TYR A 1 79  ? 7.506   -10.253 -6.372  1.00 5.97  ? 1185 TYR A CB  1 
ATOM   615  C  CG  . TYR A 1 79  ? 7.433   -10.894 -4.989  1.00 6.60  ? 1185 TYR A CG  1 
ATOM   616  C  CD1 . TYR A 1 79  ? 8.411   -11.780 -4.561  1.00 7.48  ? 1185 TYR A CD1 1 
ATOM   617  C  CD2 . TYR A 1 79  ? 6.347   -10.692 -4.154  1.00 7.04  ? 1185 TYR A CD2 1 
ATOM   618  C  CE1 . TYR A 1 79  ? 8.339   -12.383 -3.292  1.00 8.46  ? 1185 TYR A CE1 1 
ATOM   619  C  CE2 . TYR A 1 79  ? 6.239   -11.296 -2.902  1.00 7.66  ? 1185 TYR A CE2 1 
ATOM   620  C  CZ  . TYR A 1 79  ? 7.204   -12.163 -2.475  1.00 8.14  ? 1185 TYR A CZ  1 
ATOM   621  O  OH  . TYR A 1 79  ? 7.052   -12.710 -1.204  1.00 9.09  ? 1185 TYR A OH  1 
ATOM   622  N  N   . CYS A 1 80  ? 7.515   -8.090  -8.615  1.00 5.49  ? 1186 CYS A N   1 
ATOM   623  C  CA  . CYS A 1 80  ? 7.575   -7.689  -10.032 1.00 5.84  ? 1186 CYS A CA  1 
ATOM   624  C  C   . CYS A 1 80  ? 8.407   -6.417  -10.300 1.00 6.40  ? 1186 CYS A C   1 
ATOM   625  O  O   . CYS A 1 80  ? 8.752   -6.120  -11.493 1.00 6.26  ? 1186 CYS A O   1 
ATOM   626  C  CB  . CYS A 1 80  ? 6.188   -7.521  -10.560 1.00 5.51  ? 1186 CYS A CB  1 
ATOM   627  S  SG  . CYS A 1 80  ? 5.244   -9.085  -10.527 1.00 5.26  ? 1186 CYS A SG  1 
ATOM   628  N  N   . GLN A 1 81  ? 8.677   -5.673  -9.232  1.00 7.33  ? 1187 GLN A N   1 
ATOM   629  C  CA  . GLN A 1 81  ? 9.425   -4.435  -9.321  1.00 8.83  ? 1187 GLN A CA  1 
ATOM   630  C  C   . GLN A 1 81  ? 8.769   -3.494  -10.354 1.00 7.77  ? 1187 GLN A C   1 
ATOM   631  O  O   . GLN A 1 81  ? 9.394   -2.993  -11.319 1.00 7.50  ? 1187 GLN A O   1 
ATOM   632  C  CB  . GLN A 1 81  ? 10.872  -4.722  -9.721  1.00 11.79 ? 1187 GLN A CB  1 
ATOM   633  C  CG  . GLN A 1 81  ? 11.514  -5.866  -9.007  1.00 15.57 ? 1187 GLN A CG  1 
ATOM   634  C  CD  . GLN A 1 81  ? 12.920  -6.135  -9.546  1.00 20.61 ? 1187 GLN A CD  1 
ATOM   635  O  OE1 . GLN A 1 81  ? 13.801  -5.288  -9.402  1.00 29.99 ? 1187 GLN A OE1 1 
ATOM   636  N  NE2 . GLN A 1 81  ? 13.134  -7.307  -10.164 1.00 25.38 ? 1187 GLN A NE2 1 
ATOM   637  N  N   . ALA A 1 82  ? 7.489   -3.306  -10.161 1.00 6.90  ? 1188 ALA A N   1 
ATOM   638  C  CA  . ALA A 1 82  ? 6.722   -2.475  -11.043 1.00 6.85  ? 1188 ALA A CA  1 
ATOM   639  C  C   . ALA A 1 82  ? 5.508   -1.952  -10.355 1.00 6.39  ? 1188 ALA A C   1 
ATOM   640  O  O   . ALA A 1 82  ? 4.991   -2.542  -9.368  1.00 6.16  ? 1188 ALA A O   1 
ATOM   641  C  CB  . ALA A 1 82  ? 6.297   -3.243  -12.279 1.00 7.01  ? 1188 ALA A CB  1 
ATOM   642  N  N   . TYR A 1 83  ? 5.026   -0.847  -10.895 1.00 6.54  ? 1189 TYR A N   1 
ATOM   643  C  CA  . TYR A 1 83  ? 3.719   -0.395  -10.533 1.00 7.27  ? 1189 TYR A CA  1 
ATOM   644  C  C   . TYR A 1 83  ? 2.729   -1.283  -11.228 1.00 6.89  ? 1189 TYR A C   1 
ATOM   645  O  O   . TYR A 1 83  ? 3.001   -1.792  -12.333 1.00 7.04  ? 1189 TYR A O   1 
ATOM   646  C  CB  . TYR A 1 83  ? 3.472   0.984   -11.071 1.00 8.52  ? 1189 TYR A CB  1 
ATOM   647  C  CG  . TYR A 1 83  ? 4.136   2.110   -10.370 1.00 10.20 ? 1189 TYR A CG  1 
ATOM   648  C  CD1 . TYR A 1 83  ? 3.875   2.379   -9.054  1.00 10.82 ? 1189 TYR A CD1 1 
ATOM   649  C  CD2 . TYR A 1 83  ? 4.896   3.003   -11.093 1.00 11.61 ? 1189 TYR A CD2 1 
ATOM   650  C  CE1 . TYR A 1 83  ? 4.415   3.518   -8.438  1.00 12.13 ? 1189 TYR A CE1 1 
ATOM   651  C  CE2 . TYR A 1 83  ? 5.424   4.131   -10.507 1.00 12.71 ? 1189 TYR A CE2 1 
ATOM   652  C  CZ  . TYR A 1 83  ? 5.151   4.403   -9.196  1.00 12.94 ? 1189 TYR A CZ  1 
ATOM   653  O  OH  . TYR A 1 83  ? 5.717   5.542   -8.633  1.00 15.43 ? 1189 TYR A OH  1 
ATOM   654  N  N   . VAL A 1 84  ? 1.581   -1.475  -10.580 1.00 6.00  ? 1190 VAL A N   1 
ATOM   655  C  CA  . VAL A 1 84  ? 0.560   -2.338  -11.118 1.00 6.03  ? 1190 VAL A CA  1 
ATOM   656  C  C   . VAL A 1 84  ? -0.701  -1.512  -11.114 1.00 6.19  ? 1190 VAL A C   1 
ATOM   657  O  O   . VAL A 1 84  ? -0.999  -0.810  -10.153 1.00 6.42  ? 1190 VAL A O   1 
ATOM   658  C  CB  . VAL A 1 84  ? 0.402   -3.639  -10.303 1.00 5.78  ? 1190 VAL A CB  1 
ATOM   659  C  CG1 . VAL A 1 84  ? -0.667  -4.510  -10.906 1.00 5.71  ? 1190 VAL A CG1 1 
ATOM   660  C  CG2 . VAL A 1 84  ? 1.733   -4.355  -10.238 1.00 5.75  ? 1190 VAL A CG2 1 
ATOM   661  N  N   . HIS A 1 85  ? -1.429  -1.583  -12.222 1.00 6.66  ? 1191 HIS A N   1 
ATOM   662  C  CA  . HIS A 1 85  ? -2.755  -1.070  -12.329 1.00 7.08  ? 1191 HIS A CA  1 
ATOM   663  C  C   . HIS A 1 85  ? -3.625  -2.260  -12.647 1.00 6.77  ? 1191 HIS A C   1 
ATOM   664  O  O   . HIS A 1 85  ? -3.365  -3.013  -13.585 1.00 6.85  ? 1191 HIS A O   1 
ATOM   665  C  CB  . HIS A 1 85  ? -2.894  -0.020  -13.432 1.00 7.81  ? 1191 HIS A CB  1 
ATOM   666  C  CG  . HIS A 1 85  ? -2.134  1.213   -13.143 1.00 8.61  ? 1191 HIS A CG  1 
ATOM   667  N  ND1 . HIS A 1 85  ? -2.643  2.240   -12.387 1.00 9.45  ? 1191 HIS A ND1 1 
ATOM   668  C  CD2 . HIS A 1 85  ? -0.863  1.552   -13.443 1.00 9.74  ? 1191 HIS A CD2 1 
ATOM   669  C  CE1 . HIS A 1 85  ? -1.736  3.192   -12.285 1.00 9.59  ? 1191 HIS A CE1 1 
ATOM   670  N  NE2 . HIS A 1 85  ? -0.640  2.801   -12.907 1.00 10.38 ? 1191 HIS A NE2 1 
ATOM   671  N  N   . HIS A 1 86  ? -4.656  -2.455  -11.849 1.00 6.52  ? 1192 HIS A N   1 
ATOM   672  C  CA  . HIS A 1 86  ? -5.582  -3.511  -12.146 1.00 6.50  ? 1192 HIS A CA  1 
ATOM   673  C  C   . HIS A 1 86  ? -6.883  -3.207  -11.451 1.00 6.71  ? 1192 HIS A C   1 
ATOM   674  O  O   . HIS A 1 86  ? -6.910  -2.569  -10.407 1.00 6.07  ? 1192 HIS A O   1 
ATOM   675  C  CB  . HIS A 1 86  ? -5.044  -4.851  -11.662 1.00 6.48  ? 1192 HIS A CB  1 
ATOM   676  C  CG  . HIS A 1 86  ? -5.815  -6.011  -12.172 1.00 6.35  ? 1192 HIS A CG  1 
ATOM   677  N  ND1 . HIS A 1 86  ? -6.906  -6.506  -11.513 1.00 6.45  ? 1192 HIS A ND1 1 
ATOM   678  C  CD2 . HIS A 1 86  ? -5.636  -6.794  -13.265 1.00 6.32  ? 1192 HIS A CD2 1 
ATOM   679  C  CE1 . HIS A 1 86  ? -7.405  -7.522  -12.205 1.00 6.87  ? 1192 HIS A CE1 1 
ATOM   680  N  NE2 . HIS A 1 86  ? -6.643  -7.725  -13.267 1.00 6.42  ? 1192 HIS A NE2 1 
ATOM   681  N  N   . GLN A 1 87  ? -7.960  -3.712  -12.025 1.00 7.46  ? 1193 GLN A N   1 
ATOM   682  C  CA  . GLN A 1 87  ? -9.271  -3.639  -11.371 1.00 8.25  ? 1193 GLN A CA  1 
ATOM   683  C  C   . GLN A 1 87  ? -9.295  -4.054  -9.881  1.00 7.68  ? 1193 GLN A C   1 
ATOM   684  O  O   . GLN A 1 87  ? -10.009 -3.474  -9.052  1.00 6.89  ? 1193 GLN A O   1 
ATOM   685  C  CB  . GLN A 1 87  ? -10.238 -4.500  -12.171 1.00 10.76 ? 1193 GLN A CB  1 
ATOM   686  C  CG  . GLN A 1 87  ? -11.631 -4.542  -11.625 1.00 13.39 ? 1193 GLN A CG  1 
ATOM   687  C  CD  . GLN A 1 87  ? -12.581 -5.162  -12.607 1.00 16.14 ? 1193 GLN A CD  1 
ATOM   688  O  OE1 . GLN A 1 87  ? -12.197 -5.543  -13.737 1.00 20.21 ? 1193 GLN A OE1 1 
ATOM   689  N  NE2 . GLN A 1 87  ? -13.851 -5.176  -12.233 1.00 21.74 ? 1193 GLN A NE2 1 
ATOM   690  N  N   . ALA A 1 88  ? -8.468  -5.012  -9.508  1.00 6.72  ? 1194 ALA A N   1 
ATOM   691  C  CA  . ALA A 1 88  ? -8.462  -5.533  -8.129  1.00 6.68  ? 1194 ALA A CA  1 
ATOM   692  C  C   . ALA A 1 88  ? -7.993  -4.504  -7.119  1.00 6.49  ? 1194 ALA A C   1 
ATOM   693  O  O   . ALA A 1 88  ? -8.196  -4.674  -5.923  1.00 6.44  ? 1194 ALA A O   1 
ATOM   694  C  CB  . ALA A 1 88  ? -7.553  -6.736  -8.054  1.00 6.55  ? 1194 ALA A CB  1 
ATOM   695  N  N   . LEU A 1 89  ? -7.332  -3.462  -7.616  1.00 6.35  ? 1195 LEU A N   1 
ATOM   696  C  CA  . LEU A 1 89  ? -6.803  -2.410  -6.775  1.00 6.36  ? 1195 LEU A CA  1 
ATOM   697  C  C   . LEU A 1 89  ? -7.721  -1.204  -6.694  1.00 6.23  ? 1195 LEU A C   1 
ATOM   698  O  O   . LEU A 1 89  ? -7.457  -0.301  -5.911  1.00 6.35  ? 1195 LEU A O   1 
ATOM   699  C  CB  . LEU A 1 89  ? -5.452  -1.962  -7.351  1.00 6.45  ? 1195 LEU A CB  1 
ATOM   700  C  CG  . LEU A 1 89  ? -4.403  -3.048  -7.463  1.00 6.65  ? 1195 LEU A CG  1 
ATOM   701  C  CD1 . LEU A 1 89  ? -3.145  -2.561  -8.199  1.00 6.71  ? 1195 LEU A CD1 1 
ATOM   702  C  CD2 . LEU A 1 89  ? -4.143  -3.605  -6.067  1.00 7.32  ? 1195 LEU A CD2 1 
ATOM   703  N  N   . LEU A 1 90  ? -8.772  -1.144  -7.502  1.00 6.36  ? 1196 LEU A N   1 
ATOM   704  C  CA  . LEU A 1 90  ? -9.554  0.090   -7.561  1.00 6.66  ? 1196 LEU A CA  1 
ATOM   705  C  C   . LEU A 1 90  ? -10.262 0.405   -6.256  1.00 7.09  ? 1196 LEU A C   1 
ATOM   706  O  O   . LEU A 1 90  ? -10.325 1.574   -5.855  1.00 7.25  ? 1196 LEU A O   1 
ATOM   707  C  CB  . LEU A 1 90  ? -10.539 0.085   -8.743  1.00 6.36  ? 1196 LEU A CB  1 
ATOM   708  C  CG  . LEU A 1 90  ? -9.859  0.256   -10.112 1.00 6.35  ? 1196 LEU A CG  1 
ATOM   709  C  CD1 . LEU A 1 90  ? -10.838 -0.097  -11.210 1.00 6.53  ? 1196 LEU A CD1 1 
ATOM   710  C  CD2 . LEU A 1 90  ? -9.334  1.691   -10.300 1.00 6.24  ? 1196 LEU A CD2 1 
ATOM   711  N  N   A ASP A 1 91  ? -10.822 -0.590  -5.584  0.60 7.49  ? 1197 ASP A N   1 
ATOM   712  N  N   B ASP A 1 91  ? -10.795 -0.613  -5.592  0.40 7.47  ? 1197 ASP A N   1 
ATOM   713  C  CA  A ASP A 1 91  ? -11.540 -0.275  -4.338  0.60 8.22  ? 1197 ASP A CA  1 
ATOM   714  C  CA  B ASP A 1 91  ? -11.542 -0.363  -4.368  0.40 8.04  ? 1197 ASP A CA  1 
ATOM   715  C  C   A ASP A 1 91  ? -10.662 0.288   -3.248  0.60 7.43  ? 1197 ASP A C   1 
ATOM   716  C  C   B ASP A 1 91  ? -10.708 0.224   -3.236  0.40 7.44  ? 1197 ASP A C   1 
ATOM   717  O  O   A ASP A 1 91  ? -10.947 1.366   -2.656  0.60 7.26  ? 1197 ASP A O   1 
ATOM   718  O  O   B ASP A 1 91  ? -11.095 1.216   -2.573  0.40 7.45  ? 1197 ASP A O   1 
ATOM   719  C  CB  A ASP A 1 91  ? -12.261 -1.485  -3.821  0.60 9.37  ? 1197 ASP A CB  1 
ATOM   720  C  CB  B ASP A 1 91  ? -12.186 -1.620  -3.869  0.40 8.97  ? 1197 ASP A CB  1 
ATOM   721  C  CG  A ASP A 1 91  ? -13.535 -1.731  -4.550  0.60 10.39 ? 1197 ASP A CG  1 
ATOM   722  C  CG  B ASP A 1 91  ? -13.279 -1.315  -2.931  0.40 9.92  ? 1197 ASP A CG  1 
ATOM   723  O  OD1 A ASP A 1 91  ? -13.981 -0.872  -5.329  0.60 12.72 ? 1197 ASP A OD1 1 
ATOM   724  O  OD1 B ASP A 1 91  ? -14.329 -0.891  -3.418  0.40 11.62 ? 1197 ASP A OD1 1 
ATOM   725  O  OD2 A ASP A 1 91  ? -14.108 -2.776  -4.282  0.60 12.55 ? 1197 ASP A OD2 1 
ATOM   726  O  OD2 B ASP A 1 91  ? -13.071 -1.413  -1.723  0.40 10.88 ? 1197 ASP A OD2 1 
ATOM   727  N  N   . VAL A 1 92  ? -9.566  -0.394  -2.992  1.00 7.13  ? 1198 VAL A N   1 
ATOM   728  C  CA  . VAL A 1 92  ? -8.675  0.104   -1.983  1.00 6.81  ? 1198 VAL A CA  1 
ATOM   729  C  C   . VAL A 1 92  ? -8.130  1.487   -2.339  1.00 6.64  ? 1198 VAL A C   1 
ATOM   730  O  O   . VAL A 1 92  ? -8.018  2.349   -1.464  1.00 6.04  ? 1198 VAL A O   1 
ATOM   731  C  CB  . VAL A 1 92  ? -7.620  -0.939  -1.606  1.00 6.76  ? 1198 VAL A CB  1 
ATOM   732  C  CG1 . VAL A 1 92  ? -6.589  -1.137  -2.726  1.00 6.88  ? 1198 VAL A CG1 1 
ATOM   733  C  CG2 . VAL A 1 92  ? -6.995  -0.557  -0.263  1.00 6.40  ? 1198 VAL A CG2 1 
ATOM   734  N  N   . LYS A 1 93  ? -7.787  1.710   -3.618  1.00 6.57  ? 1199 LYS A N   1 
ATOM   735  C  CA  . LYS A 1 93  ? -7.301  3.002   -4.091  1.00 6.74  ? 1199 LYS A CA  1 
ATOM   736  C  C   . LYS A 1 93  ? -8.346  4.062   -3.881  1.00 6.91  ? 1199 LYS A C   1 
ATOM   737  O  O   . LYS A 1 93  ? -8.053  5.175   -3.440  1.00 7.30  ? 1199 LYS A O   1 
ATOM   738  C  CB  . LYS A 1 93  ? -6.880  2.959   -5.582  1.00 6.85  ? 1199 LYS A CB  1 
ATOM   739  C  CG  . LYS A 1 93  ? -5.517  2.318   -5.835  1.00 6.97  ? 1199 LYS A CG  1 
ATOM   740  C  CD  . LYS A 1 93  ? -5.126  2.338   -7.310  1.00 7.00  ? 1199 LYS A CD  1 
ATOM   741  C  CE  . LYS A 1 93  ? -3.710  1.783   -7.495  1.00 7.37  ? 1199 LYS A CE  1 
ATOM   742  N  NZ  . LYS A 1 93  ? -3.147  2.138   -8.825  1.00 7.40  ? 1199 LYS A NZ  1 
ATOM   743  N  N   . ASN A 1 94  ? -9.581  3.725   -4.141  1.00 7.07  ? 1200 ASN A N   1 
ATOM   744  C  CA  . ASN A 1 94  ? -10.647 4.717   -3.968  1.00 7.69  ? 1200 ASN A CA  1 
ATOM   745  C  C   . ASN A 1 94  ? -10.999 5.016   -2.506  1.00 7.40  ? 1200 ASN A C   1 
ATOM   746  O  O   . ASN A 1 94  ? -11.204 6.191   -2.178  1.00 7.32  ? 1200 ASN A O   1 
ATOM   747  C  CB  . ASN A 1 94  ? -11.833 4.373   -4.816  1.00 8.45  ? 1200 ASN A CB  1 
ATOM   748  C  CG  . ASN A 1 94  ? -12.666 5.594   -5.146  1.00 9.27  ? 1200 ASN A CG  1 
ATOM   749  O  OD1 . ASN A 1 94  ? -13.809 5.712   -4.626  1.00 11.26 ? 1200 ASN A OD1 1 
ATOM   750  N  ND2 . ASN A 1 94  ? -12.120 6.529   -5.953  1.00 8.40  ? 1200 ASN A ND2 1 
ATOM   751  N  N   A ILE A 1 95  ? -11.035 4.009   -1.635  0.50 7.32  ? 1201 ILE A N   1 
ATOM   752  N  N   B ILE A 1 95  ? -11.043 3.996   -1.644  0.50 7.17  ? 1201 ILE A N   1 
ATOM   753  C  CA  A ILE A 1 95  ? -11.259 4.241   -0.211  0.50 7.63  ? 1201 ILE A CA  1 
ATOM   754  C  CA  B ILE A 1 95  ? -11.236 4.177   -0.205  0.50 7.37  ? 1201 ILE A CA  1 
ATOM   755  C  C   A ILE A 1 95  ? -10.115 5.091   0.347   0.50 7.49  ? 1201 ILE A C   1 
ATOM   756  C  C   B ILE A 1 95  ? -10.121 5.089   0.323   0.50 7.34  ? 1201 ILE A C   1 
ATOM   757  O  O   A ILE A 1 95  ? -10.351 6.050   1.111   0.50 7.36  ? 1201 ILE A O   1 
ATOM   758  O  O   B ILE A 1 95  ? -10.379 6.090   1.028   0.50 7.21  ? 1201 ILE A O   1 
ATOM   759  C  CB  A ILE A 1 95  ? -11.423 2.932   0.585   0.50 8.04  ? 1201 ILE A CB  1 
ATOM   760  C  CB  B ILE A 1 95  ? -11.235 2.820   0.549   0.50 7.57  ? 1201 ILE A CB  1 
ATOM   761  C  CG1 A ILE A 1 95  ? -12.731 2.268   0.178   0.50 8.41  ? 1201 ILE A CG1 1 
ATOM   762  C  CG1 B ILE A 1 95  ? -12.478 2.012   0.187   0.50 7.72  ? 1201 ILE A CG1 1 
ATOM   763  C  CG2 A ILE A 1 95  ? -11.409 3.218   2.085   0.50 8.20  ? 1201 ILE A CG2 1 
ATOM   764  C  CG2 B ILE A 1 95  ? -11.152 3.033   2.059   0.50 7.70  ? 1201 ILE A CG2 1 
ATOM   765  C  CD1 A ILE A 1 95  ? -12.992 0.964   0.883   0.50 8.67  ? 1201 ILE A CD1 1 
ATOM   766  C  CD1 B ILE A 1 95  ? -13.788 2.632   0.639   0.50 7.74  ? 1201 ILE A CD1 1 
ATOM   767  N  N   . ALA A 1 96  ? -8.887  4.799   -0.088  1.00 7.16  ? 1202 ALA A N   1 
ATOM   768  C  CA  . ALA A 1 96  ? -7.784  5.642   0.290   1.00 7.20  ? 1202 ALA A CA  1 
ATOM   769  C  C   . ALA A 1 96  ? -7.932  7.069   -0.227  1.00 7.38  ? 1202 ALA A C   1 
ATOM   770  O  O   . ALA A 1 96  ? -7.738  8.020   0.547   1.00 7.20  ? 1202 ALA A O   1 
ATOM   771  C  CB  . ALA A 1 96  ? -6.458  5.039   -0.164  1.00 7.32  ? 1202 ALA A CB  1 
ATOM   772  N  N   . HIS A 1 97  ? -8.282  7.226   -1.509  1.00 7.32  ? 1203 HIS A N   1 
ATOM   773  C  CA  . HIS A 1 97  ? -8.442  8.556   -2.123  1.00 8.51  ? 1203 HIS A CA  1 
ATOM   774  C  C   . HIS A 1 97  ? -9.506  9.334   -1.391  1.00 8.98  ? 1203 HIS A C   1 
ATOM   775  O  O   . HIS A 1 97  ? -9.332  10.511  -1.111  1.00 8.35  ? 1203 HIS A O   1 
ATOM   776  C  CB  . HIS A 1 97  ? -8.806  8.453   -3.612  1.00 9.10  ? 1203 HIS A CB  1 
ATOM   777  C  CG  . HIS A 1 97  ? -8.549  9.718   -4.375  1.00 10.30 ? 1203 HIS A CG  1 
ATOM   778  N  ND1 . HIS A 1 97  ? -9.392  10.801  -4.322  1.00 11.44 ? 1203 HIS A ND1 1 
ATOM   779  C  CD2 . HIS A 1 97  ? -7.511  10.090  -5.166  1.00 11.17 ? 1203 HIS A CD2 1 
ATOM   780  C  CE1 . HIS A 1 97  ? -8.894  11.774  -5.060  1.00 11.05 ? 1203 HIS A CE1 1 
ATOM   781  N  NE2 . HIS A 1 97  ? -7.759  11.367  -5.589  1.00 11.95 ? 1203 HIS A NE2 1 
ATOM   782  N  N   . GLN A 1 98  ? -10.586 8.671   -1.032  1.00 9.18  ? 1204 GLN A N   1 
ATOM   783  C  CA  . GLN A 1 98  ? -11.679 9.373   -0.311  1.00 10.69 ? 1204 GLN A CA  1 
ATOM   784  C  C   . GLN A 1 98  ? -11.236 9.825   1.063   1.00 9.74  ? 1204 GLN A C   1 
ATOM   785  O  O   . GLN A 1 98  ? -11.523 10.951  1.455   1.00 9.49  ? 1204 GLN A O   1 
ATOM   786  C  CB  . GLN A 1 98  ? -12.889 8.487   -0.183  1.00 11.88 ? 1204 GLN A CB  1 
ATOM   787  C  CG  . GLN A 1 98  ? -13.528 8.363   -1.535  1.00 13.68 ? 1204 GLN A CG  1 
ATOM   788  C  CD  . GLN A 1 98  ? -14.675 7.423   -1.521  1.00 15.92 ? 1204 GLN A CD  1 
ATOM   789  O  OE1 . GLN A 1 98  ? -14.724 6.489   -0.697  1.00 16.16 ? 1204 GLN A OE1 1 
ATOM   790  N  NE2 . GLN A 1 98  ? -15.597 7.615   -2.487  1.00 18.58 ? 1204 GLN A NE2 1 
ATOM   791  N  N   . ASN A 1 99  ? -10.508 8.972   1.782   1.00 9.28  ? 1205 ASN A N   1 
ATOM   792  C  CA  . ASN A 1 99  ? -10.056 9.341   3.117   1.00 9.41  ? 1205 ASN A CA  1 
ATOM   793  C  C   . ASN A 1 99  ? -9.035  10.466  3.006   1.00 8.91  ? 1205 ASN A C   1 
ATOM   794  O  O   . ASN A 1 99  ? -9.065  11.412  3.806   1.00 8.32  ? 1205 ASN A O   1 
ATOM   795  C  CB  . ASN A 1 99  ? -9.548  8.130   3.913   1.00 10.14 ? 1205 ASN A CB  1 
ATOM   796  C  CG  . ASN A 1 99  ? -9.062  8.489   5.326   1.00 11.86 ? 1205 ASN A CG  1 
ATOM   797  O  OD1 . ASN A 1 99  ? -7.863  8.532   5.578   1.00 13.15 ? 1205 ASN A OD1 1 
ATOM   798  N  ND2 . ASN A 1 99  ? -9.986  8.801   6.241   1.00 11.66 ? 1205 ASN A ND2 1 
ATOM   799  N  N   . LYS A 1 100 ? -8.162  10.367  2.001   1.00 8.22  ? 1206 LYS A N   1 
ATOM   800  C  CA  . LYS A 1 100 ? -7.110  11.359  1.797   1.00 8.41  ? 1206 LYS A CA  1 
ATOM   801  C  C   . LYS A 1 100 ? -7.632  12.729  1.416   1.00 8.96  ? 1206 LYS A C   1 
ATOM   802  O  O   . LYS A 1 100 ? -7.216  13.730  1.992   1.00 9.01  ? 1206 LYS A O   1 
ATOM   803  C  CB  . LYS A 1 100 ? -6.112  10.885  0.746   1.00 7.75  ? 1206 LYS A CB  1 
ATOM   804  C  CG  . LYS A 1 100 ? -4.904  11.784  0.620   1.00 7.89  ? 1206 LYS A CG  1 
ATOM   805  C  CD  . LYS A 1 100 ? -3.855  11.180  -0.295  1.00 7.56  ? 1206 LYS A CD  1 
ATOM   806  C  CE  . LYS A 1 100 ? -2.671  12.058  -0.563  1.00 7.42  ? 1206 LYS A CE  1 
ATOM   807  N  NZ  . LYS A 1 100 ? -1.746  12.132  0.600   1.00 7.46  ? 1206 LYS A NZ  1 
ATOM   808  N  N   . PHE A 1 101 ? -8.514  12.781  0.418   1.00 9.42  ? 1207 PHE A N   1 
ATOM   809  C  CA  . PHE A 1 101 ? -8.897  14.070  -0.169  1.00 10.32 ? 1207 PHE A CA  1 
ATOM   810  C  C   . PHE A 1 101 ? -10.212 14.576  0.406   1.00 11.63 ? 1207 PHE A C   1 
ATOM   811  O  O   . PHE A 1 101 ? -10.677 15.659  0.030   1.00 12.66 ? 1207 PHE A O   1 
ATOM   812  C  CB  . PHE A 1 101 ? -8.889  13.972  -1.705  1.00 10.13 ? 1207 PHE A CB  1 
ATOM   813  C  CG  . PHE A 1 101 ? -7.495  13.817  -2.267  1.00 10.68 ? 1207 PHE A CG  1 
ATOM   814  C  CD1 . PHE A 1 101 ? -6.624  14.887  -2.301  1.00 11.18 ? 1207 PHE A CD1 1 
ATOM   815  C  CD2 . PHE A 1 101 ? -7.000  12.579  -2.670  1.00 10.27 ? 1207 PHE A CD2 1 
ATOM   816  C  CE1 . PHE A 1 101 ? -5.325  14.736  -2.763  1.00 11.16 ? 1207 PHE A CE1 1 
ATOM   817  C  CE2 . PHE A 1 101 ? -5.704  12.438  -3.138  1.00 10.67 ? 1207 PHE A CE2 1 
ATOM   818  C  CZ  . PHE A 1 101 ? -4.868  13.509  -3.183  1.00 11.22 ? 1207 PHE A CZ  1 
ATOM   819  N  N   . GLY A 1 102 ? -10.774 13.835  1.369   1.00 13.78 ? 1208 GLY A N   1 
ATOM   820  C  CA  . GLY A 1 102 ? -11.935 14.277  2.102   1.00 14.73 ? 1208 GLY A CA  1 
ATOM   821  C  C   . GLY A 1 102 ? -13.163 14.250  1.240   1.00 17.28 ? 1208 GLY A C   1 
ATOM   822  O  O   . GLY A 1 102 ? -13.982 15.176  1.290   1.00 18.40 ? 1208 GLY A O   1 
ATOM   823  N  N   . GLU A 1 103 ? -13.274 13.191  0.442   1.00 16.32 ? 1209 GLU A N   1 
ATOM   824  C  CA  . GLU A 1 103 ? -14.437 12.970  -0.395  1.00 18.58 ? 1209 GLU A CA  1 
ATOM   825  C  C   . GLU A 1 103 ? -15.518 12.222  0.375   1.00 21.13 ? 1209 GLU A C   1 
ATOM   826  O  O   . GLU A 1 103 ? -16.683 12.361  -0.037  1.00 24.31 ? 1209 GLU A O   1 
ATOM   827  C  CB  . GLU A 1 103 ? -14.042 12.205  -1.664  1.00 18.35 ? 1209 GLU A CB  1 
ATOM   828  C  CG  . GLU A 1 103 ? -13.117 13.016  -2.560  1.00 18.03 ? 1209 GLU A CG  1 
ATOM   829  C  CD  . GLU A 1 103 ? -12.472 12.204  -3.679  1.00 20.56 ? 1209 GLU A CD  1 
ATOM   830  O  OE1 . GLU A 1 103 ? -12.644 10.963  -3.641  1.00 19.65 ? 1209 GLU A OE1 1 
ATOM   831  O  OE2 . GLU A 1 103 ? -11.790 12.815  -4.568  1.00 19.13 ? 1209 GLU A OE2 1 
HETATM 832  ZN ZN  . ZN  B 2 .   ? 1.417   -7.147  5.274   1.00 5.87  ? 1301 ZN  A ZN  1 
HETATM 833  ZN ZN  . ZN  C 2 .   ? 8.788   3.672   9.662   1.00 6.75  ? 1302 ZN  A ZN  1 
HETATM 834  ZN ZN  . ZN  D 2 .   ? 3.836   -8.899  -8.698  1.00 5.52  ? 1303 ZN  A ZN  1 
HETATM 835  C  C13 . 9ZV E 3 .   ? 7.800   3.727   -7.343  1.00 9.99  ? 1304 9ZV A C13 1 
HETATM 836  N  N2  . 9ZV E 3 .   ? 8.502   2.248   -5.615  1.00 8.11  ? 1304 9ZV A N2  1 
HETATM 837  C  C17 . 9ZV E 3 .   ? 9.204   7.713   -6.521  1.00 11.89 ? 1304 9ZV A C17 1 
HETATM 838  C  C11 . 9ZV E 3 .   ? 9.983   2.359   -7.549  1.00 9.18  ? 1304 9ZV A C11 1 
HETATM 839  C  C9  . 9ZV E 3 .   ? 11.705  -1.522  -3.295  1.00 8.46  ? 1304 9ZV A C9  1 
HETATM 840  C  C8  . 9ZV E 3 .   ? 12.783  -2.079  -3.954  1.00 8.97  ? 1304 9ZV A C8  1 
HETATM 841  N  N1  . 9ZV E 3 .   ? 10.784  1.413   -7.027  1.00 9.04  ? 1304 9ZV A N1  1 
HETATM 842  O  O1  . 9ZV E 3 .   ? 8.921   0.440   0.272   1.00 7.99  ? 1304 9ZV A O1  1 
HETATM 843  O  O2  . 9ZV E 3 .   ? 10.233  2.892   -8.650  1.00 10.46 ? 1304 9ZV A O2  1 
HETATM 844  C  C1  . 9ZV E 3 .   ? 7.619   0.889   -1.709  1.00 7.76  ? 1304 9ZV A C1  1 
HETATM 845  C  C2  . 9ZV E 3 .   ? 7.896   1.415   -3.124  1.00 7.81  ? 1304 9ZV A C2  1 
HETATM 846  C  C3  . 9ZV E 3 .   ? 9.140   0.902   -3.773  1.00 7.99  ? 1304 9ZV A C3  1 
HETATM 847  C  C4  . 9ZV E 3 .   ? 10.941  -0.529  -3.908  1.00 8.22  ? 1304 9ZV A C4  1 
HETATM 848  C  C5  . 9ZV E 3 .   ? 11.275  -0.115  -5.209  1.00 8.65  ? 1304 9ZV A C5  1 
HETATM 849  C  C6  . 9ZV E 3 .   ? 12.345  -0.716  -5.880  1.00 9.02  ? 1304 9ZV A C6  1 
HETATM 850  C  C7  . 9ZV E 3 .   ? 13.099  -1.691  -5.243  1.00 8.92  ? 1304 9ZV A C7  1 
HETATM 851  C  C10 . 9ZV E 3 .   ? 10.464  0.932   -5.815  1.00 8.60  ? 1304 9ZV A C10 1 
HETATM 852  C  C12 . 9ZV E 3 .   ? 8.773   2.731   -6.785  1.00 9.34  ? 1304 9ZV A C12 1 
HETATM 853  C  C14 . 9ZV E 3 .   ? 8.288   5.128   -7.049  1.00 10.65 ? 1304 9ZV A C14 1 
HETATM 854  C  C19 . 9ZV E 3 .   ? 8.671   5.979   -8.088  1.00 11.99 ? 1304 9ZV A C19 1 
HETATM 855  C  C18 . 9ZV E 3 .   ? 9.123   7.267   -7.819  1.00 12.39 ? 1304 9ZV A C18 1 
HETATM 856  C  C16 . 9ZV E 3 .   ? 8.824   6.885   -5.483  1.00 11.96 ? 1304 9ZV A C16 1 
HETATM 857  C  C15 . 9ZV E 3 .   ? 8.373   5.598   -5.743  1.00 12.00 ? 1304 9ZV A C15 1 
HETATM 858  N  N3  . 9ZV E 3 .   ? 9.396   1.390   -5.051  1.00 8.22  ? 1304 9ZV A N3  1 
HETATM 859  C  C   . 9ZV E 3 .   ? 8.641   1.218   -0.654  1.00 8.31  ? 1304 9ZV A C   1 
HETATM 860  O  O   . 9ZV E 3 .   ? 9.219   2.389   -0.793  1.00 8.33  ? 1304 9ZV A O   1 
HETATM 861  N  N   . 9ZV E 3 .   ? 9.863   0.011   -3.186  1.00 8.17  ? 1304 9ZV A N   1 
HETATM 862  X  UNK . UNX F 4 .   ? -9.829  -6.958  -2.007  1.00 21.77 ? 1305 UNX A UNK 1 
HETATM 863  X  UNK . UNX G 4 .   ? 15.503  8.458   5.226   1.00 20.87 ? 1306 UNX A UNK 1 
HETATM 864  X  UNK . UNX H 4 .   ? 14.346  9.225   8.067   1.00 35.75 ? 1307 UNX A UNK 1 
HETATM 865  X  UNK . UNX I 4 .   ? -5.150  9.277   -7.052  1.00 18.40 ? 1308 UNX A UNK 1 
HETATM 866  X  UNK . UNX J 4 .   ? -8.940  -4.742  -1.250  1.00 21.19 ? 1309 UNX A UNK 1 
HETATM 867  X  UNK . UNX K 4 .   ? -2.046  -14.969 -2.013  1.00 26.64 ? 1310 UNX A UNK 1 
HETATM 868  X  UNK . UNX L 4 .   ? 0.079   -14.181 -1.459  1.00 16.29 ? 1311 UNX A UNK 1 
HETATM 869  X  UNK . UNX M 4 .   ? 7.292   0.918   17.887  1.00 25.97 ? 1312 UNX A UNK 1 
HETATM 870  C  C   . FMT N 5 .   ? 7.017   7.080   -1.444  1.00 12.13 ? 1313 FMT A C   1 
HETATM 871  O  O1  . FMT N 5 .   ? 5.967   7.621   -1.092  1.00 13.72 ? 1313 FMT A O1  1 
HETATM 872  O  O2  . FMT N 5 .   ? 7.653   6.319   -0.581  1.00 11.67 ? 1313 FMT A O2  1 
HETATM 873  C  C   . FMT O 5 .   ? 1.676   4.314   -11.283 1.00 15.20 ? 1314 FMT A C   1 
HETATM 874  O  O1  . FMT O 5 .   ? 0.822   3.859   -10.548 1.00 13.81 ? 1314 FMT A O1  1 
HETATM 875  O  O2  . FMT O 5 .   ? 1.804   3.895   -12.549 1.00 16.49 ? 1314 FMT A O2  1 
HETATM 876  C  C   . FMT P 5 .   ? -5.651  0.846   -11.053 1.00 9.34  ? 1315 FMT A C   1 
HETATM 877  O  O1  . FMT P 5 .   ? -5.258  1.838   -11.619 1.00 11.00 ? 1315 FMT A O1  1 
HETATM 878  O  O2  . FMT P 5 .   ? -4.859  0.233   -10.241 1.00 9.42  ? 1315 FMT A O2  1 
HETATM 879  CL CL  . CL  Q 6 .   ? -12.044 -3.894  11.275  1.00 29.36 ? 1316 CL  A CL  1 
HETATM 880  C  C   . ACT R 7 .   ? -6.096  -11.582 -9.535  1.00 23.91 ? 1317 ACT A C   1 
HETATM 881  O  O   . ACT R 7 .   ? -5.143  -12.301 -9.936  1.00 22.79 ? 1317 ACT A O   1 
HETATM 882  O  OXT . ACT R 7 .   ? -6.656  -10.723 -10.273 1.00 30.17 ? 1317 ACT A OXT 1 
HETATM 883  C  CH3 . ACT R 7 .   ? -6.585  -11.673 -8.127  1.00 26.68 ? 1317 ACT A CH3 1 
HETATM 884  C  C   . ACT S 7 .   ? 7.850   -4.254  10.240  1.00 24.52 ? 1318 ACT A C   1 
HETATM 885  O  O   . ACT S 7 .   ? 8.314   -4.254  11.363  1.00 29.51 ? 1318 ACT A O   1 
HETATM 886  O  OXT . ACT S 7 .   ? 8.170   -3.390  9.426   1.00 27.96 ? 1318 ACT A OXT 1 
HETATM 887  C  CH3 . ACT S 7 .   ? 6.891   -5.313  9.864   1.00 23.41 ? 1318 ACT A CH3 1 
HETATM 888  O  O   . HOH T 8 .   ? 11.966  -2.303  12.741  1.00 26.52 ? 1401 HOH A O   1 
HETATM 889  O  O   . HOH T 8 .   ? -13.504 -4.913  -3.421  1.00 29.32 ? 1402 HOH A O   1 
HETATM 890  O  O   . HOH T 8 .   ? 12.299  -0.155  14.427  1.00 51.62 ? 1403 HOH A O   1 
HETATM 891  O  O   . HOH T 8 .   ? 10.922  14.228  7.806   1.00 33.60 ? 1404 HOH A O   1 
HETATM 892  O  O   . HOH T 8 .   ? -11.624 15.298  -4.726  1.00 22.21 ? 1405 HOH A O   1 
HETATM 893  O  O   . HOH T 8 .   ? -14.251 1.525   -2.791  1.00 30.53 ? 1406 HOH A O   1 
HETATM 894  O  O   . HOH T 8 .   ? 5.620   -7.581  9.800   1.00 24.52 ? 1407 HOH A O   1 
HETATM 895  O  O   . HOH T 8 .   ? 9.512   11.340  9.442   1.00 31.77 ? 1408 HOH A O   1 
HETATM 896  O  O   . HOH T 8 .   ? -5.522  5.109   12.548  1.00 39.38 ? 1409 HOH A O   1 
HETATM 897  O  O   . HOH T 8 .   ? 1.566   -0.666  -19.172 1.00 21.84 ? 1410 HOH A O   1 
HETATM 898  O  O   . HOH T 8 .   ? 3.517   -7.619  11.001  1.00 33.54 ? 1411 HOH A O   1 
HETATM 899  O  O   . HOH T 8 .   ? -7.430  -0.439  8.565   1.00 24.14 ? 1412 HOH A O   1 
HETATM 900  O  O   . HOH T 8 .   ? 11.868  2.423   14.324  1.00 33.39 ? 1413 HOH A O   1 
HETATM 901  O  O   . HOH T 8 .   ? -14.934 -1.011  -0.032  1.00 32.44 ? 1414 HOH A O   1 
HETATM 902  O  O   . HOH T 8 .   ? -5.559  0.979   10.343  1.00 33.08 ? 1415 HOH A O   1 
HETATM 903  O  O   . HOH T 8 .   ? -6.644  -14.405 -3.206  1.00 20.03 ? 1416 HOH A O   1 
HETATM 904  O  O   . HOH T 8 .   ? 16.392  5.210   7.988   1.00 24.26 ? 1417 HOH A O   1 
HETATM 905  O  O   . HOH T 8 .   ? 3.708   5.077   -13.813 1.00 25.64 ? 1418 HOH A O   1 
HETATM 906  O  O   . HOH T 8 .   ? 9.571   6.952   1.029   1.00 6.83  ? 1419 HOH A O   1 
HETATM 907  O  O   . HOH T 8 .   ? 6.247   -11.929 10.053  1.00 32.14 ? 1420 HOH A O   1 
HETATM 908  O  O   . HOH T 8 .   ? -5.629  -5.436  -16.644 1.00 8.65  ? 1421 HOH A O   1 
HETATM 909  O  O   . HOH T 8 .   ? 2.708   7.311   -9.387  1.00 31.44 ? 1422 HOH A O   1 
HETATM 910  O  O   . HOH T 8 .   ? 9.208   4.582   -2.234  1.00 8.92  ? 1423 HOH A O   1 
HETATM 911  O  O   . HOH T 8 .   ? 3.795   6.910   0.208   1.00 9.35  ? 1424 HOH A O   1 
HETATM 912  O  O   . HOH T 8 .   ? -9.300  -9.649  -1.477  1.00 15.47 ? 1425 HOH A O   1 
HETATM 913  O  O   . HOH T 8 .   ? 0.169   7.913   6.698   1.00 8.40  ? 1426 HOH A O   1 
HETATM 914  O  O   . HOH T 8 .   ? 9.768   0.800   2.747   1.00 4.85  ? 1427 HOH A O   1 
HETATM 915  O  O   . HOH T 8 .   ? 4.641   6.022   -5.958  1.00 32.27 ? 1428 HOH A O   1 
HETATM 916  O  O   . HOH T 8 .   ? 12.848  -3.712  -7.483  1.00 34.92 ? 1429 HOH A O   1 
HETATM 917  O  O   . HOH T 8 .   ? 11.239  -10.328 -2.293  1.00 14.39 ? 1430 HOH A O   1 
HETATM 918  O  O   . HOH T 8 .   ? -4.761  -14.768 -10.911 1.00 27.75 ? 1431 HOH A O   1 
HETATM 919  O  O   . HOH T 8 .   ? 3.920   -14.256 2.296   1.00 13.99 ? 1432 HOH A O   1 
HETATM 920  O  O   . HOH T 8 .   ? -11.171 12.533  5.035   1.00 14.51 ? 1433 HOH A O   1 
HETATM 921  O  O   . HOH T 8 .   ? -9.274  -6.755  -4.615  1.00 15.18 ? 1434 HOH A O   1 
HETATM 922  O  O   . HOH T 8 .   ? -10.219 6.339   8.794   1.00 22.82 ? 1435 HOH A O   1 
HETATM 923  O  O   . HOH T 8 .   ? -3.985  9.022   12.247  1.00 18.46 ? 1436 HOH A O   1 
HETATM 924  O  O   . HOH T 8 .   ? 0.260   13.519  -0.560  1.00 22.77 ? 1437 HOH A O   1 
HETATM 925  O  O   . HOH T 8 .   ? 11.571  -7.181  10.520  1.00 16.98 ? 1438 HOH A O   1 
HETATM 926  O  O   . HOH T 8 .   ? -8.636  15.746  3.098   1.00 7.28  ? 1439 HOH A O   1 
HETATM 927  O  O   . HOH T 8 .   ? -12.106 16.472  -2.116  1.00 27.04 ? 1440 HOH A O   1 
HETATM 928  O  O   . HOH T 8 .   ? 8.707   -7.526  -13.802 1.00 28.66 ? 1441 HOH A O   1 
HETATM 929  O  O   . HOH T 8 .   ? 10.799  6.748   15.546  1.00 29.71 ? 1442 HOH A O   1 
HETATM 930  O  O   . HOH T 8 .   ? 13.900  -0.157  12.097  1.00 27.05 ? 1443 HOH A O   1 
HETATM 931  O  O   . HOH T 8 .   ? 10.809  3.902   -4.430  1.00 12.80 ? 1444 HOH A O   1 
HETATM 932  O  O   . HOH T 8 .   ? -0.502  1.751   -9.362  1.00 4.71  ? 1445 HOH A O   1 
HETATM 933  O  O   . HOH T 8 .   ? -13.983 -4.411  2.823   1.00 33.37 ? 1446 HOH A O   1 
HETATM 934  O  O   . HOH T 8 .   ? 12.795  -6.568  2.291   1.00 13.70 ? 1447 HOH A O   1 
HETATM 935  O  O   . HOH T 8 .   ? -3.255  4.792   -9.466  1.00 9.33  ? 1448 HOH A O   1 
HETATM 936  O  O   . HOH T 8 .   ? -9.133  -3.174  -3.841  1.00 8.94  ? 1449 HOH A O   1 
HETATM 937  O  O   . HOH T 8 .   ? 9.439   3.501   -11.198 1.00 21.37 ? 1450 HOH A O   1 
HETATM 938  O  O   . HOH T 8 .   ? -15.062 9.966   -4.457  1.00 13.15 ? 1451 HOH A O   1 
HETATM 939  O  O   . HOH T 8 .   ? -2.456  -12.447 -9.395  1.00 6.86  ? 1452 HOH A O   1 
HETATM 940  O  O   . HOH T 8 .   ? 9.153   -13.449 5.345   1.00 9.56  ? 1453 HOH A O   1 
HETATM 941  O  O   . HOH T 8 .   ? 3.734   10.629  14.829  1.00 9.64  ? 1454 HOH A O   1 
HETATM 942  O  O   . HOH T 8 .   ? 0.185   11.419  7.670   1.00 10.19 ? 1455 HOH A O   1 
HETATM 943  O  O   . HOH T 8 .   ? -1.015  11.199  5.132   1.00 10.12 ? 1456 HOH A O   1 
HETATM 944  O  O   . HOH T 8 .   ? 14.001  -1.655  4.568   1.00 11.11 ? 1457 HOH A O   1 
HETATM 945  O  O   . HOH T 8 .   ? -11.404 -3.208  -6.685  1.00 10.88 ? 1458 HOH A O   1 
HETATM 946  O  O   . HOH T 8 .   ? -4.776  2.818   7.323   1.00 9.11  ? 1459 HOH A O   1 
HETATM 947  O  O   . HOH T 8 .   ? 6.315   13.491  2.413   1.00 13.94 ? 1460 HOH A O   1 
HETATM 948  O  O   . HOH T 8 .   ? 4.798   -14.946 6.166   1.00 15.79 ? 1461 HOH A O   1 
HETATM 949  O  O   . HOH T 8 .   ? 6.450   7.432   -10.531 1.00 24.40 ? 1462 HOH A O   1 
HETATM 950  O  O   . HOH T 8 .   ? -6.905  -10.478 -4.504  1.00 21.37 ? 1463 HOH A O   1 
HETATM 951  O  O   . HOH T 8 .   ? 0.476   1.979   12.318  1.00 10.09 ? 1464 HOH A O   1 
HETATM 952  O  O   . HOH T 8 .   ? -14.670 6.020   2.045   1.00 19.07 ? 1465 HOH A O   1 
HETATM 953  O  O   . HOH T 8 .   ? -2.691  -6.877  10.458  1.00 12.95 ? 1466 HOH A O   1 
HETATM 954  O  O   A HOH T 8 .   ? 6.581   -14.753 -6.483  0.50 1.78  ? 1467 HOH A O   1 
HETATM 955  O  O   B HOH T 8 .   ? 8.407   -14.641 -7.037  0.50 10.96 ? 1467 HOH A O   1 
HETATM 956  O  O   . HOH T 8 .   ? 11.824  -8.595  -6.956  1.00 41.00 ? 1468 HOH A O   1 
HETATM 957  O  O   . HOH T 8 .   ? -17.514 -0.624  9.259   1.00 15.17 ? 1469 HOH A O   1 
HETATM 958  O  O   . HOH T 8 .   ? 0.418   -7.432  -0.428  1.00 5.31  ? 1470 HOH A O   1 
HETATM 959  O  O   . HOH T 8 .   ? -7.158  11.826  5.813   1.00 12.06 ? 1471 HOH A O   1 
HETATM 960  O  O   . HOH T 8 .   ? -7.070  -9.631  -15.276 1.00 9.88  ? 1472 HOH A O   1 
HETATM 961  O  O   . HOH T 8 .   ? -14.824 3.861   -2.783  1.00 19.74 ? 1473 HOH A O   1 
HETATM 962  O  O   . HOH T 8 .   ? 1.466   -2.344  12.853  1.00 28.86 ? 1474 HOH A O   1 
HETATM 963  O  O   . HOH T 8 .   ? -1.124  6.007   -10.033 1.00 30.57 ? 1475 HOH A O   1 
HETATM 964  O  O   . HOH T 8 .   ? 14.906  2.775   3.763   1.00 16.81 ? 1476 HOH A O   1 
HETATM 965  O  O   . HOH T 8 .   ? -3.265  -0.864  10.568  1.00 18.00 ? 1477 HOH A O   1 
HETATM 966  O  O   . HOH T 8 .   ? -5.017  0.139   7.616   1.00 10.26 ? 1478 HOH A O   1 
HETATM 967  O  O   . HOH T 8 .   ? 16.148  6.106   3.116   1.00 19.02 ? 1479 HOH A O   1 
HETATM 968  O  O   . HOH T 8 .   ? 15.389  -3.879  7.988   1.00 25.72 ? 1480 HOH A O   1 
HETATM 969  O  O   . HOH T 8 .   ? 1.587   -15.031 -5.955  1.00 10.82 ? 1481 HOH A O   1 
HETATM 970  O  O   . HOH T 8 .   ? 7.394   -3.653  -15.837 1.00 24.40 ? 1482 HOH A O   1 
HETATM 971  O  O   . HOH T 8 .   ? -1.485  -15.160 -9.619  1.00 27.18 ? 1483 HOH A O   1 
HETATM 972  O  O   . HOH T 8 .   ? 11.049  -9.121  -11.133 1.00 22.83 ? 1484 HOH A O   1 
HETATM 973  O  O   . HOH T 8 .   ? -12.618 -5.119  0.710   1.00 27.45 ? 1485 HOH A O   1 
HETATM 974  O  O   . HOH T 8 .   ? 4.671   -5.758  2.065   1.00 20.37 ? 1486 HOH A O   1 
HETATM 975  O  O   . HOH T 8 .   ? -12.359 6.086   3.195   1.00 14.75 ? 1487 HOH A O   1 
HETATM 976  O  O   . HOH T 8 .   ? 6.692   12.211  10.770  1.00 13.81 ? 1488 HOH A O   1 
HETATM 977  O  O   . HOH T 8 .   ? 3.991   12.314  3.551   1.00 17.42 ? 1489 HOH A O   1 
HETATM 978  O  O   . HOH T 8 .   ? 7.994   9.540   14.784  1.00 28.01 ? 1490 HOH A O   1 
HETATM 979  O  O   . HOH T 8 .   ? 4.853   7.433   -3.786  1.00 16.74 ? 1491 HOH A O   1 
HETATM 980  O  O   . HOH T 8 .   ? -7.313  10.411  7.912   1.00 25.97 ? 1492 HOH A O   1 
HETATM 981  O  O   . HOH T 8 .   ? 15.430  -0.832  -2.083  1.00 15.91 ? 1493 HOH A O   1 
HETATM 982  O  O   . HOH T 8 .   ? -11.927 4.252   5.220   1.00 16.08 ? 1494 HOH A O   1 
HETATM 983  O  O   . HOH T 8 .   ? 11.376  -10.968 -7.447  1.00 28.19 ? 1495 HOH A O   1 
HETATM 984  O  O   . HOH T 8 .   ? -12.621 8.490   4.925   1.00 30.55 ? 1496 HOH A O   1 
HETATM 985  O  O   . HOH T 8 .   ? 10.664  -3.985  -5.904  1.00 11.47 ? 1497 HOH A O   1 
HETATM 986  O  O   . HOH T 8 .   ? -13.178 -6.240  8.944   1.00 14.06 ? 1498 HOH A O   1 
HETATM 987  O  O   . HOH T 8 .   ? 2.105   9.118   5.133   1.00 8.41  ? 1499 HOH A O   1 
HETATM 988  O  O   . HOH T 8 .   ? -7.804  -4.683  -14.828 1.00 9.37  ? 1500 HOH A O   1 
HETATM 989  O  O   . HOH T 8 .   ? -4.839  -4.302  10.041  1.00 21.61 ? 1501 HOH A O   1 
HETATM 990  O  O   . HOH T 8 .   ? 6.441   0.156   -13.315 1.00 8.71  ? 1502 HOH A O   1 
HETATM 991  O  O   . HOH T 8 .   ? -6.147  13.450  -6.989  1.00 33.78 ? 1503 HOH A O   1 
HETATM 992  O  O   . HOH T 8 .   ? 0.458   -0.616  11.408  1.00 11.23 ? 1504 HOH A O   1 
HETATM 993  O  O   . HOH T 8 .   ? 4.948   -3.004  14.179  1.00 34.69 ? 1505 HOH A O   1 
HETATM 994  O  O   . HOH T 8 .   ? 12.165  8.845   11.792  1.00 25.53 ? 1506 HOH A O   1 
HETATM 995  O  O   . HOH T 8 .   ? 6.116   2.475   -14.678 1.00 39.79 ? 1507 HOH A O   1 
HETATM 996  O  O   . HOH T 8 .   ? -13.917 -6.579  6.181   1.00 17.82 ? 1508 HOH A O   1 
HETATM 997  O  O   . HOH T 8 .   ? 0.550   11.154  2.608   1.00 16.04 ? 1509 HOH A O   1 
HETATM 998  O  O   . HOH T 8 .   ? -9.972  -5.570  -15.927 1.00 19.40 ? 1510 HOH A O   1 
HETATM 999  O  O   . HOH T 8 .   ? 2.125   9.119   2.631   1.00 21.22 ? 1511 HOH A O   1 
HETATM 1000 O  O   . HOH T 8 .   ? -3.249  10.611  -5.910  1.00 34.84 ? 1512 HOH A O   1 
HETATM 1001 O  O   . HOH T 8 .   ? -6.799  -11.814 -13.460 1.00 19.26 ? 1513 HOH A O   1 
HETATM 1002 O  O   . HOH T 8 .   ? 5.652   9.058   -5.812  1.00 34.95 ? 1514 HOH A O   1 
HETATM 1003 O  O   . HOH T 8 .   ? 16.347  4.040   5.523   1.00 32.54 ? 1515 HOH A O   1 
HETATM 1004 O  O   . HOH T 8 .   ? -8.925  14.582  -5.893  1.00 29.74 ? 1516 HOH A O   1 
HETATM 1005 O  O   . HOH T 8 .   ? 0.696   -12.520 0.737   1.00 31.14 ? 1517 HOH A O   1 
HETATM 1006 O  O   . HOH T 8 .   ? 8.973   -12.378 -8.867  1.00 21.26 ? 1518 HOH A O   1 
HETATM 1007 O  O   . HOH T 8 .   ? 13.322  3.774   12.482  1.00 23.87 ? 1519 HOH A O   1 
HETATM 1008 O  O   . HOH T 8 .   ? 1.286   -14.113 2.688   1.00 20.31 ? 1520 HOH A O   1 
HETATM 1009 O  O   . HOH T 8 .   ? 1.002   -13.279 -3.964  1.00 20.84 ? 1521 HOH A O   1 
HETATM 1010 O  O   . HOH T 8 .   ? -7.839  11.883  10.207  1.00 22.29 ? 1522 HOH A O   1 
HETATM 1011 O  O   . HOH T 8 .   ? -8.025  -12.777 -4.136  1.00 35.41 ? 1523 HOH A O   1 
HETATM 1012 O  O   . HOH T 8 .   ? -12.533 5.476   7.670   1.00 30.75 ? 1524 HOH A O   1 
HETATM 1013 O  O   . HOH T 8 .   ? -1.636  -1.701  12.593  1.00 35.30 ? 1525 HOH A O   1 
HETATM 1014 O  O   . HOH T 8 .   ? 14.477  -4.280  5.438   1.00 23.43 ? 1526 HOH A O   1 
HETATM 1015 O  O   . HOH T 8 .   ? -11.916 -5.637  -5.375  1.00 25.33 ? 1527 HOH A O   1 
HETATM 1016 O  O   . HOH T 8 .   ? 7.334   11.785  13.386  1.00 27.03 ? 1528 HOH A O   1 
HETATM 1017 O  O   . HOH T 8 .   ? 12.895  -9.032  0.980   1.00 21.91 ? 1529 HOH A O   1 
HETATM 1018 O  O   . HOH T 8 .   ? -3.423  -3.175  11.696  1.00 37.62 ? 1530 HOH A O   1 
HETATM 1019 O  O   . HOH T 8 .   ? 7.348   -11.501 -10.833 1.00 10.12 ? 1531 HOH A O   1 
HETATM 1020 O  O   . HOH T 8 .   ? -10.424 15.208  5.198   1.00 11.80 ? 1532 HOH A O   1 
HETATM 1021 O  O   . HOH T 8 .   ? 0.473   2.625   14.906  1.00 25.49 ? 1533 HOH A O   1 
HETATM 1022 O  O   . HOH T 8 .   ? -5.777  11.148  13.696  1.00 29.15 ? 1534 HOH A O   1 
HETATM 1023 O  O   . HOH T 8 .   ? -14.069 2.543   4.935   1.00 19.54 ? 1535 HOH A O   1 
HETATM 1024 O  O   . HOH T 8 .   ? 3.602   -12.034 8.897   1.00 32.88 ? 1536 HOH A O   1 
HETATM 1025 O  O   . HOH T 8 .   ? -9.039  -9.226  -5.404  1.00 21.87 ? 1537 HOH A O   1 
HETATM 1026 O  O   . HOH T 8 .   ? 6.253   4.743   -14.452 1.00 31.55 ? 1538 HOH A O   1 
HETATM 1027 O  O   . HOH T 8 .   ? -3.101  8.706   14.451  1.00 23.03 ? 1539 HOH A O   1 
HETATM 1028 O  O   . HOH T 8 .   ? -6.907  15.703  -6.103  1.00 34.20 ? 1540 HOH A O   1 
HETATM 1029 O  O   . HOH T 8 .   ? 9.137   -10.609 -12.832 1.00 27.75 ? 1541 HOH A O   1 
HETATM 1030 O  O   . HOH T 8 .   ? -7.440  13.175  -9.766  1.00 20.78 ? 1542 HOH A O   1 
HETATM 1031 O  O   . HOH T 8 .   ? -13.409 -7.518  0.048   1.00 31.43 ? 1543 HOH A O   1 
HETATM 1032 O  O   . HOH T 8 .   ? 15.424  0.151   2.890   1.00 18.23 ? 1544 HOH A O   1 
HETATM 1033 O  O   . HOH T 8 .   ? -15.700 3.685   3.175   1.00 30.32 ? 1545 HOH A O   1 
HETATM 1034 O  O   . HOH T 8 .   ? -7.214  -4.813  10.810  1.00 33.69 ? 1546 HOH A O   1 
HETATM 1035 O  O   . HOH T 8 .   ? 15.069  -5.771  0.822   1.00 28.63 ? 1547 HOH A O   1 
HETATM 1036 O  O   . HOH T 8 .   ? 15.279  -3.792  -1.912  1.00 23.77 ? 1548 HOH A O   1 
# 
